data_2VR0
#
_entry.id   2VR0
#
_cell.length_a   80.102
_cell.length_b   189.115
_cell.length_c   263.460
_cell.angle_alpha   90.00
_cell.angle_beta   90.00
_cell.angle_gamma   90.00
#
_symmetry.space_group_name_H-M   'P 21 21 21'
#
loop_
_entity.id
_entity.type
_entity.pdbx_description
1 polymer 'CYTOCHROME C NITRITE REDUCTASE, CATALYTIC SUBUNIT NFRA'
2 polymer 'NAPC/NIRT CYTOCHROME C FAMILY PROTEIN'
3 non-polymer 'HEME C'
4 non-polymer 'CALCIUM ION'
5 non-polymer '2-HEPTYL-4-HYDROXY QUINOLINE N-OXIDE'
6 water water
#
loop_
_entity_poly.entity_id
_entity_poly.type
_entity_poly.pdbx_seq_one_letter_code
_entity_poly.pdbx_strand_id
1 'polypeptide(L)'
;MNNQKTFKGLRLAALGLVAVAAFTAGCSDVSTELKTPVYKTKLTAEEIRNSAFKPEFPKQYASYERNDETTVMTEYKGSV
PFNKNDNVNPLPEGYRHAQPYLKNLWLGYPFMYEYREARGHTYAIQDFLHIDRINRYAEKGGLPATCWNCKTPKMMEWVK
ESGDGFWAKDVNEFRDKIDMKDHTIGCATCHDPQTMELRITSVPLTDYLVSQGKDPKKLPRNEMRALVCGQCHVEYYFNG
PTMGVNKKPVFPWAEGFDPADMYRYYDKHGDLQVKGFEGKFADWTHPASKTPMIKAQHPEYETWINGTHGAAGVTCADCH
MSYTRSDDKKKISSHWWTSPMKDPEMRACRQCHSDKTPDYLKSRVLFTQKRTFDLLLAAQEVSVKAHEAVRLANEYQGAK
AAGYDDLMIQAREMVRKGQFFWDYVSAENSVGFHNPAKALDTLAQSQQFSQKAIDLAMEATQYGIGKDLSGDIKTIVPPI
LKMNRKLQQDPEFMKTHKWFQYLPVLPKADQVWDGQKRLVSAKQ
;
A,B,D,E
2 'polypeptide(L)'
;MSEEKSRNGPARLKLVLGGATLGVVALATVAFGMKYTDQRPFCTSCHIMNPVGVTHKLSGHANISCNDCHAPHNLLAKLP
FKAIAGARDVYMNTLGHPGDLILAGMETKEVVNANCKACHTMTNVEVASMEAKKYCTDCHRNVQHMRMKPISTREVADE
;
C,F
#
# COMPACT_ATOMS: atom_id res chain seq x y z
N GLY A 26 18.81 0.81 43.09
CA GLY A 26 18.60 -0.58 42.58
C GLY A 26 19.16 -0.87 41.19
N CYS A 27 19.23 -2.16 40.82
CA CYS A 27 19.77 -2.59 39.51
C CYS A 27 19.06 -2.01 38.29
N SER A 28 19.66 -2.21 37.12
CA SER A 28 19.02 -1.87 35.84
C SER A 28 18.03 -3.00 35.50
N ASP A 29 17.04 -2.73 34.63
CA ASP A 29 16.26 -3.83 34.02
C ASP A 29 16.63 -4.06 32.54
N VAL A 30 17.58 -3.26 32.02
CA VAL A 30 18.06 -3.32 30.62
C VAL A 30 19.01 -4.51 30.40
N SER A 31 18.49 -5.71 30.63
CA SER A 31 19.25 -6.95 30.52
C SER A 31 19.59 -7.41 29.08
N THR A 32 18.99 -6.81 28.05
CA THR A 32 19.42 -7.09 26.68
C THR A 32 20.02 -5.79 26.17
N GLU A 33 21.32 -5.78 25.85
CA GLU A 33 21.98 -4.54 25.43
C GLU A 33 22.07 -4.52 23.93
N LEU A 34 21.85 -3.33 23.35
CA LEU A 34 21.83 -3.18 21.89
C LEU A 34 23.24 -3.36 21.37
N LYS A 35 23.40 -4.31 20.44
CA LYS A 35 24.68 -4.62 19.83
C LYS A 35 24.51 -4.72 18.33
N THR A 36 25.55 -4.36 17.57
CA THR A 36 25.51 -4.51 16.13
C THR A 36 25.63 -6.00 15.83
N PRO A 37 24.66 -6.55 15.05
CA PRO A 37 24.65 -7.96 14.68
C PRO A 37 25.91 -8.37 13.96
N VAL A 38 26.44 -9.52 14.37
CA VAL A 38 27.59 -10.15 13.74
C VAL A 38 27.08 -11.50 13.25
N TYR A 39 27.34 -11.81 11.97
CA TYR A 39 26.83 -13.06 11.39
C TYR A 39 27.94 -14.05 11.03
N LYS A 40 27.67 -15.35 11.19
CA LYS A 40 28.54 -16.40 10.66
C LYS A 40 27.72 -17.54 10.03
N THR A 41 27.66 -17.55 8.70
CA THR A 41 26.88 -18.57 7.98
C THR A 41 27.62 -19.86 7.71
N LYS A 42 26.83 -20.87 7.33
CA LYS A 42 27.29 -22.22 6.97
C LYS A 42 27.75 -22.26 5.51
N LEU A 43 27.69 -21.11 4.83
CA LEU A 43 27.90 -21.08 3.39
C LEU A 43 29.36 -20.93 3.01
N THR A 44 29.73 -21.53 1.87
CA THR A 44 31.11 -21.49 1.37
C THR A 44 31.42 -20.10 0.83
N ALA A 45 32.70 -19.73 0.77
CA ALA A 45 33.11 -18.35 0.40
C ALA A 45 32.67 -17.84 -0.99
N GLU A 46 32.34 -18.74 -1.91
CA GLU A 46 32.00 -18.33 -3.28
C GLU A 46 30.54 -18.59 -3.68
N GLU A 47 29.74 -19.02 -2.70
CA GLU A 47 28.31 -19.23 -2.87
C GLU A 47 27.62 -18.04 -3.56
N ILE A 48 26.83 -18.35 -4.59
CA ILE A 48 26.10 -17.34 -5.36
C ILE A 48 24.61 -17.65 -5.48
N ARG A 49 24.24 -18.89 -5.16
CA ARG A 49 22.86 -19.37 -5.32
C ARG A 49 21.93 -18.72 -4.30
N ASN A 50 20.91 -18.03 -4.77
CA ASN A 50 19.96 -17.40 -3.85
C ASN A 50 19.39 -18.39 -2.84
N SER A 51 18.94 -19.55 -3.31
CA SER A 51 18.29 -20.56 -2.45
C SER A 51 19.16 -21.09 -1.32
N ALA A 52 20.46 -20.85 -1.37
CA ALA A 52 21.32 -21.28 -0.27
C ALA A 52 21.25 -20.29 0.91
N PHE A 53 20.77 -19.09 0.63
CA PHE A 53 20.65 -18.02 1.63
C PHE A 53 19.35 -18.12 2.42
N LYS A 54 18.38 -18.81 1.82
CA LYS A 54 17.04 -18.93 2.38
C LYS A 54 16.99 -19.55 3.79
N PRO A 55 17.69 -20.68 4.01
CA PRO A 55 17.57 -21.30 5.32
C PRO A 55 18.08 -20.47 6.51
N GLU A 56 19.14 -19.68 6.34
CA GLU A 56 19.72 -18.94 7.46
C GLU A 56 19.07 -17.56 7.70
N PHE A 57 18.40 -17.04 6.68
CA PHE A 57 17.79 -15.72 6.71
C PHE A 57 16.41 -15.71 6.05
N PRO A 58 15.43 -16.44 6.64
CA PRO A 58 14.11 -16.62 6.01
C PRO A 58 13.26 -15.36 5.99
N LYS A 59 13.58 -14.42 6.88
CA LYS A 59 12.85 -13.16 7.01
C LYS A 59 13.23 -12.21 5.89
N GLN A 60 14.52 -11.98 5.71
CA GLN A 60 14.99 -11.11 4.63
C GLN A 60 14.61 -11.74 3.33
N TYR A 61 14.65 -13.08 3.28
CA TYR A 61 14.29 -13.79 2.04
C TYR A 61 12.82 -13.57 1.65
N ALA A 62 11.90 -13.82 2.58
CA ALA A 62 10.48 -13.59 2.36
C ALA A 62 10.23 -12.17 1.86
N SER A 63 11.00 -11.21 2.38
CA SER A 63 10.92 -9.80 1.95
C SER A 63 11.47 -9.64 0.53
N TYR A 64 12.54 -10.36 0.20
CA TYR A 64 13.16 -10.34 -1.13
C TYR A 64 12.18 -10.88 -2.16
N GLU A 65 11.39 -11.89 -1.76
CA GLU A 65 10.40 -12.50 -2.63
C GLU A 65 9.25 -11.57 -2.98
N ARG A 66 9.09 -10.49 -2.23
CA ARG A 66 8.01 -9.55 -2.53
C ARG A 66 8.24 -8.88 -3.89
N ASN A 67 9.47 -8.90 -4.38
CA ASN A 67 9.78 -8.36 -5.70
C ASN A 67 9.12 -9.09 -6.90
N ASP A 68 8.54 -10.25 -6.63
CA ASP A 68 7.76 -10.99 -7.63
C ASP A 68 6.40 -10.34 -7.98
N GLU A 69 5.94 -9.41 -7.14
CA GLU A 69 4.73 -8.65 -7.42
C GLU A 69 4.91 -7.78 -8.67
N THR A 70 3.97 -7.93 -9.61
CA THR A 70 4.10 -7.30 -10.92
C THR A 70 2.73 -6.75 -11.43
N THR A 71 1.85 -6.33 -10.53
CA THR A 71 0.53 -5.82 -10.95
C THR A 71 0.20 -4.39 -10.45
N VAL A 72 1.04 -3.85 -9.57
CA VAL A 72 0.77 -2.54 -8.97
C VAL A 72 1.52 -1.39 -9.67
N MET A 73 0.75 -0.40 -10.14
CA MET A 73 1.28 0.87 -10.67
C MET A 73 1.05 1.99 -9.63
N THR A 74 2.07 2.79 -9.39
CA THR A 74 1.87 4.08 -8.75
C THR A 74 1.39 5.00 -9.87
N GLU A 75 1.66 6.31 -9.76
CA GLU A 75 1.24 7.27 -10.77
C GLU A 75 2.10 7.25 -12.06
N TYR A 76 3.41 7.44 -11.91
CA TYR A 76 4.32 7.42 -13.05
C TYR A 76 5.12 6.13 -13.11
N LYS A 77 5.12 5.38 -12.01
CA LYS A 77 5.94 4.17 -11.91
C LYS A 77 5.13 2.92 -11.51
N GLY A 78 5.81 1.87 -11.06
CA GLY A 78 5.15 0.59 -10.82
C GLY A 78 5.87 -0.61 -11.42
N SER A 79 5.34 -1.79 -11.18
CA SER A 79 6.03 -3.02 -11.57
C SER A 79 5.28 -3.79 -12.67
N VAL A 80 4.50 -3.07 -13.46
CA VAL A 80 4.04 -3.62 -14.74
C VAL A 80 5.04 -3.22 -15.83
N PRO A 81 5.71 -4.22 -16.44
CA PRO A 81 6.71 -3.99 -17.49
C PRO A 81 6.04 -3.66 -18.83
N PHE A 82 5.32 -2.53 -18.87
CA PHE A 82 4.73 -2.03 -20.09
C PHE A 82 5.78 -1.41 -21.01
N ASN A 83 5.46 -1.27 -22.29
CA ASN A 83 6.32 -0.58 -23.27
C ASN A 83 6.38 0.96 -23.07
N LYS A 84 7.55 1.49 -22.71
CA LYS A 84 7.64 2.91 -22.36
C LYS A 84 7.31 3.92 -23.48
N ASN A 85 7.18 3.43 -24.71
CA ASN A 85 6.85 4.27 -25.89
C ASN A 85 5.38 4.20 -26.24
N ASP A 86 4.64 3.44 -25.45
CA ASP A 86 3.25 3.10 -25.78
C ASP A 86 2.27 3.87 -24.88
N ASN A 87 1.70 4.94 -25.41
CA ASN A 87 0.62 5.66 -24.74
C ASN A 87 -0.72 5.39 -25.42
N VAL A 88 -0.81 4.25 -26.12
CA VAL A 88 -1.98 3.95 -26.95
C VAL A 88 -2.81 2.76 -26.38
N ASN A 89 -2.18 1.59 -26.28
CA ASN A 89 -2.83 0.40 -25.74
C ASN A 89 -2.89 0.39 -24.21
N PRO A 90 -3.91 -0.28 -23.63
CA PRO A 90 -4.00 -0.30 -22.16
C PRO A 90 -2.91 -1.18 -21.49
N LEU A 91 -2.89 -1.24 -20.15
CA LEU A 91 -2.04 -2.21 -19.44
C LEU A 91 -2.49 -3.64 -19.79
N PRO A 92 -1.53 -4.59 -19.89
CA PRO A 92 -0.09 -4.49 -19.63
C PRO A 92 0.80 -4.12 -20.84
N GLU A 93 0.18 -3.75 -21.97
CA GLU A 93 0.96 -3.38 -23.16
C GLU A 93 1.53 -1.94 -23.13
N GLY A 94 0.68 -0.97 -22.83
CA GLY A 94 1.05 0.45 -22.71
C GLY A 94 0.41 1.07 -21.48
N TYR A 95 0.54 2.39 -21.34
CA TYR A 95 0.12 3.13 -20.14
C TYR A 95 -0.17 4.62 -20.45
N ARG A 96 -0.93 5.31 -19.60
CA ARG A 96 -1.30 6.73 -19.85
C ARG A 96 -0.11 7.67 -19.82
N HIS A 97 0.94 7.32 -19.09
CA HIS A 97 2.20 8.09 -19.09
C HIS A 97 3.29 7.32 -19.83
N ALA A 98 3.49 7.68 -21.09
CA ALA A 98 4.51 7.05 -21.91
C ALA A 98 5.11 8.10 -22.83
N GLN A 99 6.21 7.74 -23.50
CA GLN A 99 6.96 8.66 -24.35
C GLN A 99 6.85 8.14 -25.78
N PRO A 100 5.96 8.74 -26.58
CA PRO A 100 5.55 8.11 -27.84
C PRO A 100 6.68 8.12 -28.88
N TYR A 101 7.68 8.96 -28.62
CA TYR A 101 8.73 9.25 -29.60
C TYR A 101 10.02 8.47 -29.43
N LEU A 102 10.04 7.54 -28.47
CA LEU A 102 11.29 6.84 -28.12
C LEU A 102 11.91 6.13 -29.31
N LYS A 103 11.11 5.31 -29.99
CA LYS A 103 11.58 4.57 -31.13
C LYS A 103 12.16 5.46 -32.24
N ASN A 104 11.52 6.58 -32.60
CA ASN A 104 12.09 7.51 -33.59
C ASN A 104 13.47 7.98 -33.14
N LEU A 105 13.56 8.31 -31.86
CA LEU A 105 14.74 8.90 -31.28
C LEU A 105 15.89 7.90 -31.16
N TRP A 106 15.55 6.61 -31.08
CA TRP A 106 16.56 5.55 -31.00
C TRP A 106 16.64 4.70 -32.25
N LEU A 107 16.36 5.33 -33.38
CA LEU A 107 16.41 4.70 -34.68
C LEU A 107 17.78 4.09 -34.92
N GLY A 108 17.77 2.84 -35.36
CA GLY A 108 18.98 2.11 -35.75
C GLY A 108 19.83 1.65 -34.57
N TYR A 109 19.34 1.89 -33.36
CA TYR A 109 20.00 1.45 -32.13
C TYR A 109 19.08 0.43 -31.45
N PRO A 110 19.64 -0.69 -30.90
CA PRO A 110 18.88 -1.79 -30.24
C PRO A 110 17.71 -1.41 -29.33
N PHE A 111 17.70 -0.20 -28.78
CA PHE A 111 16.56 0.19 -27.96
C PHE A 111 15.29 0.42 -28.75
N MET A 112 15.37 0.45 -30.07
CA MET A 112 14.17 0.72 -30.87
C MET A 112 13.33 -0.53 -31.04
N TYR A 113 13.87 -1.65 -30.59
CA TYR A 113 13.16 -2.94 -30.70
C TYR A 113 12.23 -3.20 -29.51
N GLU A 114 12.75 -2.99 -28.30
CA GLU A 114 11.98 -3.15 -27.07
C GLU A 114 12.64 -2.36 -25.94
N TYR A 115 11.83 -1.70 -25.15
CA TYR A 115 12.27 -0.99 -23.98
C TYR A 115 11.09 -0.88 -23.03
N ARG A 116 11.11 -1.64 -21.95
CA ARG A 116 10.01 -1.62 -20.99
C ARG A 116 10.33 -1.13 -19.56
N GLU A 117 9.26 -0.75 -18.85
CA GLU A 117 9.30 -0.35 -17.45
C GLU A 117 10.08 -1.38 -16.62
N ALA A 118 11.01 -0.87 -15.83
CA ALA A 118 11.84 -1.69 -14.97
C ALA A 118 11.01 -2.32 -13.84
N ARG A 119 11.28 -3.59 -13.54
CA ARG A 119 10.52 -4.29 -12.52
C ARG A 119 11.41 -5.05 -11.55
N GLY A 120 10.78 -5.81 -10.64
CA GLY A 120 11.45 -6.42 -9.48
C GLY A 120 12.74 -7.13 -9.80
N HIS A 121 13.70 -7.06 -8.90
CA HIS A 121 15.03 -7.64 -9.14
C HIS A 121 14.96 -9.10 -9.54
N THR A 122 14.00 -9.82 -8.97
CA THR A 122 13.85 -11.25 -9.18
C THR A 122 13.47 -11.62 -10.62
N TYR A 123 13.19 -10.60 -11.43
CA TYR A 123 12.87 -10.79 -12.86
C TYR A 123 14.04 -10.51 -13.81
N ALA A 124 15.15 -10.09 -13.26
CA ALA A 124 16.26 -9.58 -14.06
C ALA A 124 16.63 -10.48 -15.24
N ILE A 125 16.86 -11.76 -14.96
CA ILE A 125 17.29 -12.66 -16.00
C ILE A 125 16.13 -13.06 -16.93
N GLN A 126 14.93 -13.21 -16.36
CA GLN A 126 13.77 -13.55 -17.15
C GLN A 126 13.55 -12.53 -18.25
N ASP A 127 13.65 -11.26 -17.88
CA ASP A 127 13.45 -10.14 -18.81
C ASP A 127 14.63 -9.93 -19.77
N PHE A 128 15.83 -10.14 -19.24
CA PHE A 128 17.04 -10.10 -20.02
C PHE A 128 16.91 -11.07 -21.19
N LEU A 129 16.38 -12.26 -20.91
CA LEU A 129 16.27 -13.30 -21.93
C LEU A 129 14.98 -13.25 -22.75
N HIS A 130 14.13 -12.28 -22.48
CA HIS A 130 12.92 -12.08 -23.28
C HIS A 130 12.97 -10.84 -24.15
N ILE A 131 13.94 -9.97 -23.87
CA ILE A 131 14.10 -8.71 -24.58
C ILE A 131 14.53 -8.91 -26.04
N ASP A 132 13.94 -8.14 -26.94
CA ASP A 132 14.29 -8.23 -28.36
C ASP A 132 15.58 -7.48 -28.69
N ARG A 133 16.12 -6.73 -27.73
CA ARG A 133 17.33 -5.95 -27.97
C ARG A 133 18.50 -6.85 -28.31
N ILE A 134 18.63 -7.94 -27.56
CA ILE A 134 19.53 -9.04 -27.88
C ILE A 134 18.92 -9.78 -29.06
N ASN A 135 19.72 -10.06 -30.08
CA ASN A 135 19.22 -10.79 -31.26
C ASN A 135 18.88 -12.24 -30.90
N ARG A 136 17.71 -12.71 -31.36
CA ARG A 136 17.24 -14.08 -31.11
C ARG A 136 16.86 -14.75 -32.42
N TYR A 137 17.32 -14.16 -33.52
CA TYR A 137 17.11 -14.70 -34.87
C TYR A 137 18.43 -15.13 -35.53
N ALA A 138 19.42 -15.42 -34.67
CA ALA A 138 20.75 -15.92 -35.04
C ALA A 138 21.37 -16.58 -33.82
N GLU A 139 22.51 -17.27 -34.00
CA GLU A 139 23.28 -17.74 -32.85
C GLU A 139 23.84 -16.55 -32.02
N LYS A 140 24.56 -15.64 -32.69
CA LYS A 140 25.16 -14.48 -32.05
C LYS A 140 24.07 -13.48 -31.64
N GLY A 141 24.17 -12.94 -30.43
CA GLY A 141 23.26 -11.94 -29.94
C GLY A 141 23.51 -10.53 -30.48
N GLY A 142 24.73 -10.29 -30.97
CA GLY A 142 25.11 -8.97 -31.51
C GLY A 142 25.54 -7.97 -30.44
N LEU A 143 25.47 -8.39 -29.18
CA LEU A 143 25.86 -7.56 -28.05
C LEU A 143 26.88 -8.26 -27.15
N PRO A 144 27.75 -7.49 -26.45
CA PRO A 144 28.79 -8.13 -25.65
C PRO A 144 28.28 -8.82 -24.39
N ALA A 145 29.08 -9.79 -23.90
CA ALA A 145 28.76 -10.54 -22.67
C ALA A 145 28.68 -9.60 -21.49
N THR A 146 29.24 -8.40 -21.67
CA THR A 146 29.14 -7.30 -20.69
C THR A 146 27.71 -7.00 -20.29
N CYS A 147 26.75 -7.32 -21.16
CA CYS A 147 25.34 -7.17 -20.82
C CYS A 147 24.97 -7.91 -19.53
N TRP A 148 25.64 -9.03 -19.29
CA TRP A 148 25.42 -9.80 -18.09
C TRP A 148 25.86 -9.10 -16.83
N ASN A 149 26.62 -8.00 -16.98
CA ASN A 149 27.33 -7.35 -15.87
C ASN A 149 26.48 -7.02 -14.63
N CYS A 150 25.34 -6.36 -14.85
CA CYS A 150 24.44 -5.96 -13.78
C CYS A 150 23.19 -6.80 -13.79
N LYS A 151 23.33 -8.10 -14.00
CA LYS A 151 22.16 -8.98 -14.04
C LYS A 151 22.29 -10.18 -13.10
N THR A 152 23.53 -10.57 -12.80
CA THR A 152 23.79 -11.88 -12.19
C THR A 152 25.09 -11.88 -11.38
N PRO A 153 25.06 -12.46 -10.15
CA PRO A 153 26.29 -12.64 -9.39
C PRO A 153 27.18 -13.76 -9.95
N LYS A 154 26.74 -14.37 -11.06
CA LYS A 154 27.54 -15.35 -11.75
C LYS A 154 28.70 -14.67 -12.52
N MET A 155 28.63 -13.34 -12.61
CA MET A 155 29.69 -12.46 -13.11
C MET A 155 31.07 -12.66 -12.47
N MET A 156 31.10 -13.12 -11.22
CA MET A 156 32.36 -13.31 -10.51
C MET A 156 33.18 -14.50 -11.00
N GLU A 157 32.51 -15.61 -11.29
CA GLU A 157 33.17 -16.81 -11.84
C GLU A 157 33.48 -16.61 -13.31
N TRP A 158 32.53 -16.05 -14.04
CA TRP A 158 32.75 -15.85 -15.45
C TRP A 158 34.02 -15.02 -15.72
N VAL A 159 34.20 -13.95 -14.95
CA VAL A 159 35.41 -13.11 -15.06
C VAL A 159 36.66 -13.86 -14.57
N LYS A 160 36.59 -14.40 -13.36
CA LYS A 160 37.70 -15.18 -12.82
C LYS A 160 38.17 -16.24 -13.86
N GLU A 161 37.25 -16.77 -14.65
CA GLU A 161 37.53 -17.82 -15.62
C GLU A 161 38.06 -17.31 -16.98
N SER A 162 37.50 -16.22 -17.50
CA SER A 162 37.90 -15.69 -18.81
C SER A 162 38.80 -14.42 -18.77
N GLY A 163 38.90 -13.80 -17.58
CA GLY A 163 39.70 -12.59 -17.39
C GLY A 163 39.25 -11.43 -18.24
N ASP A 164 40.19 -10.74 -18.87
CA ASP A 164 39.88 -9.62 -19.76
C ASP A 164 39.11 -10.07 -21.03
N GLY A 165 39.23 -11.37 -21.33
CA GLY A 165 38.62 -11.97 -22.51
C GLY A 165 37.11 -12.14 -22.43
N PHE A 166 36.56 -12.03 -21.22
CA PHE A 166 35.11 -12.17 -21.02
C PHE A 166 34.24 -11.15 -21.76
N TRP A 167 34.51 -9.86 -21.53
CA TRP A 167 33.65 -8.78 -21.98
C TRP A 167 33.28 -8.85 -23.46
N ALA A 168 34.26 -9.20 -24.31
CA ALA A 168 34.08 -9.10 -25.77
C ALA A 168 33.38 -10.29 -26.41
N LYS A 169 33.19 -11.37 -25.64
CA LYS A 169 32.46 -12.55 -26.11
C LYS A 169 30.99 -12.17 -26.39
N ASP A 170 30.33 -12.90 -27.29
CA ASP A 170 28.92 -12.65 -27.58
C ASP A 170 28.01 -12.96 -26.38
N VAL A 171 26.99 -12.13 -26.17
CA VAL A 171 26.14 -12.28 -24.99
C VAL A 171 25.44 -13.64 -24.90
N ASN A 172 25.07 -14.20 -26.07
CA ASN A 172 24.28 -15.42 -26.16
C ASN A 172 25.02 -16.66 -25.70
N GLU A 173 26.33 -16.50 -25.48
CA GLU A 173 27.23 -17.59 -25.09
C GLU A 173 26.97 -18.09 -23.65
N PHE A 174 26.24 -17.33 -22.85
CA PHE A 174 25.97 -17.73 -21.46
C PHE A 174 24.49 -17.94 -21.25
N ARG A 175 23.72 -17.65 -22.29
CA ARG A 175 22.27 -17.75 -22.28
C ARG A 175 21.75 -19.03 -21.59
N ASP A 176 22.34 -20.16 -21.95
CA ASP A 176 21.89 -21.44 -21.41
C ASP A 176 22.76 -21.97 -20.26
N LYS A 177 23.63 -21.12 -19.71
CA LYS A 177 24.52 -21.54 -18.62
C LYS A 177 24.27 -20.79 -17.30
N ILE A 178 22.99 -20.62 -16.95
CA ILE A 178 22.55 -19.81 -15.80
C ILE A 178 21.16 -20.25 -15.25
N ASP A 179 21.00 -20.31 -13.94
CA ASP A 179 19.68 -20.58 -13.35
C ASP A 179 18.87 -19.28 -13.22
N MET A 180 17.80 -19.19 -14.01
CA MET A 180 16.96 -18.00 -14.10
C MET A 180 16.44 -17.49 -12.76
N LYS A 181 16.07 -18.39 -11.85
CA LYS A 181 15.60 -18.01 -10.50
C LYS A 181 16.73 -17.95 -9.48
N ASP A 182 17.66 -18.89 -9.53
CA ASP A 182 18.67 -19.02 -8.49
C ASP A 182 19.90 -18.13 -8.70
N HIS A 183 20.01 -17.57 -9.90
CA HIS A 183 21.14 -16.71 -10.22
C HIS A 183 20.80 -15.26 -10.62
N THR A 184 19.57 -14.77 -10.46
CA THR A 184 19.34 -13.31 -10.69
C THR A 184 19.92 -12.52 -9.58
N ILE A 185 20.09 -11.22 -9.82
CA ILE A 185 20.44 -10.27 -8.76
C ILE A 185 19.99 -10.81 -7.40
N GLY A 186 20.95 -11.18 -6.57
CA GLY A 186 20.65 -11.83 -5.32
C GLY A 186 21.65 -11.51 -4.24
N CYS A 187 21.48 -12.19 -3.13
CA CYS A 187 22.21 -11.89 -1.91
C CYS A 187 23.69 -11.66 -2.12
N ALA A 188 24.28 -12.45 -3.02
CA ALA A 188 25.72 -12.43 -3.20
C ALA A 188 26.19 -11.16 -3.92
N THR A 189 25.28 -10.55 -4.70
CA THR A 189 25.56 -9.26 -5.34
C THR A 189 26.03 -8.22 -4.32
N CYS A 190 25.56 -8.34 -3.06
CA CYS A 190 25.80 -7.30 -2.06
C CYS A 190 26.41 -7.74 -0.74
N HIS A 191 26.19 -9.01 -0.38
CA HIS A 191 26.66 -9.56 0.87
C HIS A 191 27.78 -10.56 0.66
N ASP A 192 28.72 -10.58 1.61
CA ASP A 192 29.68 -11.68 1.72
C ASP A 192 28.94 -12.93 2.21
N PRO A 193 29.10 -14.08 1.52
CA PRO A 193 28.18 -15.17 1.85
C PRO A 193 28.47 -15.74 3.20
N GLN A 194 29.63 -15.38 3.73
CA GLN A 194 30.12 -15.92 4.99
C GLN A 194 29.79 -15.02 6.19
N THR A 195 30.14 -13.75 6.12
CA THR A 195 29.95 -12.84 7.26
C THR A 195 28.69 -11.99 7.12
N MET A 196 28.10 -11.99 5.91
CA MET A 196 27.02 -11.07 5.53
C MET A 196 27.35 -9.57 5.54
N GLU A 197 28.62 -9.22 5.71
CA GLU A 197 29.10 -7.85 5.51
C GLU A 197 28.72 -7.33 4.12
N LEU A 198 28.62 -6.02 3.99
CA LEU A 198 28.30 -5.41 2.69
C LEU A 198 29.53 -5.38 1.80
N ARG A 199 29.34 -5.80 0.54
CA ARG A 199 30.40 -5.96 -0.45
C ARG A 199 30.09 -5.18 -1.71
N ILE A 200 31.12 -4.59 -2.31
CA ILE A 200 31.03 -4.15 -3.68
C ILE A 200 31.66 -5.21 -4.54
N THR A 201 30.83 -5.85 -5.37
CA THR A 201 31.23 -6.90 -6.31
C THR A 201 31.37 -6.40 -7.75
N SER A 202 30.95 -5.17 -8.03
CA SER A 202 31.05 -4.63 -9.39
C SER A 202 32.47 -4.34 -9.83
N VAL A 203 32.78 -4.71 -11.07
CA VAL A 203 34.11 -4.40 -11.57
C VAL A 203 34.18 -2.90 -11.86
N PRO A 204 33.25 -2.38 -12.67
CA PRO A 204 33.36 -0.95 -13.03
C PRO A 204 33.28 0.04 -11.84
N LEU A 205 32.51 -0.29 -10.80
CA LEU A 205 32.44 0.59 -9.61
C LEU A 205 33.74 0.57 -8.78
N THR A 206 34.25 -0.63 -8.55
CA THR A 206 35.57 -0.81 -7.99
C THR A 206 36.58 0.04 -8.80
N ASP A 207 36.46 -0.01 -10.11
CA ASP A 207 37.37 0.73 -10.98
C ASP A 207 37.41 2.21 -10.64
N TYR A 208 36.23 2.79 -10.42
CA TYR A 208 36.09 4.19 -10.08
C TYR A 208 36.59 4.45 -8.66
N LEU A 209 36.12 3.64 -7.71
CA LEU A 209 36.52 3.80 -6.33
C LEU A 209 38.05 3.84 -6.15
N VAL A 210 38.75 2.92 -6.84
CA VAL A 210 40.21 2.86 -6.86
C VAL A 210 40.78 4.11 -7.52
N SER A 211 40.11 4.58 -8.58
CA SER A 211 40.60 5.75 -9.32
C SER A 211 40.53 7.01 -8.45
N GLN A 212 39.80 6.89 -7.35
CA GLN A 212 39.56 8.00 -6.43
C GLN A 212 40.37 7.87 -5.14
N GLY A 213 41.16 6.79 -5.01
CA GLY A 213 41.87 6.47 -3.80
C GLY A 213 41.07 5.80 -2.68
N LYS A 214 39.78 5.52 -2.91
CA LYS A 214 38.99 4.87 -1.87
C LYS A 214 39.18 3.36 -1.88
N ASP A 215 39.18 2.74 -0.69
CA ASP A 215 39.33 1.28 -0.57
C ASP A 215 37.94 0.64 -0.51
N PRO A 216 37.60 -0.25 -1.46
CA PRO A 216 36.21 -0.77 -1.47
C PRO A 216 35.85 -1.77 -0.36
N LYS A 217 36.81 -2.10 0.50
CA LYS A 217 36.61 -2.99 1.64
C LYS A 217 36.62 -2.22 2.95
N LYS A 218 36.97 -0.94 2.90
CA LYS A 218 36.98 -0.08 4.09
C LYS A 218 36.09 1.16 3.90
N LEU A 219 34.89 0.97 3.37
CA LEU A 219 34.01 2.11 3.09
C LEU A 219 33.00 2.41 4.20
N PRO A 220 32.84 3.71 4.58
CA PRO A 220 31.84 4.14 5.56
C PRO A 220 30.42 3.67 5.16
N ARG A 221 29.70 3.16 6.16
CA ARG A 221 28.42 2.52 5.96
C ARG A 221 27.46 3.37 5.13
N ASN A 222 27.33 4.65 5.48
CA ASN A 222 26.34 5.52 4.83
C ASN A 222 26.62 5.65 3.33
N GLU A 223 27.89 5.56 2.94
CA GLU A 223 28.27 5.55 1.54
C GLU A 223 27.85 4.21 0.90
N MET A 224 28.04 3.12 1.65
CA MET A 224 27.73 1.75 1.19
C MET A 224 26.28 1.59 0.85
N ARG A 225 25.46 2.18 1.71
CA ARG A 225 24.02 2.13 1.55
C ARG A 225 23.56 2.86 0.28
N ALA A 226 24.46 3.62 -0.33
CA ALA A 226 24.22 4.11 -1.67
C ALA A 226 25.01 3.36 -2.73
N LEU A 227 26.26 3.02 -2.44
CA LEU A 227 27.08 2.39 -3.47
C LEU A 227 26.57 1.00 -3.95
N VAL A 228 25.98 0.21 -3.04
CA VAL A 228 25.51 -1.15 -3.38
C VAL A 228 24.52 -1.09 -4.51
N CYS A 229 23.76 0.00 -4.56
CA CYS A 229 22.87 0.34 -5.66
C CYS A 229 23.66 0.92 -6.84
N GLY A 230 24.60 1.79 -6.54
CA GLY A 230 25.52 2.33 -7.54
C GLY A 230 26.32 1.27 -8.29
N GLN A 231 26.24 0.03 -7.85
CA GLN A 231 26.82 -1.05 -8.61
C GLN A 231 26.18 -1.16 -9.98
N CYS A 232 24.89 -0.86 -10.09
CA CYS A 232 24.18 -1.09 -11.34
C CYS A 232 23.31 0.05 -11.83
N HIS A 233 22.81 0.86 -10.91
CA HIS A 233 21.88 1.93 -11.24
C HIS A 233 22.59 3.20 -11.68
N VAL A 234 23.34 3.11 -12.78
CA VAL A 234 24.21 4.19 -13.20
C VAL A 234 24.22 4.27 -14.70
N GLU A 235 24.76 5.36 -15.24
CA GLU A 235 25.08 5.43 -16.68
C GLU A 235 26.41 4.70 -16.91
N TYR A 236 26.50 3.95 -18.01
CA TYR A 236 27.71 3.15 -18.33
C TYR A 236 28.02 3.26 -19.82
N TYR A 237 29.12 2.61 -20.24
CA TYR A 237 29.43 2.40 -21.66
C TYR A 237 30.45 1.27 -21.82
N PHE A 238 30.69 0.86 -23.07
CA PHE A 238 31.74 -0.14 -23.34
C PHE A 238 32.91 0.42 -24.10
N ASN A 239 34.11 0.16 -23.58
CA ASN A 239 35.33 0.38 -24.34
C ASN A 239 35.21 -0.14 -25.77
N GLY A 240 35.58 0.72 -26.73
CA GLY A 240 35.75 0.30 -28.11
C GLY A 240 37.10 -0.37 -28.25
N PRO A 241 37.38 -0.98 -29.41
CA PRO A 241 38.59 -1.78 -29.54
C PRO A 241 39.87 -1.06 -29.13
N THR A 242 39.92 0.26 -29.25
CA THR A 242 41.16 1.01 -29.07
C THR A 242 41.22 1.78 -27.76
N MET A 243 40.28 1.53 -26.86
CA MET A 243 40.15 2.37 -25.67
C MET A 243 40.66 1.68 -24.42
N GLY A 244 41.24 0.51 -24.60
CA GLY A 244 41.59 -0.32 -23.45
C GLY A 244 41.08 -1.73 -23.63
N VAL A 245 40.62 -2.34 -22.56
CA VAL A 245 40.14 -3.71 -22.67
C VAL A 245 38.82 -3.68 -23.42
N ASN A 246 38.80 -4.32 -24.59
CA ASN A 246 37.68 -4.30 -25.49
C ASN A 246 36.38 -4.70 -24.82
N LYS A 247 35.39 -3.80 -24.86
CA LYS A 247 34.02 -4.01 -24.33
C LYS A 247 33.85 -3.96 -22.80
N LYS A 248 34.89 -3.56 -22.09
CA LYS A 248 34.81 -3.42 -20.63
C LYS A 248 33.79 -2.35 -20.28
N PRO A 249 32.97 -2.59 -19.22
CA PRO A 249 32.11 -1.50 -18.73
C PRO A 249 32.91 -0.45 -17.94
N VAL A 250 32.54 0.81 -18.14
CA VAL A 250 33.19 1.92 -17.47
C VAL A 250 32.08 2.91 -17.13
N PHE A 251 32.15 3.51 -15.95
CA PHE A 251 31.25 4.60 -15.62
C PHE A 251 31.91 5.95 -15.98
N PRO A 252 31.25 6.78 -16.83
CA PRO A 252 31.84 8.04 -17.25
C PRO A 252 31.80 9.12 -16.16
N TRP A 253 32.59 8.96 -15.11
CA TRP A 253 32.45 9.74 -13.88
C TRP A 253 33.59 10.69 -13.61
N ALA A 254 34.71 10.47 -14.30
CA ALA A 254 35.97 11.21 -14.06
C ALA A 254 35.81 12.74 -14.09
N GLU A 255 34.79 13.25 -14.79
CA GLU A 255 34.59 14.71 -14.89
C GLU A 255 33.59 15.29 -13.89
N GLY A 256 32.92 14.41 -13.14
CA GLY A 256 31.79 14.78 -12.26
C GLY A 256 30.52 14.05 -12.64
N PHE A 257 29.43 14.32 -11.93
CA PHE A 257 28.16 13.55 -12.07
C PHE A 257 27.01 14.19 -12.87
N ASP A 258 27.14 15.46 -13.25
CA ASP A 258 26.04 16.13 -13.96
C ASP A 258 26.10 15.90 -15.46
N PRO A 259 24.99 16.12 -16.15
CA PRO A 259 25.03 15.93 -17.63
C PRO A 259 26.16 16.69 -18.30
N ALA A 260 26.39 17.96 -17.95
CA ALA A 260 27.51 18.69 -18.52
C ALA A 260 28.87 17.96 -18.32
N ASP A 261 29.02 17.30 -17.17
CA ASP A 261 30.28 16.66 -16.83
C ASP A 261 30.44 15.38 -17.64
N MET A 262 29.33 14.66 -17.81
CA MET A 262 29.39 13.42 -18.57
C MET A 262 29.55 13.70 -20.05
N TYR A 263 28.95 14.79 -20.50
CA TYR A 263 29.07 15.14 -21.90
C TYR A 263 30.50 15.58 -22.22
N ARG A 264 31.10 16.30 -21.29
CA ARG A 264 32.50 16.70 -21.45
C ARG A 264 33.47 15.50 -21.42
N TYR A 265 33.18 14.52 -20.57
CA TYR A 265 33.89 13.24 -20.56
C TYR A 265 33.84 12.55 -21.95
N TYR A 266 32.66 12.49 -22.56
CA TYR A 266 32.48 11.85 -23.87
C TYR A 266 33.03 12.70 -25.03
N ASP A 267 33.50 13.90 -24.71
CA ASP A 267 34.23 14.74 -25.66
C ASP A 267 35.68 14.28 -25.79
N LYS A 268 36.25 13.72 -24.71
CA LYS A 268 37.67 13.38 -24.70
C LYS A 268 37.99 11.86 -24.69
N HIS A 269 37.01 11.04 -24.31
CA HIS A 269 37.18 9.58 -24.30
C HIS A 269 36.30 8.97 -25.36
N GLY A 270 36.91 8.36 -26.37
CA GLY A 270 36.18 7.76 -27.48
C GLY A 270 37.06 7.39 -28.66
N ASP A 271 36.41 7.05 -29.78
CA ASP A 271 37.11 6.52 -30.96
C ASP A 271 36.52 6.94 -32.30
N LEU A 272 35.60 7.91 -32.30
CA LEU A 272 34.99 8.38 -33.54
C LEU A 272 36.03 8.91 -34.52
N GLN A 273 35.86 8.60 -35.79
CA GLN A 273 36.76 9.17 -36.80
C GLN A 273 36.08 10.18 -37.72
N VAL A 274 34.82 10.50 -37.46
CA VAL A 274 34.01 11.33 -38.34
C VAL A 274 34.47 12.76 -38.22
N LYS A 275 34.68 13.44 -39.36
CA LYS A 275 35.11 14.83 -39.35
C LYS A 275 34.16 15.65 -38.49
N GLY A 276 34.73 16.42 -37.57
CA GLY A 276 33.95 17.21 -36.65
C GLY A 276 33.80 16.58 -35.28
N PHE A 277 34.02 15.26 -35.20
CA PHE A 277 33.82 14.53 -33.94
C PHE A 277 35.01 13.67 -33.52
N GLU A 278 36.17 13.95 -34.11
CA GLU A 278 37.37 13.15 -33.86
C GLU A 278 37.61 12.94 -32.35
N GLY A 279 37.75 11.68 -31.96
CA GLY A 279 38.06 11.32 -30.58
C GLY A 279 36.88 11.19 -29.65
N LYS A 280 35.68 11.53 -30.13
CA LYS A 280 34.49 11.54 -29.30
C LYS A 280 33.89 10.15 -29.25
N PHE A 281 33.09 9.86 -28.23
CA PHE A 281 32.40 8.56 -28.08
C PHE A 281 31.05 8.58 -28.80
N ALA A 282 30.59 7.42 -29.24
CA ALA A 282 29.24 7.29 -29.81
C ALA A 282 28.74 5.90 -29.57
N ASP A 283 27.55 5.77 -28.97
CA ASP A 283 26.90 4.44 -28.90
C ASP A 283 26.44 3.97 -30.28
N TRP A 284 25.98 4.91 -31.12
CA TRP A 284 25.60 4.65 -32.52
C TRP A 284 25.43 6.00 -33.26
N THR A 285 25.29 5.95 -34.59
CA THR A 285 24.92 7.16 -35.38
C THR A 285 23.47 7.05 -35.85
N HIS A 286 22.68 8.07 -35.56
CA HIS A 286 21.30 8.08 -36.00
C HIS A 286 21.27 8.05 -37.53
N PRO A 287 20.63 7.04 -38.13
CA PRO A 287 20.72 6.87 -39.57
C PRO A 287 19.85 7.82 -40.41
N ALA A 288 18.97 8.60 -39.78
CA ALA A 288 18.22 9.62 -40.52
C ALA A 288 18.99 10.95 -40.58
N SER A 289 19.40 11.45 -39.42
CA SER A 289 20.11 12.71 -39.29
C SER A 289 21.62 12.54 -39.43
N LYS A 290 22.11 11.30 -39.32
CA LYS A 290 23.54 10.97 -39.42
C LYS A 290 24.33 11.61 -38.29
N THR A 291 23.67 11.78 -37.16
CA THR A 291 24.29 12.36 -35.97
C THR A 291 24.86 11.23 -35.10
N PRO A 292 26.14 11.35 -34.70
CA PRO A 292 26.79 10.45 -33.74
C PRO A 292 26.26 10.65 -32.33
N MET A 293 25.57 9.61 -31.84
CA MET A 293 24.76 9.69 -30.61
C MET A 293 25.36 9.04 -29.38
N ILE A 294 25.08 9.64 -28.23
CA ILE A 294 25.38 8.99 -26.95
C ILE A 294 24.07 8.40 -26.45
N LYS A 295 24.17 7.26 -25.80
CA LYS A 295 23.04 6.69 -25.10
C LYS A 295 23.27 6.79 -23.59
N ALA A 296 22.27 7.29 -22.89
CA ALA A 296 22.31 7.35 -21.44
C ALA A 296 21.49 6.21 -20.92
N GLN A 297 21.84 5.68 -19.74
CA GLN A 297 21.00 4.68 -19.07
C GLN A 297 20.88 4.96 -17.58
N HIS A 298 19.66 4.75 -17.07
CA HIS A 298 19.34 4.78 -15.63
C HIS A 298 20.39 5.45 -14.70
N PRO A 299 20.61 6.75 -14.85
CA PRO A 299 21.60 7.33 -13.97
C PRO A 299 21.09 7.70 -12.58
N GLU A 300 20.53 6.72 -11.86
CA GLU A 300 20.05 7.02 -10.50
C GLU A 300 21.18 7.53 -9.59
N TYR A 301 22.32 6.87 -9.59
CA TYR A 301 23.37 7.25 -8.66
C TYR A 301 23.78 8.70 -8.87
N GLU A 302 24.06 9.06 -10.12
CA GLU A 302 24.62 10.36 -10.43
C GLU A 302 23.57 11.45 -10.28
N THR A 303 22.31 11.10 -10.45
CA THR A 303 21.22 12.03 -10.24
C THR A 303 21.08 12.28 -8.73
N TRP A 304 21.01 11.19 -7.98
CA TRP A 304 20.80 11.25 -6.55
C TRP A 304 21.93 11.99 -5.75
N ILE A 305 23.19 11.79 -6.14
CA ILE A 305 24.28 12.22 -5.30
C ILE A 305 24.28 13.69 -4.90
N ASN A 306 23.86 14.57 -5.80
CA ASN A 306 23.75 16.00 -5.49
C ASN A 306 22.31 16.56 -5.48
N GLY A 307 21.35 15.67 -5.22
CA GLY A 307 19.95 16.02 -5.13
C GLY A 307 19.61 16.39 -3.71
N THR A 308 18.46 17.02 -3.50
CA THR A 308 18.22 17.55 -2.18
C THR A 308 18.40 16.51 -1.07
N HIS A 309 18.16 15.24 -1.39
CA HIS A 309 18.28 14.18 -0.38
C HIS A 309 19.73 13.66 -0.25
N GLY A 310 20.31 13.23 -1.37
CA GLY A 310 21.72 12.77 -1.38
C GLY A 310 22.70 13.78 -0.81
N ALA A 311 22.55 15.05 -1.16
CA ALA A 311 23.46 16.07 -0.68
C ALA A 311 23.53 16.10 0.86
N ALA A 312 22.43 15.71 1.50
CA ALA A 312 22.29 15.70 2.94
C ALA A 312 22.51 14.32 3.58
N GLY A 313 23.15 13.40 2.87
CA GLY A 313 23.37 12.05 3.38
C GLY A 313 22.15 11.13 3.37
N VAL A 314 21.12 11.44 2.58
CA VAL A 314 19.96 10.58 2.56
C VAL A 314 20.05 9.54 1.42
N THR A 315 19.99 8.28 1.82
CA THR A 315 20.54 7.19 1.04
C THR A 315 19.48 6.33 0.29
N CYS A 316 19.86 5.66 -0.80
CA CYS A 316 18.90 4.77 -1.46
C CYS A 316 18.33 3.82 -0.43
N ALA A 317 19.19 3.18 0.33
CA ALA A 317 18.74 2.25 1.35
C ALA A 317 17.82 2.91 2.39
N ASP A 318 18.05 4.19 2.69
CA ASP A 318 17.17 4.89 3.64
C ASP A 318 15.72 4.85 3.15
N CYS A 319 15.55 4.96 1.83
CA CYS A 319 14.19 4.97 1.26
C CYS A 319 13.73 3.67 0.65
N HIS A 320 14.58 2.99 -0.09
CA HIS A 320 14.16 1.77 -0.77
C HIS A 320 14.37 0.50 0.03
N MET A 321 15.15 0.60 1.12
CA MET A 321 15.38 -0.49 2.05
C MET A 321 15.12 0.00 3.47
N SER A 322 13.99 0.65 3.67
CA SER A 322 13.69 1.18 4.99
C SER A 322 13.46 0.07 5.99
N TYR A 323 13.64 0.39 7.25
CA TYR A 323 13.33 -0.57 8.27
C TYR A 323 11.83 -0.76 8.38
N THR A 324 11.43 -2.01 8.56
CA THR A 324 10.03 -2.36 8.70
C THR A 324 9.92 -3.36 9.82
N ARG A 325 8.96 -3.15 10.71
CA ARG A 325 8.79 -4.03 11.84
C ARG A 325 7.77 -5.10 11.46
N SER A 326 8.27 -6.13 10.77
CA SER A 326 7.45 -7.23 10.27
C SER A 326 7.65 -8.54 11.03
N ASP A 327 8.65 -8.56 11.90
CA ASP A 327 9.00 -9.74 12.66
C ASP A 327 8.68 -9.38 14.08
N ASP A 328 7.56 -9.90 14.58
CA ASP A 328 6.90 -9.31 15.74
C ASP A 328 6.92 -7.79 15.55
N LYS A 329 7.49 -7.10 16.53
CA LYS A 329 7.66 -5.67 16.41
C LYS A 329 9.13 -5.26 16.20
N LYS A 330 9.97 -6.22 15.81
CA LYS A 330 11.38 -5.95 15.55
C LYS A 330 11.66 -5.49 14.11
N LYS A 331 12.61 -4.58 13.96
CA LYS A 331 13.05 -4.11 12.66
C LYS A 331 13.81 -5.20 11.89
N ILE A 332 13.47 -5.39 10.61
CA ILE A 332 14.35 -6.04 9.60
C ILE A 332 14.43 -5.06 8.46
N SER A 333 15.40 -5.22 7.56
CA SER A 333 15.54 -4.27 6.43
C SER A 333 14.75 -4.72 5.23
N SER A 334 13.82 -3.89 4.75
CA SER A 334 13.02 -4.25 3.59
C SER A 334 13.93 -4.59 2.43
N HIS A 335 13.75 -5.77 1.83
CA HIS A 335 14.48 -6.16 0.65
C HIS A 335 13.51 -6.18 -0.55
N TRP A 336 12.43 -5.40 -0.40
CA TRP A 336 11.48 -5.20 -1.47
C TRP A 336 11.89 -3.93 -2.16
N TRP A 337 12.57 -4.06 -3.30
CA TRP A 337 13.10 -2.89 -4.00
C TRP A 337 12.15 -2.42 -5.05
N THR A 338 11.40 -1.38 -4.73
CA THR A 338 10.30 -0.96 -5.56
C THR A 338 10.03 0.52 -5.36
N SER A 339 8.82 0.94 -5.63
CA SER A 339 8.43 2.31 -5.38
C SER A 339 7.99 2.50 -3.92
N PRO A 340 8.56 3.52 -3.26
CA PRO A 340 8.10 3.86 -1.91
C PRO A 340 6.61 4.25 -1.87
N MET A 341 6.04 4.53 -3.04
CA MET A 341 4.67 5.04 -3.17
C MET A 341 3.62 3.92 -3.25
N LYS A 342 4.07 2.69 -3.08
CA LYS A 342 3.18 1.54 -3.08
C LYS A 342 2.54 1.35 -1.70
N ASP A 343 3.22 1.90 -0.69
CA ASP A 343 2.76 1.86 0.67
C ASP A 343 1.95 3.12 0.92
N PRO A 344 0.64 2.99 1.02
CA PRO A 344 -0.19 4.15 1.21
C PRO A 344 0.14 4.94 2.47
N GLU A 345 0.90 4.37 3.42
CA GLU A 345 1.23 5.08 4.66
C GLU A 345 2.66 5.65 4.63
N MET A 346 3.30 5.52 3.46
CA MET A 346 4.57 6.17 3.16
C MET A 346 5.53 6.08 4.33
N ARG A 347 5.48 4.94 5.01
CA ARG A 347 6.19 4.75 6.26
C ARG A 347 7.69 4.98 6.17
N ALA A 348 8.28 4.67 5.03
CA ALA A 348 9.69 4.92 4.78
C ALA A 348 10.08 6.39 5.02
N CYS A 349 9.15 7.29 4.72
CA CYS A 349 9.40 8.72 4.82
C CYS A 349 9.06 9.24 6.20
N ARG A 350 8.25 8.47 6.92
CA ARG A 350 7.51 9.04 8.02
C ARG A 350 8.19 9.04 9.36
N GLN A 351 9.50 8.75 9.40
CA GLN A 351 10.24 9.08 10.62
C GLN A 351 10.87 10.45 10.45
N CYS A 352 11.50 10.65 9.29
CA CYS A 352 12.14 11.92 8.97
C CYS A 352 11.15 13.03 8.78
N HIS A 353 10.01 12.69 8.18
CA HIS A 353 8.95 13.66 7.93
C HIS A 353 7.71 13.27 8.75
N SER A 354 7.85 13.16 10.06
CA SER A 354 6.79 12.63 10.91
C SER A 354 5.68 13.67 11.13
N ASP A 355 5.93 14.88 10.65
CA ASP A 355 5.00 15.98 10.86
C ASP A 355 4.11 16.18 9.66
N LYS A 356 4.46 15.51 8.56
CA LYS A 356 3.65 15.50 7.36
C LYS A 356 2.91 14.20 7.22
N THR A 357 1.71 14.27 6.64
CA THR A 357 0.90 13.09 6.39
C THR A 357 1.37 12.40 5.10
N PRO A 358 1.13 11.07 4.99
CA PRO A 358 1.45 10.36 3.76
C PRO A 358 0.95 11.10 2.54
N ASP A 359 -0.30 11.55 2.55
CA ASP A 359 -0.84 12.26 1.40
C ASP A 359 -0.11 13.57 1.08
N TYR A 360 0.28 14.32 2.12
CA TYR A 360 1.09 15.52 1.92
C TYR A 360 2.38 15.20 1.16
N LEU A 361 3.05 14.15 1.61
CA LEU A 361 4.27 13.69 0.98
C LEU A 361 4.02 13.30 -0.47
N LYS A 362 2.98 12.49 -0.72
CA LYS A 362 2.61 12.12 -2.10
C LYS A 362 2.40 13.33 -3.00
N SER A 363 1.64 14.32 -2.52
CA SER A 363 1.42 15.53 -3.32
C SER A 363 2.71 16.32 -3.62
N ARG A 364 3.71 16.17 -2.77
CA ARG A 364 4.96 16.89 -2.96
C ARG A 364 5.88 16.18 -3.93
N VAL A 365 5.82 14.85 -3.93
CA VAL A 365 6.45 14.05 -4.99
C VAL A 365 5.81 14.36 -6.34
N LEU A 366 4.48 14.36 -6.42
CA LEU A 366 3.82 14.56 -7.70
C LEU A 366 4.05 15.97 -8.22
N PHE A 367 4.28 16.91 -7.30
CA PHE A 367 4.57 18.30 -7.66
C PHE A 367 5.77 18.35 -8.61
N THR A 368 6.76 17.52 -8.34
CA THR A 368 7.94 17.46 -9.17
C THR A 368 7.67 16.57 -10.38
N GLN A 369 7.17 15.37 -10.15
CA GLN A 369 7.01 14.41 -11.24
C GLN A 369 6.17 14.98 -12.39
N LYS A 370 5.08 15.66 -12.08
CA LYS A 370 4.16 16.09 -13.14
C LYS A 370 4.78 17.12 -14.09
N ARG A 371 5.59 18.02 -13.53
CA ARG A 371 6.26 19.06 -14.32
C ARG A 371 7.35 18.42 -15.17
N THR A 372 8.04 17.47 -14.56
CA THR A 372 9.20 16.85 -15.15
C THR A 372 8.77 16.03 -16.32
N PHE A 373 7.82 15.12 -16.11
CA PHE A 373 7.31 14.27 -17.19
C PHE A 373 6.80 15.09 -18.36
N ASP A 374 5.92 16.05 -18.07
CA ASP A 374 5.38 16.95 -19.11
C ASP A 374 6.47 17.70 -19.88
N LEU A 375 7.50 18.18 -19.17
CA LEU A 375 8.63 18.87 -19.82
C LEU A 375 9.42 17.90 -20.69
N LEU A 376 9.55 16.68 -20.19
CA LEU A 376 10.24 15.65 -20.91
C LEU A 376 9.59 15.46 -22.30
N LEU A 377 8.30 15.14 -22.36
CA LEU A 377 7.63 14.92 -23.64
C LEU A 377 7.90 16.08 -24.58
N ALA A 378 7.86 17.29 -24.05
CA ALA A 378 8.14 18.48 -24.84
C ALA A 378 9.56 18.46 -25.40
N ALA A 379 10.55 18.21 -24.52
CA ALA A 379 11.96 18.22 -24.91
C ALA A 379 12.23 17.13 -25.93
N GLN A 380 11.45 16.06 -25.87
CA GLN A 380 11.53 14.94 -26.80
C GLN A 380 11.02 15.31 -28.19
N GLU A 381 9.92 16.06 -28.24
CA GLU A 381 9.35 16.53 -29.51
C GLU A 381 10.31 17.43 -30.28
N VAL A 382 10.92 18.37 -29.58
CA VAL A 382 11.80 19.29 -30.26
C VAL A 382 13.10 18.57 -30.66
N SER A 383 13.40 17.45 -30.02
CA SER A 383 14.56 16.66 -30.42
C SER A 383 14.28 15.89 -31.70
N VAL A 384 13.03 15.42 -31.89
CA VAL A 384 12.65 14.76 -33.14
C VAL A 384 12.70 15.79 -34.25
N LYS A 385 12.20 16.99 -33.96
CA LYS A 385 12.23 18.09 -34.93
C LYS A 385 13.67 18.39 -35.33
N ALA A 386 14.57 18.42 -34.37
CA ALA A 386 15.97 18.65 -34.64
C ALA A 386 16.55 17.61 -35.59
N HIS A 387 16.31 16.34 -35.29
CA HIS A 387 16.74 15.24 -36.16
C HIS A 387 16.19 15.51 -37.54
N GLU A 388 14.90 15.83 -37.59
CA GLU A 388 14.25 16.00 -38.86
C GLU A 388 14.85 17.12 -39.68
N ALA A 389 15.21 18.22 -39.03
CA ALA A 389 15.74 19.39 -39.71
C ALA A 389 17.12 19.07 -40.27
N VAL A 390 17.92 18.38 -39.47
CA VAL A 390 19.23 17.94 -39.93
C VAL A 390 19.10 16.97 -41.10
N ARG A 391 18.04 16.16 -41.09
CA ARG A 391 17.80 15.18 -42.15
C ARG A 391 17.50 15.88 -43.45
N LEU A 392 16.66 16.91 -43.36
CA LEU A 392 16.31 17.73 -44.52
C LEU A 392 17.52 18.51 -45.03
N ALA A 393 18.32 19.05 -44.12
CA ALA A 393 19.51 19.81 -44.48
C ALA A 393 20.59 18.91 -45.08
N ASN A 394 20.62 17.65 -44.66
CA ASN A 394 21.57 16.70 -45.15
C ASN A 394 21.29 16.41 -46.61
N GLU A 395 20.02 16.49 -47.01
CA GLU A 395 19.58 16.08 -48.35
C GLU A 395 19.17 17.24 -49.23
N TYR A 396 19.19 18.46 -48.70
CA TYR A 396 18.72 19.68 -49.43
C TYR A 396 19.35 19.87 -50.82
N GLN A 397 18.52 20.20 -51.81
CA GLN A 397 18.99 20.35 -53.21
C GLN A 397 19.11 21.82 -53.68
N GLY A 398 18.71 22.75 -52.82
CA GLY A 398 18.77 24.16 -53.17
C GLY A 398 20.13 24.76 -52.89
N ALA A 399 20.21 26.08 -52.96
CA ALA A 399 21.44 26.80 -52.63
C ALA A 399 21.75 26.76 -51.12
N LYS A 400 22.93 26.21 -50.80
CA LYS A 400 23.38 26.13 -49.42
C LYS A 400 24.19 27.39 -49.05
N ALA A 401 24.36 27.65 -47.75
CA ALA A 401 25.26 28.72 -47.27
C ALA A 401 26.70 28.35 -47.55
N ALA A 402 27.59 29.34 -47.55
CA ALA A 402 29.03 29.10 -47.77
C ALA A 402 29.66 28.26 -46.66
N GLY A 403 29.08 28.32 -45.46
CA GLY A 403 29.53 27.51 -44.33
C GLY A 403 28.76 26.23 -44.04
N TYR A 404 28.04 25.73 -45.04
CA TYR A 404 27.21 24.53 -44.92
C TYR A 404 27.87 23.39 -44.11
N ASP A 405 29.09 23.02 -44.48
CA ASP A 405 29.77 21.88 -43.90
C ASP A 405 30.04 22.08 -42.42
N ASP A 406 30.62 23.23 -42.07
CA ASP A 406 30.86 23.57 -40.69
C ASP A 406 29.58 23.69 -39.89
N LEU A 407 28.53 24.25 -40.51
CA LEU A 407 27.25 24.39 -39.83
C LEU A 407 26.55 23.05 -39.60
N MET A 408 26.67 22.12 -40.54
CA MET A 408 26.09 20.78 -40.33
C MET A 408 26.71 20.09 -39.10
N ILE A 409 28.01 20.28 -38.92
CA ILE A 409 28.67 19.75 -37.76
C ILE A 409 28.04 20.38 -36.50
N GLN A 410 28.12 21.69 -36.40
CA GLN A 410 27.57 22.39 -35.24
C GLN A 410 26.12 21.97 -34.98
N ALA A 411 25.40 21.69 -36.05
CA ALA A 411 24.02 21.18 -36.00
C ALA A 411 23.98 19.80 -35.39
N ARG A 412 24.81 18.91 -35.92
CA ARG A 412 24.81 17.53 -35.46
C ARG A 412 25.30 17.51 -34.01
N GLU A 413 26.31 18.34 -33.71
CA GLU A 413 26.84 18.48 -32.36
C GLU A 413 25.71 18.79 -31.39
N MET A 414 24.79 19.66 -31.80
CA MET A 414 23.67 20.05 -30.94
C MET A 414 22.58 18.97 -30.84
N VAL A 415 22.31 18.27 -31.95
CA VAL A 415 21.37 17.14 -31.90
C VAL A 415 21.89 16.16 -30.83
N ARG A 416 23.18 15.90 -30.90
CA ARG A 416 23.85 15.01 -29.99
C ARG A 416 23.74 15.47 -28.54
N LYS A 417 24.01 16.74 -28.29
CA LYS A 417 24.00 17.21 -26.91
C LYS A 417 22.58 17.26 -26.32
N GLY A 418 21.63 17.75 -27.11
CA GLY A 418 20.23 17.79 -26.71
C GLY A 418 19.70 16.42 -26.35
N GLN A 419 20.03 15.41 -27.16
CA GLN A 419 19.49 14.08 -26.93
C GLN A 419 20.08 13.50 -25.64
N PHE A 420 21.37 13.70 -25.44
CA PHE A 420 21.99 13.21 -24.21
C PHE A 420 21.33 13.85 -22.98
N PHE A 421 21.09 15.15 -23.04
CA PHE A 421 20.48 15.80 -21.88
C PHE A 421 19.08 15.26 -21.58
N TRP A 422 18.27 15.03 -22.60
CA TRP A 422 16.95 14.47 -22.31
C TRP A 422 17.02 13.00 -21.96
N ASP A 423 17.95 12.28 -22.58
CA ASP A 423 18.04 10.86 -22.29
C ASP A 423 18.40 10.69 -20.86
N TYR A 424 19.32 11.54 -20.37
CA TYR A 424 19.78 11.51 -18.99
C TYR A 424 18.60 11.56 -18.05
N VAL A 425 17.62 12.41 -18.34
CA VAL A 425 16.50 12.55 -17.42
C VAL A 425 15.48 11.47 -17.69
N SER A 426 15.18 11.24 -18.96
CA SER A 426 14.20 10.23 -19.38
C SER A 426 14.53 8.89 -18.78
N ALA A 427 15.72 8.39 -19.07
CA ALA A 427 16.17 7.10 -18.61
C ALA A 427 16.18 6.96 -17.08
N GLU A 428 16.02 8.07 -16.37
CA GLU A 428 16.15 8.07 -14.92
C GLU A 428 14.80 7.76 -14.31
N ASN A 429 14.76 6.75 -13.45
CA ASN A 429 13.49 6.22 -12.98
C ASN A 429 12.70 7.04 -11.92
N SER A 430 13.30 8.09 -11.36
CA SER A 430 12.62 8.86 -10.30
C SER A 430 11.63 9.88 -10.84
N VAL A 431 11.81 10.23 -12.12
CA VAL A 431 10.96 11.21 -12.81
C VAL A 431 11.04 12.57 -12.12
N GLY A 432 12.26 13.00 -11.82
CA GLY A 432 12.46 14.29 -11.24
C GLY A 432 12.72 14.18 -9.76
N PHE A 433 12.06 13.23 -9.09
CA PHE A 433 12.12 13.21 -7.64
C PHE A 433 13.54 13.20 -7.04
N HIS A 434 14.44 12.33 -7.50
CA HIS A 434 15.75 12.21 -6.85
C HIS A 434 16.52 13.51 -6.77
N ASN A 435 16.42 14.28 -7.86
CA ASN A 435 17.04 15.60 -7.97
C ASN A 435 16.15 16.51 -8.79
N PRO A 436 15.10 17.06 -8.15
CA PRO A 436 14.14 17.94 -8.82
C PRO A 436 14.80 19.07 -9.66
N ALA A 437 15.61 19.90 -9.03
CA ALA A 437 16.23 21.02 -9.71
C ALA A 437 17.04 20.55 -10.90
N LYS A 438 17.87 19.54 -10.69
CA LYS A 438 18.77 19.10 -11.74
C LYS A 438 17.96 18.61 -12.94
N ALA A 439 16.89 17.86 -12.65
CA ALA A 439 16.12 17.19 -13.69
C ALA A 439 15.52 18.23 -14.60
N LEU A 440 14.85 19.22 -13.99
CA LEU A 440 14.20 20.31 -14.74
C LEU A 440 15.18 21.17 -15.54
N ASP A 441 16.20 21.69 -14.87
CA ASP A 441 17.31 22.39 -15.52
C ASP A 441 17.78 21.71 -16.80
N THR A 442 18.07 20.43 -16.65
CA THR A 442 18.62 19.60 -17.69
C THR A 442 17.67 19.46 -18.88
N LEU A 443 16.37 19.40 -18.62
CA LEU A 443 15.42 19.31 -19.71
C LEU A 443 15.37 20.64 -20.42
N ALA A 444 15.51 21.73 -19.66
CA ALA A 444 15.42 23.04 -20.26
C ALA A 444 16.61 23.31 -21.18
N GLN A 445 17.80 22.85 -20.79
CA GLN A 445 18.98 22.98 -21.64
C GLN A 445 18.88 22.13 -22.91
N SER A 446 18.31 20.95 -22.77
CA SER A 446 18.05 20.04 -23.89
C SER A 446 17.24 20.71 -24.99
N GLN A 447 16.23 21.44 -24.56
CA GLN A 447 15.38 22.19 -25.42
C GLN A 447 16.19 23.23 -26.18
N GLN A 448 17.05 23.95 -25.45
CA GLN A 448 17.92 24.94 -26.06
C GLN A 448 18.82 24.32 -27.13
N PHE A 449 19.43 23.19 -26.78
CA PHE A 449 20.34 22.53 -27.69
C PHE A 449 19.62 22.03 -28.97
N SER A 450 18.53 21.28 -28.82
CA SER A 450 17.77 20.76 -29.95
C SER A 450 17.42 21.89 -30.89
N GLN A 451 16.94 22.99 -30.33
CA GLN A 451 16.49 24.11 -31.12
C GLN A 451 17.65 24.84 -31.78
N LYS A 452 18.81 24.93 -31.15
CA LYS A 452 19.97 25.55 -31.80
C LYS A 452 20.35 24.77 -33.06
N ALA A 453 20.17 23.46 -33.01
CA ALA A 453 20.39 22.59 -34.15
C ALA A 453 19.40 22.87 -35.28
N ILE A 454 18.14 23.14 -34.92
CA ILE A 454 17.14 23.45 -35.91
C ILE A 454 17.54 24.75 -36.58
N ASP A 455 17.94 25.72 -35.75
CA ASP A 455 18.39 27.03 -36.21
C ASP A 455 19.58 26.93 -37.15
N LEU A 456 20.53 26.06 -36.80
CA LEU A 456 21.71 25.90 -37.63
C LEU A 456 21.41 25.16 -38.94
N ALA A 457 20.55 24.15 -38.89
CA ALA A 457 20.21 23.37 -40.08
C ALA A 457 19.51 24.29 -41.08
N MET A 458 18.74 25.24 -40.54
CA MET A 458 18.06 26.21 -41.39
C MET A 458 19.02 27.26 -41.96
N GLU A 459 19.90 27.79 -41.11
CA GLU A 459 20.87 28.77 -41.57
C GLU A 459 21.63 28.21 -42.78
N ALA A 460 22.03 26.94 -42.65
CA ALA A 460 22.82 26.23 -43.64
C ALA A 460 22.11 26.02 -44.98
N THR A 461 20.79 25.95 -44.95
CA THR A 461 20.03 25.68 -46.16
C THR A 461 19.43 26.98 -46.66
N GLN A 462 19.90 28.08 -46.08
CA GLN A 462 19.35 29.41 -46.32
C GLN A 462 17.82 29.42 -46.14
N TYR A 463 17.35 28.68 -45.13
CA TYR A 463 15.93 28.63 -44.74
C TYR A 463 15.03 27.90 -45.75
N GLY A 464 15.66 27.28 -46.75
CA GLY A 464 14.95 26.51 -47.76
C GLY A 464 14.25 25.27 -47.25
N ILE A 465 14.62 24.78 -46.06
CA ILE A 465 13.94 23.64 -45.45
C ILE A 465 12.71 24.04 -44.63
N GLY A 466 12.64 25.31 -44.25
CA GLY A 466 11.53 25.84 -43.47
C GLY A 466 10.18 25.30 -43.86
N LYS A 467 9.88 25.33 -45.17
CA LYS A 467 8.56 24.91 -45.68
C LYS A 467 8.22 23.48 -45.25
N ASP A 468 9.24 22.64 -45.08
CA ASP A 468 9.07 21.28 -44.59
C ASP A 468 9.15 21.14 -43.06
N LEU A 469 9.08 22.23 -42.31
CA LEU A 469 9.11 22.15 -40.85
C LEU A 469 7.97 22.93 -40.23
N SER A 470 6.90 23.12 -40.99
CA SER A 470 5.86 24.05 -40.59
C SER A 470 4.83 23.57 -39.57
N GLY A 471 4.22 22.41 -39.78
CA GLY A 471 3.11 22.02 -38.91
C GLY A 471 3.44 21.62 -37.48
N ASP A 472 2.57 20.76 -36.94
CA ASP A 472 2.83 20.04 -35.71
C ASP A 472 3.80 18.94 -36.07
N ILE A 473 4.84 18.76 -35.26
CA ILE A 473 5.84 17.74 -35.50
C ILE A 473 5.22 16.35 -35.61
N LYS A 474 4.13 16.11 -34.88
CA LYS A 474 3.49 14.78 -34.87
C LYS A 474 2.83 14.38 -36.20
N THR A 475 2.58 15.39 -37.04
CA THR A 475 2.08 15.14 -38.39
C THR A 475 3.25 14.79 -39.30
N ILE A 476 4.27 15.63 -39.34
CA ILE A 476 5.34 15.44 -40.33
C ILE A 476 6.31 14.29 -40.04
N VAL A 477 6.63 14.08 -38.76
CA VAL A 477 7.31 12.87 -38.28
C VAL A 477 6.43 12.17 -37.24
N PRO A 478 5.52 11.28 -37.69
CA PRO A 478 4.66 10.60 -36.73
C PRO A 478 5.46 9.71 -35.80
N PRO A 479 5.00 9.52 -34.56
CA PRO A 479 5.66 8.61 -33.64
C PRO A 479 5.58 7.16 -34.15
N ILE A 480 6.66 6.42 -33.99
CA ILE A 480 6.73 5.01 -34.43
C ILE A 480 6.29 4.09 -33.29
N LEU A 481 5.09 3.51 -33.41
CA LEU A 481 4.52 2.69 -32.31
C LEU A 481 5.03 1.24 -32.28
N LYS A 482 5.27 0.66 -33.45
CA LYS A 482 5.62 -0.75 -33.56
C LYS A 482 6.96 -0.95 -34.26
N MET A 483 7.91 -1.59 -33.58
CA MET A 483 9.19 -1.93 -34.22
C MET A 483 9.87 -3.04 -33.45
N ASN A 484 10.21 -4.13 -34.15
CA ASN A 484 11.04 -5.18 -33.59
C ASN A 484 11.84 -5.85 -34.69
N ARG A 485 12.76 -6.72 -34.29
CA ARG A 485 13.65 -7.42 -35.24
C ARG A 485 12.86 -8.27 -36.23
N LYS A 486 11.67 -8.70 -35.82
CA LYS A 486 10.82 -9.52 -36.68
C LYS A 486 10.17 -8.69 -37.78
N LEU A 487 9.60 -7.55 -37.40
CA LEU A 487 8.96 -6.66 -38.37
C LEU A 487 9.98 -6.09 -39.37
N GLN A 488 11.18 -5.75 -38.88
CA GLN A 488 12.31 -5.31 -39.74
C GLN A 488 12.67 -6.32 -40.84
N GLN A 489 12.02 -7.49 -40.84
CA GLN A 489 12.18 -8.48 -41.91
C GLN A 489 11.19 -8.24 -43.06
N ASP A 490 10.00 -7.74 -42.73
CA ASP A 490 8.90 -7.54 -43.70
C ASP A 490 9.14 -6.27 -44.54
N PRO A 491 9.38 -6.44 -45.87
CA PRO A 491 9.57 -5.30 -46.79
C PRO A 491 8.34 -4.39 -46.90
N GLU A 492 7.15 -4.98 -46.79
CA GLU A 492 5.91 -4.20 -46.79
C GLU A 492 5.83 -3.24 -45.59
N PHE A 493 6.24 -3.71 -44.42
CA PHE A 493 6.20 -2.92 -43.20
C PHE A 493 7.22 -1.76 -43.19
N MET A 494 8.43 -2.02 -43.67
CA MET A 494 9.49 -1.01 -43.79
C MET A 494 9.20 0.08 -44.83
N LYS A 495 7.95 0.11 -45.30
CA LYS A 495 7.45 1.14 -46.20
C LYS A 495 6.46 2.07 -45.48
N THR A 496 5.90 1.62 -44.36
CA THR A 496 4.78 2.32 -43.70
C THR A 496 5.15 3.68 -43.05
N HIS A 497 6.45 3.92 -42.89
CA HIS A 497 6.93 5.15 -42.25
C HIS A 497 8.21 5.67 -42.94
N LYS A 498 8.26 6.98 -43.19
CA LYS A 498 9.36 7.60 -43.94
C LYS A 498 10.76 7.41 -43.36
N TRP A 499 10.86 7.33 -42.03
CA TRP A 499 12.15 7.06 -41.35
C TRP A 499 12.63 5.58 -41.48
N PHE A 500 11.75 4.70 -41.97
CA PHE A 500 12.11 3.30 -42.19
C PHE A 500 13.01 3.11 -43.40
N GLN A 501 13.16 4.14 -44.22
CA GLN A 501 14.02 4.02 -45.39
C GLN A 501 15.51 4.12 -45.04
N TYR A 502 15.80 4.65 -43.86
CA TYR A 502 17.19 4.79 -43.38
C TYR A 502 17.75 3.51 -42.76
N LEU A 503 16.86 2.55 -42.56
CA LEU A 503 17.23 1.26 -41.99
C LEU A 503 17.31 0.21 -43.07
N PRO A 504 18.14 -0.83 -42.86
CA PRO A 504 18.11 -1.90 -43.86
C PRO A 504 16.97 -2.89 -43.58
N VAL A 505 16.53 -3.57 -44.64
CA VAL A 505 15.56 -4.66 -44.51
C VAL A 505 16.34 -5.89 -44.08
N LEU A 506 16.00 -6.50 -42.94
CA LEU A 506 16.74 -7.66 -42.43
C LEU A 506 16.43 -8.98 -43.20
N PRO A 507 17.38 -9.93 -43.17
CA PRO A 507 17.12 -11.18 -43.90
C PRO A 507 16.12 -12.11 -43.18
N LYS A 508 15.24 -12.76 -43.97
CA LYS A 508 14.31 -13.77 -43.46
C LYS A 508 15.01 -14.73 -42.49
N ALA A 509 14.59 -14.72 -41.21
CA ALA A 509 15.15 -15.67 -40.23
C ALA A 509 14.07 -16.17 -39.27
N ASP A 510 14.11 -17.47 -38.98
CA ASP A 510 13.29 -18.02 -37.90
C ASP A 510 13.88 -17.60 -36.56
N GLN A 511 13.03 -17.62 -35.53
CA GLN A 511 13.49 -17.39 -34.17
C GLN A 511 14.36 -18.58 -33.75
N VAL A 512 15.51 -18.28 -33.15
CA VAL A 512 16.48 -19.32 -32.79
C VAL A 512 16.53 -19.51 -31.27
N TRP A 513 16.25 -18.44 -30.54
CA TRP A 513 16.29 -18.49 -29.09
C TRP A 513 14.91 -18.15 -28.55
N ASP A 514 14.30 -19.10 -27.86
CA ASP A 514 13.11 -18.81 -27.05
C ASP A 514 13.52 -18.97 -25.59
N GLY A 515 13.69 -17.85 -24.89
CA GLY A 515 14.23 -17.84 -23.53
C GLY A 515 15.59 -18.53 -23.46
N GLN A 516 15.64 -19.65 -22.76
CA GLN A 516 16.87 -20.46 -22.65
C GLN A 516 16.95 -21.66 -23.59
N LYS A 517 15.82 -22.06 -24.20
CA LYS A 517 15.81 -23.20 -25.14
C LYS A 517 16.19 -22.76 -26.55
N ARG A 518 16.59 -23.74 -27.35
CA ARG A 518 16.99 -23.53 -28.73
C ARG A 518 15.90 -24.12 -29.62
N LEU A 519 15.42 -23.34 -30.58
CA LEU A 519 14.26 -23.76 -31.37
C LEU A 519 14.49 -24.85 -32.45
N VAL A 520 13.58 -25.82 -32.47
CA VAL A 520 13.65 -26.95 -33.39
C VAL A 520 12.56 -26.81 -34.45
N ALA B 25 13.96 24.81 42.12
CA ALA B 25 13.22 25.96 42.73
C ALA B 25 12.27 26.64 41.72
N GLY B 26 11.34 25.85 41.19
CA GLY B 26 10.33 26.30 40.20
C GLY B 26 9.38 25.13 39.99
N CYS B 27 8.08 25.40 39.80
CA CYS B 27 7.12 24.33 40.05
C CYS B 27 5.79 24.19 39.27
N SER B 28 5.41 25.13 38.41
CA SER B 28 4.21 24.88 37.61
C SER B 28 4.55 24.48 36.17
N ASP B 29 3.64 23.77 35.50
CA ASP B 29 3.90 23.17 34.20
C ASP B 29 3.79 24.18 33.06
N VAL B 30 4.46 23.93 31.93
CA VAL B 30 4.29 24.76 30.73
C VAL B 30 2.90 24.67 30.11
N SER B 31 2.57 25.66 29.29
CA SER B 31 1.28 25.78 28.66
C SER B 31 1.37 25.35 27.21
N THR B 32 0.49 24.44 26.81
CA THR B 32 0.35 24.01 25.41
C THR B 32 -0.13 25.13 24.49
N GLU B 33 -0.71 26.17 25.09
CA GLU B 33 -1.44 27.20 24.36
C GLU B 33 -0.56 28.05 23.44
N LEU B 34 0.65 28.38 23.88
CA LEU B 34 1.46 29.35 23.17
C LEU B 34 0.72 30.69 23.03
N LYS B 35 0.42 31.32 24.17
CA LYS B 35 -0.26 32.62 24.20
C LYS B 35 0.74 33.73 23.86
N THR B 36 0.51 34.42 22.73
CA THR B 36 1.29 35.60 22.37
C THR B 36 1.07 36.70 23.39
N PRO B 37 2.15 37.42 23.79
CA PRO B 37 2.03 38.50 24.77
C PRO B 37 1.03 39.54 24.31
N VAL B 38 0.37 40.18 25.28
CA VAL B 38 -0.69 41.14 25.00
C VAL B 38 -0.22 42.53 25.37
N TYR B 39 -0.59 43.50 24.53
CA TYR B 39 -0.14 44.90 24.67
C TYR B 39 -1.32 45.86 24.73
N LYS B 40 -1.09 47.00 25.38
CA LYS B 40 -2.05 48.09 25.36
C LYS B 40 -1.27 49.39 25.25
N THR B 41 -1.06 49.87 24.01
CA THR B 41 -0.31 51.10 23.79
C THR B 41 -1.11 52.30 24.25
N LYS B 42 -0.42 53.44 24.32
CA LYS B 42 -1.02 54.74 24.57
C LYS B 42 -1.51 55.38 23.25
N LEU B 43 -1.31 54.71 22.14
CA LEU B 43 -1.62 55.29 20.82
C LEU B 43 -3.11 55.30 20.45
N THR B 44 -3.50 56.27 19.62
CA THR B 44 -4.90 56.37 19.16
C THR B 44 -5.20 55.34 18.05
N ALA B 45 -6.48 55.02 17.88
CA ALA B 45 -6.91 54.03 16.88
C ALA B 45 -6.37 54.27 15.47
N GLU B 46 -6.11 55.53 15.13
CA GLU B 46 -5.67 55.94 13.79
C GLU B 46 -4.18 56.39 13.65
N GLU B 47 -3.39 56.20 14.70
CA GLU B 47 -1.97 56.53 14.67
C GLU B 47 -1.28 55.84 13.52
N ILE B 48 -0.59 56.60 12.67
CA ILE B 48 0.16 55.98 11.56
C ILE B 48 1.64 56.36 11.48
N ARG B 49 2.02 57.36 12.28
CA ARG B 49 3.41 57.85 12.34
C ARG B 49 4.36 56.86 12.98
N ASN B 50 5.27 56.29 12.18
CA ASN B 50 6.25 55.34 12.66
C ASN B 50 6.89 55.71 13.99
N SER B 51 7.33 56.95 14.13
CA SER B 51 8.12 57.38 15.26
C SER B 51 7.29 57.48 16.52
N ALA B 52 5.99 57.26 16.39
CA ALA B 52 5.12 57.20 17.57
C ALA B 52 5.19 55.84 18.28
N PHE B 53 5.58 54.80 17.55
CA PHE B 53 5.73 53.48 18.09
C PHE B 53 7.06 53.36 18.82
N LYS B 54 7.99 54.27 18.55
CA LYS B 54 9.32 54.15 19.14
C LYS B 54 9.39 53.99 20.65
N PRO B 55 8.78 54.91 21.41
CA PRO B 55 9.11 54.90 22.85
C PRO B 55 8.57 53.67 23.57
N GLU B 56 7.54 53.04 23.02
CA GLU B 56 6.95 51.83 23.65
C GLU B 56 7.53 50.49 23.17
N PHE B 57 8.11 50.48 21.97
CA PHE B 57 8.70 49.26 21.38
C PHE B 57 10.13 49.47 20.85
N PRO B 58 11.06 49.88 21.76
CA PRO B 58 12.38 50.33 21.33
C PRO B 58 13.16 49.24 20.61
N LYS B 59 12.97 47.98 21.04
CA LYS B 59 13.71 46.84 20.49
C LYS B 59 13.29 46.47 19.06
N GLN B 60 11.99 46.45 18.79
CA GLN B 60 11.49 46.19 17.44
C GLN B 60 11.83 47.35 16.53
N TYR B 61 11.68 48.56 17.04
CA TYR B 61 12.03 49.77 16.29
C TYR B 61 13.50 49.77 15.91
N ALA B 62 14.37 49.55 16.90
CA ALA B 62 15.80 49.43 16.66
C ALA B 62 16.03 48.49 15.49
N SER B 63 15.38 47.34 15.52
CA SER B 63 15.52 46.29 14.51
C SER B 63 14.96 46.74 13.16
N TYR B 64 13.83 47.45 13.18
CA TYR B 64 13.22 48.04 11.99
C TYR B 64 14.20 49.02 11.27
N GLU B 65 14.93 49.80 12.08
CA GLU B 65 15.91 50.73 11.55
C GLU B 65 17.06 50.05 10.80
N ARG B 66 17.30 48.77 11.06
CA ARG B 66 18.39 48.07 10.39
C ARG B 66 18.16 47.92 8.88
N ASN B 67 16.94 48.22 8.42
CA ASN B 67 16.66 48.36 6.99
C ASN B 67 17.33 49.54 6.29
N ASP B 68 17.91 50.44 7.07
CA ASP B 68 18.64 51.59 6.56
C ASP B 68 19.96 51.18 5.95
N GLU B 69 20.42 49.96 6.26
CA GLU B 69 21.66 49.45 5.68
C GLU B 69 21.46 49.20 4.21
N THR B 70 22.36 49.75 3.40
CA THR B 70 22.23 49.74 1.95
C THR B 70 23.60 49.58 1.25
N THR B 71 24.49 48.78 1.82
CA THR B 71 25.80 48.59 1.21
C THR B 71 26.19 47.11 1.00
N VAL B 72 25.48 46.22 1.69
CA VAL B 72 25.78 44.79 1.71
C VAL B 72 25.07 44.00 0.60
N MET B 73 25.85 43.20 -0.12
CA MET B 73 25.42 42.46 -1.30
C MET B 73 25.51 40.92 -1.04
N THR B 74 24.58 40.15 -1.58
CA THR B 74 24.75 38.69 -1.54
C THR B 74 25.17 38.19 -2.92
N GLU B 75 25.00 36.90 -3.22
CA GLU B 75 25.36 36.42 -4.54
C GLU B 75 24.49 37.06 -5.65
N TYR B 76 23.17 36.91 -5.52
CA TYR B 76 22.24 37.41 -6.53
C TYR B 76 21.45 38.60 -6.03
N LYS B 77 21.42 38.75 -4.71
CA LYS B 77 20.63 39.79 -4.10
C LYS B 77 21.47 40.72 -3.22
N GLY B 78 20.79 41.52 -2.40
CA GLY B 78 21.47 42.51 -1.55
C GLY B 78 20.59 43.72 -1.28
N SER B 79 21.22 44.81 -0.88
CA SER B 79 20.50 46.01 -0.51
C SER B 79 20.98 47.27 -1.25
N VAL B 80 21.82 47.09 -2.27
CA VAL B 80 22.24 48.20 -3.10
C VAL B 80 21.26 48.26 -4.26
N PRO B 81 20.58 49.40 -4.43
CA PRO B 81 19.53 49.54 -5.44
C PRO B 81 20.12 49.79 -6.83
N PHE B 82 21.01 48.90 -7.28
CA PHE B 82 21.58 48.98 -8.63
C PHE B 82 20.51 48.81 -9.74
N ASN B 83 20.85 49.23 -10.96
CA ASN B 83 19.90 49.15 -12.09
C ASN B 83 19.84 47.74 -12.66
N LYS B 84 18.72 47.06 -12.50
CA LYS B 84 18.64 45.62 -12.73
C LYS B 84 18.92 45.14 -14.17
N ASN B 85 19.12 46.10 -15.09
CA ASN B 85 19.43 45.78 -16.48
C ASN B 85 20.88 46.06 -16.88
N ASP B 86 21.72 46.30 -15.88
CA ASP B 86 23.10 46.77 -16.07
C ASP B 86 24.11 45.75 -15.58
N ASN B 87 24.53 44.85 -16.47
CA ASN B 87 25.69 44.00 -16.22
C ASN B 87 26.99 44.61 -16.73
N VAL B 88 26.97 45.90 -17.08
CA VAL B 88 28.13 46.59 -17.67
C VAL B 88 28.95 47.41 -16.65
N ASN B 89 28.29 48.34 -15.97
CA ASN B 89 28.95 49.17 -14.95
C ASN B 89 29.11 48.45 -13.58
N PRO B 90 30.00 48.97 -12.72
CA PRO B 90 30.08 48.37 -11.39
C PRO B 90 29.06 48.95 -10.41
N LEU B 91 28.98 48.36 -9.23
CA LEU B 91 28.18 48.88 -8.11
C LEU B 91 28.63 50.28 -7.76
N PRO B 92 27.68 51.20 -7.51
CA PRO B 92 26.22 50.96 -7.41
C PRO B 92 25.40 51.04 -8.71
N GLU B 93 26.03 51.32 -9.83
CA GLU B 93 25.31 51.43 -11.11
C GLU B 93 24.77 50.08 -11.58
N GLY B 94 25.69 49.12 -11.73
CA GLY B 94 25.42 47.83 -12.29
C GLY B 94 26.01 46.73 -11.44
N TYR B 95 25.87 45.51 -11.92
CA TYR B 95 26.24 44.34 -11.13
C TYR B 95 26.46 43.15 -12.07
N ARG B 96 27.44 42.31 -11.74
CA ARG B 96 27.77 41.12 -12.53
C ARG B 96 26.57 40.19 -12.84
N HIS B 97 25.58 40.15 -11.94
CA HIS B 97 24.32 39.41 -12.17
C HIS B 97 23.10 40.28 -12.48
N ALA B 98 22.96 40.66 -13.74
CA ALA B 98 21.88 41.56 -14.14
C ALA B 98 21.22 41.05 -15.41
N GLN B 99 20.08 41.66 -15.74
CA GLN B 99 19.31 41.29 -16.95
C GLN B 99 19.42 42.33 -18.10
N PRO B 100 20.34 42.12 -19.05
CA PRO B 100 20.71 43.18 -19.99
C PRO B 100 19.58 43.58 -20.92
N TYR B 101 18.59 42.72 -21.11
CA TYR B 101 17.50 42.95 -22.08
C TYR B 101 16.22 43.60 -21.54
N LEU B 102 16.18 43.84 -20.23
CA LEU B 102 14.99 44.40 -19.59
C LEU B 102 14.34 45.53 -20.38
N LYS B 103 15.11 46.57 -20.70
CA LYS B 103 14.61 47.75 -21.43
C LYS B 103 14.08 47.45 -22.83
N ASN B 104 14.69 46.50 -23.54
CA ASN B 104 14.12 46.01 -24.82
C ASN B 104 12.77 45.34 -24.63
N LEU B 105 12.67 44.46 -23.64
CA LEU B 105 11.44 43.71 -23.39
C LEU B 105 10.32 44.55 -22.79
N TRP B 106 10.66 45.70 -22.23
CA TRP B 106 9.64 46.58 -21.68
C TRP B 106 9.60 47.89 -22.45
N LEU B 107 9.96 47.83 -23.73
CA LEU B 107 9.90 48.99 -24.59
C LEU B 107 8.50 49.60 -24.53
N GLY B 108 8.46 50.93 -24.47
CA GLY B 108 7.20 51.66 -24.41
C GLY B 108 6.41 51.61 -23.11
N TYR B 109 6.98 50.99 -22.08
CA TYR B 109 6.30 50.86 -20.80
C TYR B 109 7.15 51.52 -19.72
N PRO B 110 6.53 52.08 -18.65
CA PRO B 110 7.33 52.86 -17.68
C PRO B 110 8.55 52.17 -17.13
N PHE B 111 8.49 50.84 -17.00
CA PHE B 111 9.63 50.08 -16.46
C PHE B 111 10.90 50.16 -17.32
N MET B 112 10.80 50.74 -18.52
CA MET B 112 11.94 50.88 -19.40
C MET B 112 12.73 52.12 -19.05
N TYR B 113 12.18 52.95 -18.19
CA TYR B 113 12.87 54.17 -17.79
C TYR B 113 13.82 53.93 -16.61
N GLU B 114 13.36 53.13 -15.66
CA GLU B 114 14.18 52.84 -14.50
C GLU B 114 13.58 51.67 -13.72
N TYR B 115 14.44 50.78 -13.24
CA TYR B 115 14.03 49.64 -12.47
C TYR B 115 15.21 49.20 -11.61
N ARG B 116 15.07 49.32 -10.29
CA ARG B 116 16.19 49.07 -9.37
C ARG B 116 15.95 47.90 -8.42
N GLU B 117 17.04 47.28 -7.96
CA GLU B 117 16.95 46.19 -6.99
C GLU B 117 16.22 46.74 -5.77
N ALA B 118 15.23 45.99 -5.29
CA ALA B 118 14.49 46.38 -4.10
C ALA B 118 15.41 46.41 -2.87
N ARG B 119 15.21 47.42 -2.00
CA ARG B 119 15.94 47.56 -0.73
C ARG B 119 15.00 47.77 0.44
N GLY B 120 15.58 47.93 1.63
CA GLY B 120 14.85 48.06 2.90
C GLY B 120 13.58 48.90 2.94
N HIS B 121 12.63 48.49 3.78
CA HIS B 121 11.31 49.14 3.87
C HIS B 121 11.35 50.63 4.17
N THR B 122 12.32 51.05 4.97
CA THR B 122 12.52 52.46 5.35
C THR B 122 12.82 53.40 4.17
N TYR B 123 13.26 52.83 3.05
CA TYR B 123 13.56 53.63 1.87
C TYR B 123 12.38 53.77 0.93
N ALA B 124 11.34 52.96 1.10
CA ALA B 124 10.26 52.87 0.13
C ALA B 124 9.72 54.18 -0.45
N ILE B 125 9.37 55.15 0.38
CA ILE B 125 8.84 56.43 -0.13
C ILE B 125 9.90 57.24 -0.86
N GLN B 126 11.09 57.37 -0.28
CA GLN B 126 12.23 58.00 -0.95
C GLN B 126 12.45 57.47 -2.38
N ASP B 127 12.46 56.16 -2.56
CA ASP B 127 12.73 55.58 -3.86
C ASP B 127 11.56 55.76 -4.85
N PHE B 128 10.36 55.88 -4.30
CA PHE B 128 9.15 56.11 -5.05
C PHE B 128 9.20 57.52 -5.64
N LEU B 129 9.64 58.46 -4.80
CA LEU B 129 9.83 59.86 -5.18
C LEU B 129 11.09 60.14 -6.02
N HIS B 130 11.99 59.17 -6.16
N HIS B 130 12.01 59.17 -6.09
CA HIS B 130 13.02 59.36 -7.18
CA HIS B 130 13.16 59.22 -6.99
C HIS B 130 12.91 58.60 -8.48
C HIS B 130 12.87 58.65 -8.41
N ILE B 131 12.09 57.57 -8.50
CA ILE B 131 11.98 56.72 -9.71
C ILE B 131 11.57 57.55 -10.93
N ASP B 132 12.12 57.21 -12.10
CA ASP B 132 11.83 57.92 -13.36
C ASP B 132 10.61 57.28 -14.08
N ARG B 133 10.08 56.21 -13.51
CA ARG B 133 8.86 55.60 -14.03
C ARG B 133 7.65 56.50 -13.84
N ILE B 134 7.65 57.31 -12.78
CA ILE B 134 6.63 58.34 -12.60
C ILE B 134 7.10 59.59 -13.34
N ASN B 135 6.21 60.18 -14.15
CA ASN B 135 6.56 61.39 -14.90
C ASN B 135 6.87 62.52 -13.92
N ARG B 136 8.08 63.06 -14.01
CA ARG B 136 8.51 64.19 -13.20
C ARG B 136 8.70 65.41 -14.08
N TYR B 137 8.41 65.26 -15.38
CA TYR B 137 8.61 66.36 -16.33
C TYR B 137 7.28 67.00 -16.75
N ALA B 138 6.21 66.61 -16.08
CA ALA B 138 4.91 67.22 -16.25
C ALA B 138 4.26 67.38 -14.88
N GLU B 139 3.11 68.04 -14.86
CA GLU B 139 2.35 68.15 -13.63
C GLU B 139 1.84 66.77 -13.26
N LYS B 140 1.23 66.11 -14.23
CA LYS B 140 0.66 64.80 -14.02
C LYS B 140 1.68 63.66 -14.21
N GLY B 141 1.82 62.81 -13.20
CA GLY B 141 2.70 61.64 -13.26
C GLY B 141 2.35 60.62 -14.33
N GLY B 142 1.14 60.70 -14.89
CA GLY B 142 0.71 59.76 -15.93
C GLY B 142 0.39 58.37 -15.42
N LEU B 143 0.42 58.20 -14.10
CA LEU B 143 0.10 56.92 -13.45
C LEU B 143 -0.87 57.19 -12.30
N PRO B 144 -1.66 56.15 -11.92
CA PRO B 144 -2.73 56.26 -10.94
C PRO B 144 -2.22 56.37 -9.49
N ALA B 145 -3.02 57.02 -8.65
CA ALA B 145 -2.77 57.10 -7.21
C ALA B 145 -2.63 55.74 -6.54
N THR B 146 -3.14 54.71 -7.20
CA THR B 146 -2.95 53.32 -6.76
C THR B 146 -1.48 52.93 -6.50
N CYS B 147 -0.54 53.59 -7.14
CA CYS B 147 0.89 53.35 -6.88
C CYS B 147 1.30 53.53 -5.41
N TRP B 148 0.62 54.40 -4.69
CA TRP B 148 0.80 54.56 -3.25
C TRP B 148 0.29 53.35 -2.45
N ASN B 149 -0.58 52.52 -3.07
CA ASN B 149 -1.25 51.41 -2.39
C ASN B 149 -0.36 50.54 -1.52
N CYS B 150 0.88 50.33 -1.95
CA CYS B 150 1.80 49.49 -1.19
C CYS B 150 3.02 50.21 -0.71
N LYS B 151 2.91 51.52 -0.48
CA LYS B 151 4.06 52.30 -0.05
C LYS B 151 3.94 53.04 1.30
N THR B 152 2.72 53.12 1.85
CA THR B 152 2.47 53.98 3.01
C THR B 152 1.15 53.71 3.77
N PRO B 153 1.20 53.70 5.11
CA PRO B 153 -0.02 53.66 5.92
C PRO B 153 -0.86 54.94 5.84
N LYS B 154 -0.55 55.79 4.88
CA LYS B 154 -1.34 56.97 4.66
C LYS B 154 -2.55 56.52 3.83
N MET B 155 -2.40 55.42 3.10
CA MET B 155 -3.49 54.84 2.32
C MET B 155 -4.84 54.85 3.04
N MET B 156 -4.84 54.51 4.33
CA MET B 156 -6.11 54.42 5.05
C MET B 156 -6.86 55.75 5.10
N GLU B 157 -6.20 56.84 5.50
CA GLU B 157 -6.81 58.17 5.53
C GLU B 157 -7.33 58.56 4.16
N TRP B 158 -6.44 58.45 3.18
CA TRP B 158 -6.73 58.76 1.80
C TRP B 158 -7.95 58.02 1.24
N VAL B 159 -8.07 56.74 1.57
CA VAL B 159 -9.21 55.94 1.10
C VAL B 159 -10.45 56.34 1.89
N LYS B 160 -10.27 56.63 3.17
CA LYS B 160 -11.37 57.13 4.00
C LYS B 160 -11.88 58.49 3.49
N GLU B 161 -10.94 59.31 3.01
CA GLU B 161 -11.23 60.65 2.60
C GLU B 161 -11.89 60.73 1.23
N SER B 162 -11.51 59.84 0.32
CA SER B 162 -11.97 59.92 -1.09
C SER B 162 -12.70 58.68 -1.65
N GLY B 163 -12.84 57.64 -0.82
CA GLY B 163 -13.54 56.42 -1.20
C GLY B 163 -13.08 55.81 -2.50
N ASP B 164 -14.04 55.37 -3.31
CA ASP B 164 -13.79 54.80 -4.64
C ASP B 164 -13.01 55.73 -5.56
N GLY B 165 -13.11 57.02 -5.27
CA GLY B 165 -12.54 58.04 -6.15
C GLY B 165 -11.06 58.25 -6.00
N PHE B 166 -10.47 57.67 -4.97
CA PHE B 166 -9.04 57.83 -4.74
C PHE B 166 -8.18 57.30 -5.89
N TRP B 167 -8.39 56.03 -6.27
CA TRP B 167 -7.47 55.31 -7.13
C TRP B 167 -7.17 55.99 -8.46
N ALA B 168 -8.14 56.71 -9.01
CA ALA B 168 -8.01 57.16 -10.39
C ALA B 168 -7.41 58.56 -10.51
N LYS B 169 -7.11 59.17 -9.35
CA LYS B 169 -6.43 60.47 -9.30
C LYS B 169 -5.02 60.26 -9.80
N ASP B 170 -4.35 61.35 -10.20
CA ASP B 170 -2.94 61.26 -10.60
C ASP B 170 -2.03 60.96 -9.40
N VAL B 171 -0.91 60.27 -9.62
CA VAL B 171 -0.08 59.91 -8.48
C VAL B 171 0.59 61.12 -7.84
N ASN B 172 0.91 62.12 -8.65
CA ASN B 172 1.65 63.30 -8.15
C ASN B 172 0.89 64.10 -7.09
N GLU B 173 -0.41 63.87 -6.98
CA GLU B 173 -1.28 64.70 -6.16
C GLU B 173 -0.92 64.61 -4.68
N PHE B 174 -0.32 63.49 -4.30
CA PHE B 174 -0.01 63.24 -2.89
C PHE B 174 1.48 63.34 -2.63
N ARG B 175 2.23 63.47 -3.70
CA ARG B 175 3.69 63.58 -3.68
C ARG B 175 4.27 64.46 -2.52
N ASP B 176 3.63 65.58 -2.23
CA ASP B 176 4.11 66.46 -1.19
C ASP B 176 3.30 66.36 0.11
N LYS B 177 2.32 65.47 0.12
CA LYS B 177 1.35 65.39 1.21
C LYS B 177 1.64 64.19 2.10
N ILE B 178 2.93 63.93 2.26
CA ILE B 178 3.40 62.74 2.99
C ILE B 178 4.79 63.03 3.61
N ASP B 179 5.06 62.45 4.78
CA ASP B 179 6.39 62.57 5.39
C ASP B 179 7.20 61.33 5.03
N MET B 180 8.29 61.53 4.32
CA MET B 180 9.10 60.46 3.72
C MET B 180 9.61 59.43 4.74
N LYS B 181 9.97 59.90 5.92
CA LYS B 181 10.53 59.02 6.95
C LYS B 181 9.44 58.49 7.92
N ASP B 182 8.54 59.36 8.36
CA ASP B 182 7.51 58.93 9.30
C ASP B 182 6.33 58.18 8.71
N HIS B 183 6.11 58.28 7.41
CA HIS B 183 4.97 57.58 6.83
C HIS B 183 5.32 56.43 5.87
N THR B 184 6.54 55.90 5.89
CA THR B 184 6.84 54.74 5.04
C THR B 184 6.28 53.49 5.68
N ILE B 185 6.35 52.40 4.90
CA ILE B 185 5.84 51.07 5.26
C ILE B 185 6.14 50.62 6.68
N GLY B 186 5.59 51.32 7.67
CA GLY B 186 5.92 51.05 9.07
C GLY B 186 4.85 50.30 9.83
N CYS B 187 4.99 50.30 11.14
CA CYS B 187 4.19 49.50 12.05
C CYS B 187 2.72 49.45 11.76
N ALA B 188 2.14 50.59 11.41
CA ALA B 188 0.70 50.68 11.21
C ALA B 188 0.23 49.86 10.00
N THR B 189 1.15 49.49 9.11
CA THR B 189 0.77 48.70 7.97
C THR B 189 0.39 47.29 8.39
N CYS B 190 0.95 46.83 9.49
CA CYS B 190 0.70 45.45 9.95
C CYS B 190 0.12 45.30 11.37
N HIS B 191 0.24 46.35 12.18
CA HIS B 191 -0.19 46.28 13.56
C HIS B 191 -1.31 47.25 13.82
N ASP B 192 -2.33 46.79 14.53
CA ASP B 192 -3.33 47.68 15.13
C ASP B 192 -2.57 48.57 16.11
N PRO B 193 -2.74 49.89 16.01
CA PRO B 193 -1.94 50.81 16.81
C PRO B 193 -2.15 50.68 18.33
N GLN B 194 -3.31 50.22 18.77
CA GLN B 194 -3.62 50.15 20.21
C GLN B 194 -3.21 48.84 20.84
N THR B 195 -3.58 47.71 20.22
CA THR B 195 -3.35 46.37 20.79
C THR B 195 -2.06 45.70 20.29
N MET B 196 -1.57 46.17 19.14
CA MET B 196 -0.42 45.58 18.41
C MET B 196 -0.68 44.21 17.74
N GLU B 197 -1.95 43.79 17.77
CA GLU B 197 -2.42 42.60 17.03
C GLU B 197 -2.07 42.73 15.55
N LEU B 198 -1.72 41.61 14.94
CA LEU B 198 -1.47 41.58 13.52
C LEU B 198 -2.73 41.96 12.75
N ARG B 199 -2.54 42.66 11.64
CA ARG B 199 -3.65 43.33 10.96
C ARG B 199 -3.52 43.35 9.46
N ILE B 200 -4.65 43.31 8.75
CA ILE B 200 -4.59 43.48 7.31
C ILE B 200 -5.25 44.79 6.88
N THR B 201 -4.38 45.72 6.47
CA THR B 201 -4.80 47.05 6.03
C THR B 201 -4.99 47.17 4.53
N SER B 202 -4.45 46.22 3.76
CA SER B 202 -4.61 46.25 2.29
C SER B 202 -6.05 46.03 1.80
N VAL B 203 -6.48 46.85 0.85
CA VAL B 203 -7.84 46.70 0.31
C VAL B 203 -7.93 45.55 -0.69
N PRO B 204 -6.96 45.44 -1.63
CA PRO B 204 -7.01 44.33 -2.58
C PRO B 204 -6.91 42.94 -1.93
N LEU B 205 -6.12 42.81 -0.85
CA LEU B 205 -6.00 41.50 -0.16
C LEU B 205 -7.24 41.14 0.64
N THR B 206 -7.85 42.17 1.21
CA THR B 206 -9.12 42.05 1.90
C THR B 206 -10.22 41.59 0.94
N ASP B 207 -10.27 42.17 -0.26
CA ASP B 207 -11.18 41.74 -1.33
C ASP B 207 -11.05 40.27 -1.68
N TYR B 208 -9.81 39.79 -1.83
CA TYR B 208 -9.57 38.40 -2.16
C TYR B 208 -10.03 37.52 -1.00
N LEU B 209 -9.62 37.89 0.21
CA LEU B 209 -9.99 37.10 1.38
C LEU B 209 -11.50 36.95 1.46
N VAL B 210 -12.20 38.05 1.31
CA VAL B 210 -13.64 38.05 1.37
C VAL B 210 -14.22 37.13 0.25
N SER B 211 -13.60 37.15 -0.92
CA SER B 211 -14.09 36.32 -2.04
C SER B 211 -13.93 34.84 -1.75
N GLN B 212 -13.00 34.50 -0.86
CA GLN B 212 -12.85 33.11 -0.42
C GLN B 212 -13.75 32.75 0.79
N GLY B 213 -14.49 33.71 1.33
CA GLY B 213 -15.27 33.45 2.52
C GLY B 213 -14.46 33.50 3.82
N LYS B 214 -13.32 34.16 3.77
CA LYS B 214 -12.47 34.24 4.96
C LYS B 214 -12.65 35.55 5.70
N ASP B 215 -12.46 35.54 7.01
CA ASP B 215 -12.59 36.78 7.78
C ASP B 215 -11.24 37.36 8.20
N PRO B 216 -10.78 38.47 7.55
CA PRO B 216 -9.40 38.98 7.78
C PRO B 216 -9.07 39.26 9.27
N LYS B 217 -10.08 39.62 10.06
CA LYS B 217 -9.94 39.80 11.49
C LYS B 217 -9.78 38.48 12.28
N LYS B 218 -10.24 37.37 11.71
CA LYS B 218 -10.24 36.10 12.43
C LYS B 218 -9.37 35.03 11.79
N LEU B 219 -8.18 35.41 11.34
CA LEU B 219 -7.29 34.44 10.68
C LEU B 219 -6.27 33.85 11.66
N PRO B 220 -5.87 32.58 11.48
CA PRO B 220 -4.94 31.98 12.48
C PRO B 220 -3.55 32.58 12.40
N ARG B 221 -2.86 32.64 13.54
CA ARG B 221 -1.53 33.26 13.60
C ARG B 221 -0.61 32.89 12.41
N ASN B 222 -0.50 31.58 12.14
CA ASN B 222 0.39 31.11 11.08
C ASN B 222 0.04 31.70 9.72
N GLU B 223 -1.24 31.72 9.40
CA GLU B 223 -1.66 32.33 8.15
C GLU B 223 -1.25 33.80 8.02
N MET B 224 -1.33 34.53 9.14
CA MET B 224 -1.02 35.98 9.19
C MET B 224 0.46 36.29 9.04
N ARG B 225 1.29 35.39 9.56
CA ARG B 225 2.74 35.52 9.42
C ARG B 225 3.16 35.47 7.96
N ALA B 226 2.28 35.02 7.08
CA ALA B 226 2.51 35.13 5.63
C ALA B 226 1.72 36.30 5.05
N LEU B 227 0.43 36.31 5.33
CA LEU B 227 -0.46 37.32 4.78
C LEU B 227 0.02 38.78 4.92
N VAL B 228 0.63 39.13 6.08
CA VAL B 228 1.10 40.51 6.30
C VAL B 228 2.05 40.99 5.19
N CYS B 229 2.94 40.10 4.73
CA CYS B 229 3.76 40.32 3.55
C CYS B 229 2.92 40.22 2.30
N GLY B 230 1.97 39.28 2.30
CA GLY B 230 1.08 39.04 1.17
C GLY B 230 0.22 40.24 0.83
N GLN B 231 0.33 41.30 1.66
CA GLN B 231 -0.32 42.57 1.34
C GLN B 231 0.30 43.34 0.16
N CYS B 232 1.62 43.22 -0.02
CA CYS B 232 2.28 43.92 -1.10
C CYS B 232 3.10 43.05 -2.03
N HIS B 233 3.72 42.00 -1.52
CA HIS B 233 4.64 41.25 -2.37
C HIS B 233 3.96 40.24 -3.29
N VAL B 234 3.20 40.76 -4.24
CA VAL B 234 2.32 39.94 -5.10
C VAL B 234 2.32 40.48 -6.51
N GLU B 235 1.73 39.72 -7.44
CA GLU B 235 1.37 40.25 -8.76
C GLU B 235 0.02 40.93 -8.68
N TYR B 236 -0.07 42.14 -9.24
CA TYR B 236 -1.27 43.00 -9.17
C TYR B 236 -1.62 43.54 -10.57
N TYR B 237 -2.84 44.06 -10.72
CA TYR B 237 -3.22 44.88 -11.86
C TYR B 237 -4.18 45.97 -11.40
N PHE B 238 -4.31 47.03 -12.21
CA PHE B 238 -5.35 48.07 -11.99
C PHE B 238 -6.57 47.80 -12.85
N ASN B 239 -7.78 48.05 -12.34
CA ASN B 239 -8.98 48.03 -13.17
C ASN B 239 -8.94 49.14 -14.24
N GLY B 240 -9.28 48.77 -15.48
CA GLY B 240 -9.49 49.75 -16.54
C GLY B 240 -10.92 50.28 -16.43
N PRO B 241 -11.23 51.39 -17.12
CA PRO B 241 -12.48 52.15 -16.82
C PRO B 241 -13.78 51.32 -16.84
N THR B 242 -13.80 50.21 -17.57
CA THR B 242 -15.02 49.40 -17.74
C THR B 242 -15.03 48.13 -16.84
N MET B 243 -13.96 47.92 -16.09
CA MET B 243 -13.80 46.71 -15.29
C MET B 243 -14.32 46.82 -13.87
N GLY B 244 -14.92 47.96 -13.55
CA GLY B 244 -15.39 48.21 -12.19
C GLY B 244 -14.81 49.52 -11.71
N VAL B 245 -14.49 49.60 -10.42
CA VAL B 245 -13.91 50.82 -9.87
C VAL B 245 -12.59 51.10 -10.59
N ASN B 246 -12.50 52.29 -11.18
CA ASN B 246 -11.43 52.62 -12.13
C ASN B 246 -10.07 52.80 -11.46
N LYS B 247 -9.08 52.10 -12.02
CA LYS B 247 -7.72 52.03 -11.47
C LYS B 247 -7.56 51.28 -10.13
N LYS B 248 -8.64 50.67 -9.61
CA LYS B 248 -8.59 49.95 -8.33
C LYS B 248 -7.70 48.71 -8.41
N PRO B 249 -6.84 48.50 -7.40
CA PRO B 249 -5.95 47.33 -7.39
C PRO B 249 -6.69 45.98 -7.21
N VAL B 250 -6.27 44.98 -7.99
CA VAL B 250 -6.83 43.63 -7.90
C VAL B 250 -5.71 42.61 -8.08
N PHE B 251 -5.79 41.50 -7.36
CA PHE B 251 -4.81 40.42 -7.50
C PHE B 251 -5.44 39.36 -8.34
N PRO B 252 -4.79 38.92 -9.43
CA PRO B 252 -5.46 37.98 -10.35
C PRO B 252 -5.39 36.54 -9.85
N TRP B 253 -6.10 36.24 -8.76
CA TRP B 253 -5.88 34.99 -8.00
C TRP B 253 -7.04 34.02 -8.06
N ALA B 254 -8.09 34.40 -8.76
CA ALA B 254 -9.34 33.63 -8.82
C ALA B 254 -9.17 32.33 -9.59
N GLU B 255 -8.12 32.21 -10.41
CA GLU B 255 -7.91 30.98 -11.15
C GLU B 255 -6.86 30.07 -10.51
N GLY B 256 -6.16 30.60 -9.49
CA GLY B 256 -5.08 29.88 -8.82
C GLY B 256 -3.87 30.80 -8.80
N PHE B 257 -2.76 30.31 -8.21
CA PHE B 257 -1.54 31.10 -7.93
C PHE B 257 -0.38 30.91 -8.91
N ASP B 258 -0.49 29.95 -9.82
CA ASP B 258 0.59 29.65 -10.78
C ASP B 258 0.49 30.45 -12.09
N PRO B 259 1.61 30.62 -12.79
CA PRO B 259 1.63 31.36 -14.04
C PRO B 259 0.51 30.95 -14.97
N ALA B 260 0.35 29.66 -15.23
CA ALA B 260 -0.74 29.15 -16.07
C ALA B 260 -2.10 29.67 -15.62
N ASP B 261 -2.33 29.70 -14.30
CA ASP B 261 -3.62 30.15 -13.74
C ASP B 261 -3.78 31.64 -13.97
N MET B 262 -2.75 32.38 -13.59
CA MET B 262 -2.82 33.81 -13.70
C MET B 262 -3.06 34.15 -15.16
N TYR B 263 -2.38 33.46 -16.07
CA TYR B 263 -2.54 33.75 -17.50
C TYR B 263 -3.99 33.49 -18.00
N ARG B 264 -4.58 32.39 -17.53
CA ARG B 264 -6.00 32.09 -17.77
C ARG B 264 -6.87 33.20 -17.17
N TYR B 265 -6.54 33.66 -15.97
CA TYR B 265 -7.26 34.77 -15.36
C TYR B 265 -7.33 35.97 -16.34
N TYR B 266 -6.19 36.34 -16.92
CA TYR B 266 -6.06 37.46 -17.85
C TYR B 266 -6.63 37.24 -19.27
N ASP B 267 -7.00 35.99 -19.60
CA ASP B 267 -7.76 35.69 -20.83
C ASP B 267 -9.21 36.14 -20.71
N LYS B 268 -9.72 36.20 -19.48
CA LYS B 268 -11.15 36.36 -19.18
C LYS B 268 -11.50 37.67 -18.47
N HIS B 269 -10.49 38.37 -17.97
CA HIS B 269 -10.73 39.65 -17.30
C HIS B 269 -9.86 40.68 -17.99
N GLY B 270 -10.46 41.76 -18.51
CA GLY B 270 -9.74 42.72 -19.35
C GLY B 270 -10.65 43.50 -20.29
N ASP B 271 -10.05 44.35 -21.13
CA ASP B 271 -10.76 45.38 -21.89
C ASP B 271 -10.29 45.52 -23.35
N LEU B 272 -9.25 44.77 -23.73
CA LEU B 272 -8.76 44.79 -25.11
C LEU B 272 -9.86 44.60 -26.16
N GLN B 273 -9.80 45.43 -27.19
CA GLN B 273 -10.72 45.34 -28.31
C GLN B 273 -10.02 44.85 -29.60
N VAL B 274 -8.70 44.68 -29.53
CA VAL B 274 -7.88 44.23 -30.67
C VAL B 274 -8.27 42.83 -31.10
N LYS B 275 -8.45 42.64 -32.41
CA LYS B 275 -8.89 41.37 -32.98
C LYS B 275 -8.04 40.21 -32.48
N GLY B 276 -8.69 39.16 -31.98
CA GLY B 276 -7.98 37.99 -31.46
C GLY B 276 -7.49 38.12 -30.02
N PHE B 277 -7.74 39.27 -29.39
CA PHE B 277 -7.42 39.47 -27.98
C PHE B 277 -8.60 40.05 -27.21
N GLU B 278 -9.78 40.02 -27.83
CA GLU B 278 -11.00 40.63 -27.25
C GLU B 278 -11.30 40.15 -25.82
N GLY B 279 -11.42 41.09 -24.88
CA GLY B 279 -11.80 40.74 -23.53
C GLY B 279 -10.60 40.46 -22.64
N LYS B 280 -9.42 40.30 -23.25
CA LYS B 280 -8.17 40.04 -22.52
C LYS B 280 -7.57 41.31 -21.90
N PHE B 281 -6.76 41.14 -20.85
CA PHE B 281 -6.17 42.26 -20.15
C PHE B 281 -4.81 42.52 -20.74
N ALA B 282 -4.41 43.78 -20.75
CA ALA B 282 -3.07 44.18 -21.19
C ALA B 282 -2.63 45.41 -20.42
N ASP B 283 -1.36 45.42 -20.05
CA ASP B 283 -0.78 46.56 -19.35
C ASP B 283 -0.31 47.60 -20.37
N TRP B 284 0.14 47.13 -21.53
CA TRP B 284 0.60 47.97 -22.66
C TRP B 284 0.86 47.10 -23.90
N THR B 285 0.96 47.73 -25.07
CA THR B 285 1.31 47.04 -26.29
C THR B 285 2.75 47.33 -26.66
N HIS B 286 3.49 46.29 -26.97
CA HIS B 286 4.88 46.47 -27.34
C HIS B 286 4.90 47.18 -28.68
N PRO B 287 5.56 48.35 -28.75
CA PRO B 287 5.53 49.20 -29.94
C PRO B 287 6.23 48.57 -31.15
N ALA B 288 7.16 47.64 -30.91
CA ALA B 288 7.89 46.98 -31.98
C ALA B 288 7.10 45.80 -32.60
N SER B 289 6.57 44.94 -31.75
CA SER B 289 5.92 43.70 -32.17
C SER B 289 4.40 43.82 -32.19
N LYS B 290 3.90 44.92 -31.60
CA LYS B 290 2.47 45.18 -31.51
C LYS B 290 1.78 44.08 -30.68
N THR B 291 2.52 43.50 -29.75
CA THR B 291 1.94 42.47 -28.88
C THR B 291 1.31 43.10 -27.64
N PRO B 292 0.00 42.86 -27.43
CA PRO B 292 -0.63 43.25 -26.19
C PRO B 292 -0.07 42.46 -25.02
N MET B 293 0.65 43.14 -24.14
CA MET B 293 1.46 42.53 -23.09
C MET B 293 0.81 42.54 -21.71
N ILE B 294 1.29 41.63 -20.86
CA ILE B 294 0.99 41.67 -19.45
C ILE B 294 2.28 41.96 -18.69
N LYS B 295 2.24 42.86 -17.72
CA LYS B 295 3.37 43.00 -16.80
C LYS B 295 3.14 42.17 -15.53
N ALA B 296 4.15 41.36 -15.18
CA ALA B 296 4.16 40.68 -13.88
C ALA B 296 4.99 41.47 -12.85
N GLN B 297 4.52 41.51 -11.62
CA GLN B 297 5.30 42.16 -10.55
C GLN B 297 5.52 41.19 -9.40
N HIS B 298 6.74 41.19 -8.88
CA HIS B 298 7.08 40.49 -7.62
C HIS B 298 6.01 39.52 -7.03
N PRO B 299 5.86 38.33 -7.60
CA PRO B 299 4.84 37.49 -7.00
C PRO B 299 5.45 36.54 -5.96
N GLU B 300 6.09 37.11 -4.93
CA GLU B 300 6.68 36.29 -3.86
C GLU B 300 5.62 35.44 -3.16
N TYR B 301 4.45 36.00 -2.94
CA TYR B 301 3.46 35.30 -2.17
C TYR B 301 2.94 34.12 -2.97
N GLU B 302 2.51 34.38 -4.23
CA GLU B 302 2.01 33.33 -5.13
C GLU B 302 3.08 32.30 -5.48
N THR B 303 4.35 32.72 -5.48
CA THR B 303 5.47 31.81 -5.69
C THR B 303 5.68 30.95 -4.45
N TRP B 304 5.67 31.55 -3.27
CA TRP B 304 5.99 30.85 -2.01
C TRP B 304 4.94 29.81 -1.58
N ILE B 305 3.67 30.08 -1.88
CA ILE B 305 2.54 29.33 -1.28
C ILE B 305 2.57 27.84 -1.57
N ASN B 306 2.98 27.44 -2.78
CA ASN B 306 3.01 26.03 -3.14
C ASN B 306 4.41 25.48 -3.40
N GLY B 307 5.43 26.25 -3.05
CA GLY B 307 6.79 25.73 -3.02
C GLY B 307 7.02 24.90 -1.78
N THR B 308 8.19 24.27 -1.72
CA THR B 308 8.50 23.35 -0.63
C THR B 308 8.41 23.91 0.81
N HIS B 309 8.77 25.16 1.03
CA HIS B 309 8.61 25.77 2.36
C HIS B 309 7.15 26.19 2.68
N GLY B 310 6.55 26.97 1.78
CA GLY B 310 5.18 27.43 1.96
C GLY B 310 4.17 26.31 2.12
N ALA B 311 4.19 25.32 1.23
CA ALA B 311 3.29 24.18 1.37
C ALA B 311 3.43 23.52 2.74
N ALA B 312 4.59 23.67 3.38
CA ALA B 312 4.81 23.09 4.72
C ALA B 312 4.42 24.03 5.85
N GLY B 313 4.00 25.25 5.50
CA GLY B 313 3.57 26.23 6.49
C GLY B 313 4.70 27.02 7.13
N VAL B 314 5.90 26.96 6.54
CA VAL B 314 7.00 27.81 6.95
C VAL B 314 6.79 29.15 6.31
N THR B 315 6.46 30.14 7.12
CA THR B 315 6.03 31.47 6.65
C THR B 315 7.21 32.41 6.42
N CYS B 316 6.97 33.47 5.64
CA CYS B 316 7.97 34.49 5.43
C CYS B 316 8.63 34.93 6.72
N ALA B 317 7.82 35.05 7.78
CA ALA B 317 8.29 35.44 9.10
C ALA B 317 9.30 34.50 9.69
N ASP B 318 9.14 33.19 9.42
CA ASP B 318 10.12 32.19 9.93
C ASP B 318 11.51 32.53 9.41
N CYS B 319 11.59 32.99 8.16
CA CYS B 319 12.88 33.23 7.51
C CYS B 319 13.37 34.66 7.52
N HIS B 320 12.43 35.58 7.37
CA HIS B 320 12.75 36.97 7.20
C HIS B 320 12.57 37.73 8.51
N MET B 321 11.86 37.10 9.46
CA MET B 321 11.61 37.72 10.78
C MET B 321 11.86 36.78 11.96
N SER B 322 12.98 36.06 11.93
CA SER B 322 13.21 35.02 12.94
C SER B 322 13.58 35.65 14.27
N TYR B 323 13.37 34.87 15.32
CA TYR B 323 13.54 35.39 16.65
C TYR B 323 15.00 35.72 16.95
N THR B 324 15.20 36.80 17.68
CA THR B 324 16.52 37.27 17.98
C THR B 324 16.58 37.77 19.42
N ARG B 325 17.66 37.40 20.12
CA ARG B 325 17.81 37.70 21.54
C ARG B 325 18.79 38.87 21.73
N SER B 326 19.44 39.28 20.63
CA SER B 326 20.41 40.40 20.54
C SER B 326 20.37 41.40 21.69
N ASP B 327 19.15 41.89 21.97
CA ASP B 327 18.92 42.90 22.99
C ASP B 327 18.64 42.31 24.38
N ASP B 328 19.50 42.69 25.33
CA ASP B 328 19.20 42.54 26.76
C ASP B 328 19.30 41.07 27.22
N LYS B 329 18.30 40.28 26.81
CA LYS B 329 18.23 38.82 27.00
C LYS B 329 16.86 38.33 26.50
N LYS B 330 16.09 39.27 25.94
CA LYS B 330 14.71 38.99 25.59
C LYS B 330 14.52 38.81 24.07
N LYS B 331 13.88 37.71 23.67
CA LYS B 331 13.65 37.45 22.26
C LYS B 331 12.45 38.18 21.69
N ILE B 332 12.73 38.90 20.60
CA ILE B 332 11.76 39.62 19.81
C ILE B 332 11.91 39.10 18.38
N SER B 333 10.88 39.30 17.54
CA SER B 333 10.99 38.98 16.11
C SER B 333 11.79 40.08 15.44
N SER B 334 12.80 39.69 14.66
CA SER B 334 13.59 40.66 13.90
C SER B 334 12.68 41.42 12.93
N HIS B 335 12.84 42.74 12.88
CA HIS B 335 12.04 43.56 11.96
C HIS B 335 12.96 44.12 10.88
N TRP B 336 14.08 43.42 10.71
CA TRP B 336 15.01 43.62 9.60
C TRP B 336 14.66 42.63 8.47
N TRP B 337 13.89 43.14 7.51
CA TRP B 337 13.47 42.46 6.29
C TRP B 337 14.49 42.73 5.18
N THR B 338 15.22 41.68 4.85
CA THR B 338 16.40 41.75 4.00
C THR B 338 16.71 40.31 3.58
N SER B 339 17.83 40.08 2.89
CA SER B 339 18.22 38.72 2.51
C SER B 339 18.67 37.88 3.72
N PRO B 340 18.07 36.69 3.92
CA PRO B 340 18.52 35.77 4.99
C PRO B 340 19.98 35.33 4.83
N MET B 341 20.54 35.56 3.64
CA MET B 341 21.88 35.12 3.23
C MET B 341 22.96 36.12 3.58
N LYS B 342 22.58 37.27 4.10
CA LYS B 342 23.55 38.22 4.64
C LYS B 342 24.30 37.64 5.84
N ASP B 343 23.66 36.69 6.53
CA ASP B 343 24.16 36.18 7.80
C ASP B 343 25.11 35.00 7.63
N PRO B 344 26.38 35.20 8.02
CA PRO B 344 27.39 34.16 7.92
C PRO B 344 27.00 32.88 8.65
N GLU B 345 26.10 33.00 9.64
CA GLU B 345 25.77 31.87 10.48
C GLU B 345 24.43 31.24 10.14
N MET B 346 23.73 31.83 9.18
CA MET B 346 22.38 31.39 8.74
C MET B 346 21.46 31.08 9.93
N ARG B 347 21.71 31.79 11.03
CA ARG B 347 21.05 31.57 12.31
C ARG B 347 19.55 31.28 12.13
N ALA B 348 18.92 31.95 11.17
CA ALA B 348 17.48 31.82 10.99
C ALA B 348 17.07 30.41 10.54
N CYS B 349 17.80 29.87 9.56
CA CYS B 349 17.49 28.56 9.00
C CYS B 349 17.72 27.50 10.04
N ARG B 350 18.70 27.77 10.89
CA ARG B 350 19.22 26.73 11.76
C ARG B 350 18.38 26.50 13.02
N GLN B 351 17.33 27.31 13.19
CA GLN B 351 16.28 26.99 14.15
C GLN B 351 15.60 25.70 13.73
N CYS B 352 15.62 25.43 12.43
CA CYS B 352 15.05 24.19 11.93
C CYS B 352 16.19 23.28 11.52
N HIS B 353 16.91 23.66 10.47
CA HIS B 353 17.96 22.83 9.92
C HIS B 353 19.21 22.81 10.82
N SER B 354 19.02 22.54 12.11
CA SER B 354 20.13 22.56 13.06
C SER B 354 21.26 21.52 12.79
N ASP B 355 20.96 20.49 12.00
CA ASP B 355 21.95 19.49 11.62
C ASP B 355 22.84 19.93 10.44
N LYS B 356 22.46 20.98 9.75
CA LYS B 356 23.24 21.45 8.60
C LYS B 356 24.16 22.59 8.99
N THR B 357 25.33 22.66 8.33
CA THR B 357 26.22 23.80 8.55
C THR B 357 25.72 24.97 7.71
N PRO B 358 26.08 26.20 8.11
CA PRO B 358 25.79 27.41 7.30
C PRO B 358 26.28 27.34 5.82
N ASP B 359 27.51 26.89 5.60
CA ASP B 359 28.01 26.74 4.22
C ASP B 359 27.27 25.67 3.43
N TYR B 360 26.80 24.63 4.13
CA TYR B 360 25.95 23.64 3.46
C TYR B 360 24.67 24.32 2.93
N LEU B 361 23.99 25.01 3.83
CA LEU B 361 22.79 25.71 3.45
C LEU B 361 23.03 26.68 2.32
N LYS B 362 24.07 27.51 2.42
CA LYS B 362 24.34 28.42 1.31
C LYS B 362 24.41 27.65 -0.02
N SER B 363 25.12 26.52 -0.01
CA SER B 363 25.35 25.76 -1.22
C SER B 363 24.07 25.23 -1.86
N ARG B 364 23.09 24.86 -1.03
CA ARG B 364 21.82 24.35 -1.55
C ARG B 364 20.95 25.45 -2.12
N VAL B 365 21.09 26.68 -1.61
CA VAL B 365 20.41 27.84 -2.19
C VAL B 365 21.04 28.20 -3.53
N LEU B 366 22.37 28.15 -3.62
CA LEU B 366 23.09 28.49 -4.86
C LEU B 366 22.76 27.50 -5.96
N PHE B 367 22.62 26.24 -5.57
CA PHE B 367 22.18 25.17 -6.47
C PHE B 367 21.02 25.62 -7.34
N THR B 368 19.97 26.10 -6.68
CA THR B 368 18.77 26.54 -7.35
C THR B 368 19.01 27.86 -8.05
N GLN B 369 19.68 28.79 -7.35
CA GLN B 369 19.80 30.15 -7.88
C GLN B 369 20.60 30.25 -9.19
N LYS B 370 21.76 29.61 -9.22
CA LYS B 370 22.58 29.68 -10.42
C LYS B 370 21.81 29.17 -11.63
N ARG B 371 21.16 28.02 -11.48
CA ARG B 371 20.39 27.41 -12.55
C ARG B 371 19.23 28.27 -13.03
N THR B 372 18.49 28.84 -12.08
CA THR B 372 17.34 29.71 -12.35
C THR B 372 17.76 31.00 -13.04
N PHE B 373 18.82 31.63 -12.56
CA PHE B 373 19.30 32.88 -13.17
C PHE B 373 19.86 32.65 -14.58
N ASP B 374 20.73 31.65 -14.71
CA ASP B 374 21.19 31.19 -16.02
C ASP B 374 20.03 30.91 -17.03
N LEU B 375 18.99 30.22 -16.56
CA LEU B 375 17.87 29.87 -17.41
C LEU B 375 17.08 31.10 -17.78
N LEU B 376 16.86 31.96 -16.79
CA LEU B 376 16.15 33.21 -17.00
C LEU B 376 16.80 34.02 -18.13
N LEU B 377 18.13 34.08 -18.13
CA LEU B 377 18.82 34.91 -19.11
C LEU B 377 18.53 34.38 -20.52
N ALA B 378 18.57 33.06 -20.65
CA ALA B 378 18.27 32.41 -21.91
C ALA B 378 16.84 32.71 -22.37
N ALA B 379 15.86 32.61 -21.48
CA ALA B 379 14.47 32.85 -21.84
C ALA B 379 14.22 34.28 -22.32
N GLN B 380 15.05 35.20 -21.86
CA GLN B 380 14.91 36.61 -22.20
C GLN B 380 15.47 36.81 -23.60
N GLU B 381 16.63 36.23 -23.86
CA GLU B 381 17.20 36.24 -25.19
C GLU B 381 16.14 35.80 -26.21
N VAL B 382 15.46 34.69 -25.93
CA VAL B 382 14.51 34.16 -26.89
C VAL B 382 13.22 34.99 -26.99
N SER B 383 12.73 35.49 -25.86
CA SER B 383 11.67 36.52 -25.85
C SER B 383 12.03 37.70 -26.79
N VAL B 384 13.24 38.26 -26.68
CA VAL B 384 13.68 39.34 -27.59
C VAL B 384 13.61 38.89 -29.05
N LYS B 385 14.06 37.66 -29.33
CA LYS B 385 14.06 37.11 -30.68
C LYS B 385 12.65 37.07 -31.22
N ALA B 386 11.76 36.42 -30.49
CA ALA B 386 10.34 36.42 -30.77
C ALA B 386 9.81 37.81 -31.14
N HIS B 387 10.09 38.82 -30.30
CA HIS B 387 9.61 40.17 -30.57
C HIS B 387 10.12 40.59 -31.94
N GLU B 388 11.40 40.30 -32.19
CA GLU B 388 12.05 40.70 -33.42
C GLU B 388 11.43 39.95 -34.61
N ALA B 389 11.11 38.68 -34.39
CA ALA B 389 10.54 37.84 -35.42
C ALA B 389 9.21 38.45 -35.83
N VAL B 390 8.35 38.63 -34.85
CA VAL B 390 7.05 39.22 -35.09
C VAL B 390 7.17 40.64 -35.68
N ARG B 391 8.15 41.42 -35.22
CA ARG B 391 8.40 42.73 -35.79
C ARG B 391 8.69 42.65 -37.28
N LEU B 392 9.58 41.73 -37.65
CA LEU B 392 9.99 41.60 -39.05
C LEU B 392 8.83 41.14 -39.92
N ALA B 393 8.04 40.20 -39.40
CA ALA B 393 6.89 39.63 -40.09
C ALA B 393 5.83 40.70 -40.25
N ASN B 394 5.80 41.64 -39.31
CA ASN B 394 4.84 42.72 -39.43
C ASN B 394 5.13 43.61 -40.64
N GLU B 395 6.43 43.84 -40.92
CA GLU B 395 6.88 44.81 -41.91
C GLU B 395 7.36 44.14 -43.18
N TYR B 396 7.13 42.83 -43.25
CA TYR B 396 7.58 41.99 -44.34
C TYR B 396 6.90 42.39 -45.66
N GLN B 397 7.71 42.44 -46.71
CA GLN B 397 7.30 42.99 -47.99
C GLN B 397 7.09 41.94 -49.10
N GLY B 398 7.50 40.70 -48.85
CA GLY B 398 7.39 39.62 -49.87
C GLY B 398 6.12 38.80 -49.75
N ALA B 399 6.06 37.67 -50.45
CA ALA B 399 4.83 36.87 -50.50
C ALA B 399 4.45 36.29 -49.14
N LYS B 400 3.26 36.65 -48.66
CA LYS B 400 2.78 36.21 -47.35
C LYS B 400 1.96 34.93 -47.45
N ALA B 401 2.10 34.07 -46.43
CA ALA B 401 1.35 32.81 -46.35
C ALA B 401 -0.14 33.11 -46.42
N ALA B 402 -0.94 32.18 -46.94
CA ALA B 402 -2.38 32.38 -46.98
C ALA B 402 -2.99 32.73 -45.61
N GLY B 403 -2.49 32.10 -44.55
CA GLY B 403 -3.01 32.36 -43.21
C GLY B 403 -2.31 33.46 -42.43
N TYR B 404 -1.62 34.37 -43.13
CA TYR B 404 -0.80 35.41 -42.48
C TYR B 404 -1.45 36.00 -41.26
N ASP B 405 -2.71 36.41 -41.37
CA ASP B 405 -3.40 37.08 -40.27
C ASP B 405 -3.57 36.24 -39.01
N ASP B 406 -4.15 35.03 -39.15
CA ASP B 406 -4.33 34.11 -38.02
C ASP B 406 -3.02 33.71 -37.38
N LEU B 407 -2.04 33.38 -38.23
CA LEU B 407 -0.68 33.08 -37.79
C LEU B 407 -0.06 34.23 -36.98
N MET B 408 -0.14 35.45 -37.50
CA MET B 408 0.33 36.65 -36.80
C MET B 408 -0.35 36.85 -35.45
N ILE B 409 -1.62 36.45 -35.33
CA ILE B 409 -2.30 36.49 -34.04
C ILE B 409 -1.71 35.46 -33.09
N GLN B 410 -1.64 34.21 -33.55
CA GLN B 410 -1.17 33.10 -32.72
C GLN B 410 0.26 33.38 -32.27
N ALA B 411 0.99 34.08 -33.14
CA ALA B 411 2.36 34.49 -32.89
C ALA B 411 2.47 35.57 -31.80
N ARG B 412 1.64 36.60 -31.93
CA ARG B 412 1.56 37.64 -30.93
C ARG B 412 1.18 37.06 -29.58
N GLU B 413 0.25 36.11 -29.60
CA GLU B 413 -0.25 35.48 -28.38
C GLU B 413 0.91 34.80 -27.66
N MET B 414 1.75 34.12 -28.44
CA MET B 414 2.87 33.44 -27.82
C MET B 414 3.93 34.41 -27.20
N VAL B 415 4.30 35.46 -27.94
CA VAL B 415 5.15 36.53 -27.40
C VAL B 415 4.63 36.98 -26.03
N ARG B 416 3.34 37.27 -26.00
CA ARG B 416 2.63 37.58 -24.79
C ARG B 416 2.81 36.48 -23.74
N LYS B 417 2.38 35.26 -24.05
CA LYS B 417 2.45 34.19 -23.04
C LYS B 417 3.90 33.98 -22.57
N GLY B 418 4.82 33.99 -23.54
CA GLY B 418 6.23 33.80 -23.29
C GLY B 418 6.79 34.85 -22.35
N GLN B 419 6.33 36.09 -22.51
CA GLN B 419 6.87 37.14 -21.68
C GLN B 419 6.37 37.09 -20.24
N PHE B 420 5.06 36.99 -20.06
CA PHE B 420 4.50 36.78 -18.74
C PHE B 420 5.16 35.62 -18.00
N PHE B 421 5.58 34.59 -18.71
CA PHE B 421 6.02 33.42 -17.99
C PHE B 421 7.38 33.66 -17.34
N TRP B 422 8.30 34.24 -18.11
CA TRP B 422 9.58 34.63 -17.56
C TRP B 422 9.39 35.76 -16.55
N ASP B 423 8.53 36.71 -16.88
CA ASP B 423 8.38 37.88 -16.03
C ASP B 423 8.05 37.42 -14.64
N TYR B 424 7.16 36.43 -14.55
CA TYR B 424 6.68 35.86 -13.30
C TYR B 424 7.80 35.41 -12.39
N VAL B 425 8.87 34.90 -13.00
CA VAL B 425 10.04 34.47 -12.27
C VAL B 425 11.04 35.62 -12.11
N SER B 426 11.27 36.40 -13.17
CA SER B 426 12.26 37.46 -13.14
C SER B 426 11.90 38.45 -12.05
N ALA B 427 10.62 38.80 -11.97
CA ALA B 427 10.22 39.80 -11.02
C ALA B 427 10.35 39.24 -9.60
N GLU B 428 10.15 37.93 -9.50
CA GLU B 428 10.22 37.28 -8.21
C GLU B 428 11.63 37.39 -7.64
N ASN B 429 11.69 37.64 -6.34
CA ASN B 429 12.91 38.17 -5.74
C ASN B 429 13.81 37.14 -5.13
N SER B 430 13.36 35.90 -4.99
CA SER B 430 14.20 34.84 -4.41
C SER B 430 15.09 34.08 -5.43
N VAL B 431 14.96 34.41 -6.71
CA VAL B 431 15.78 33.79 -7.76
C VAL B 431 15.55 32.27 -7.74
N GLY B 432 14.29 31.91 -7.60
CA GLY B 432 13.86 30.54 -7.58
C GLY B 432 13.91 29.85 -6.23
N PHE B 433 14.48 30.46 -5.21
CA PHE B 433 14.60 29.70 -3.99
C PHE B 433 13.23 29.33 -3.40
N HIS B 434 12.28 30.27 -3.43
CA HIS B 434 11.02 30.09 -2.72
C HIS B 434 10.32 28.85 -3.30
N ASN B 435 10.42 28.71 -4.62
CA ASN B 435 9.82 27.57 -5.32
C ASN B 435 10.66 27.08 -6.47
N PRO B 436 11.70 26.30 -6.18
CA PRO B 436 12.61 25.80 -7.18
C PRO B 436 11.92 25.18 -8.38
N ALA B 437 11.08 24.18 -8.15
CA ALA B 437 10.43 23.49 -9.27
C ALA B 437 9.46 24.37 -10.03
N LYS B 438 8.71 25.23 -9.37
CA LYS B 438 7.80 26.11 -10.12
C LYS B 438 8.61 27.04 -11.02
N ALA B 439 9.72 27.56 -10.49
CA ALA B 439 10.53 28.55 -11.19
C ALA B 439 11.11 27.97 -12.46
N LEU B 440 11.83 26.88 -12.32
CA LEU B 440 12.50 26.28 -13.46
C LEU B 440 11.53 25.69 -14.49
N ASP B 441 10.47 25.06 -14.00
CA ASP B 441 9.37 24.64 -14.85
C ASP B 441 8.78 25.80 -15.64
N THR B 442 8.53 26.91 -14.95
CA THR B 442 7.93 28.06 -15.62
C THR B 442 8.86 28.62 -16.67
N LEU B 443 10.15 28.71 -16.34
CA LEU B 443 11.14 29.24 -17.26
C LEU B 443 11.23 28.40 -18.50
N ALA B 444 11.10 27.08 -18.39
CA ALA B 444 11.14 26.21 -19.58
C ALA B 444 9.93 26.41 -20.47
N GLN B 445 8.81 26.73 -19.87
CA GLN B 445 7.60 26.91 -20.66
C GLN B 445 7.72 28.25 -21.35
N SER B 446 8.27 29.24 -20.64
CA SER B 446 8.50 30.55 -21.25
C SER B 446 9.20 30.38 -22.59
N GLN B 447 10.33 29.70 -22.53
CA GLN B 447 11.14 29.34 -23.67
C GLN B 447 10.32 28.76 -24.82
N GLN B 448 9.48 27.75 -24.55
CA GLN B 448 8.71 27.05 -25.61
C GLN B 448 7.80 28.01 -26.34
N PHE B 449 7.09 28.82 -25.57
CA PHE B 449 6.19 29.83 -26.09
C PHE B 449 6.94 30.83 -27.00
N SER B 450 8.01 31.46 -26.50
CA SER B 450 8.74 32.46 -27.30
C SER B 450 9.18 31.87 -28.62
N GLN B 451 9.68 30.65 -28.56
CA GLN B 451 10.14 29.98 -29.76
C GLN B 451 8.96 29.74 -30.69
N LYS B 452 7.80 29.41 -30.13
CA LYS B 452 6.69 29.09 -30.99
C LYS B 452 6.35 30.32 -31.82
N ALA B 453 6.34 31.48 -31.16
CA ALA B 453 6.16 32.76 -31.83
C ALA B 453 7.05 32.85 -33.06
N ILE B 454 8.35 32.72 -32.85
CA ILE B 454 9.30 32.77 -33.95
C ILE B 454 8.87 31.86 -35.10
N ASP B 455 8.49 30.62 -34.79
CA ASP B 455 8.13 29.63 -35.82
C ASP B 455 6.93 30.08 -36.66
N LEU B 456 5.96 30.68 -35.98
CA LEU B 456 4.78 31.18 -36.61
C LEU B 456 5.09 32.41 -37.44
N ALA B 457 5.86 33.33 -36.87
CA ALA B 457 6.30 34.53 -37.60
C ALA B 457 7.04 34.14 -38.87
N MET B 458 7.77 33.04 -38.76
CA MET B 458 8.48 32.54 -39.90
C MET B 458 7.52 31.84 -40.85
N GLU B 459 6.52 31.15 -40.32
CA GLU B 459 5.57 30.43 -41.14
C GLU B 459 4.81 31.39 -42.03
N ALA B 460 4.37 32.49 -41.41
CA ALA B 460 3.56 33.53 -42.06
C ALA B 460 4.29 34.29 -43.15
N THR B 461 5.61 34.27 -43.12
CA THR B 461 6.38 34.99 -44.11
C THR B 461 7.03 34.03 -45.10
N GLN B 462 6.57 32.78 -45.10
CA GLN B 462 7.17 31.72 -45.90
C GLN B 462 8.70 31.76 -45.81
N TYR B 463 9.17 32.06 -44.59
CA TYR B 463 10.57 32.01 -44.18
C TYR B 463 11.47 33.10 -44.78
N GLY B 464 10.86 34.14 -45.33
CA GLY B 464 11.60 35.24 -45.90
C GLY B 464 12.24 36.11 -44.84
N ILE B 465 11.91 35.87 -43.57
CA ILE B 465 12.48 36.65 -42.49
C ILE B 465 13.71 35.99 -41.89
N GLY B 466 13.86 34.69 -42.15
CA GLY B 466 14.98 33.91 -41.64
C GLY B 466 16.32 34.61 -41.72
N LYS B 467 16.66 35.08 -42.93
CA LYS B 467 17.91 35.84 -43.20
C LYS B 467 18.21 36.97 -42.18
N ASP B 468 17.18 37.53 -41.55
CA ASP B 468 17.37 38.57 -40.54
C ASP B 468 17.40 38.07 -39.10
N LEU B 469 17.42 36.74 -38.93
CA LEU B 469 17.31 36.11 -37.60
C LEU B 469 18.43 35.11 -37.33
N SER B 470 19.56 35.31 -38.01
CA SER B 470 20.54 34.26 -38.11
C SER B 470 21.58 34.19 -37.00
N GLY B 471 22.18 35.32 -36.63
CA GLY B 471 23.35 35.22 -35.76
C GLY B 471 23.04 35.10 -34.29
N ASP B 472 23.93 35.66 -33.49
CA ASP B 472 23.68 35.82 -32.09
C ASP B 472 22.70 36.98 -31.99
N ILE B 473 21.67 36.82 -31.16
CA ILE B 473 20.63 37.84 -30.97
C ILE B 473 21.17 39.16 -30.40
N LYS B 474 22.27 39.10 -29.66
CA LYS B 474 22.90 40.32 -29.16
C LYS B 474 23.52 41.23 -30.26
N THR B 475 23.81 40.67 -31.44
CA THR B 475 24.22 41.56 -32.52
C THR B 475 23.03 41.95 -33.41
N ILE B 476 21.92 41.22 -33.31
CA ILE B 476 20.75 41.59 -34.11
C ILE B 476 19.93 42.67 -33.39
N VAL B 477 19.59 42.40 -32.14
CA VAL B 477 18.91 43.38 -31.28
C VAL B 477 19.79 43.61 -30.05
N PRO B 478 20.76 44.54 -30.16
CA PRO B 478 21.66 44.85 -29.04
C PRO B 478 20.86 45.27 -27.81
N PRO B 479 21.36 44.93 -26.61
CA PRO B 479 20.71 45.34 -25.35
C PRO B 479 20.62 46.86 -25.20
N ILE B 480 19.43 47.36 -24.92
CA ILE B 480 19.28 48.76 -24.52
C ILE B 480 19.74 48.99 -23.06
N LEU B 481 20.93 49.55 -22.91
CA LEU B 481 21.51 49.82 -21.62
C LEU B 481 20.96 51.09 -21.02
N LYS B 482 20.90 52.14 -21.82
CA LYS B 482 20.47 53.47 -21.34
C LYS B 482 19.10 53.86 -21.90
N MET B 483 18.30 54.50 -21.06
CA MET B 483 17.00 55.06 -21.45
C MET B 483 16.30 55.59 -20.21
N ASN B 484 15.89 56.86 -20.28
CA ASN B 484 15.12 57.52 -19.24
C ASN B 484 14.27 58.61 -19.89
N ARG B 485 13.42 59.26 -19.10
CA ARG B 485 12.50 60.27 -19.63
C ARG B 485 13.21 61.50 -20.16
N LYS B 486 14.36 61.85 -19.57
CA LYS B 486 15.13 62.97 -20.11
C LYS B 486 15.65 62.66 -21.52
N LEU B 487 16.27 61.49 -21.69
CA LEU B 487 16.92 61.14 -22.93
C LEU B 487 15.92 60.99 -24.07
N GLN B 488 14.70 60.56 -23.74
CA GLN B 488 13.69 60.40 -24.77
C GLN B 488 13.28 61.74 -25.39
N GLN B 489 13.82 62.82 -24.86
CA GLN B 489 13.59 64.16 -25.41
C GLN B 489 14.59 64.56 -26.48
N ASP B 490 15.69 63.81 -26.57
CA ASP B 490 16.78 64.13 -27.49
C ASP B 490 16.60 63.32 -28.78
N PRO B 491 16.30 64.00 -29.91
CA PRO B 491 16.08 63.27 -31.16
C PRO B 491 17.32 62.56 -31.71
N GLU B 492 18.52 63.10 -31.43
CA GLU B 492 19.78 62.46 -31.87
C GLU B 492 19.98 61.11 -31.22
N PHE B 493 19.82 61.07 -29.89
CA PHE B 493 19.82 59.84 -29.14
C PHE B 493 18.72 58.90 -29.63
N MET B 494 17.56 59.43 -29.99
CA MET B 494 16.47 58.56 -30.41
C MET B 494 16.71 57.83 -31.73
N LYS B 495 17.79 58.17 -32.43
CA LYS B 495 18.23 57.43 -33.63
C LYS B 495 19.28 56.35 -33.30
N THR B 496 19.58 56.16 -32.02
CA THR B 496 20.66 55.30 -31.56
C THR B 496 20.42 53.78 -31.54
N HIS B 497 19.16 53.36 -31.66
CA HIS B 497 18.83 51.93 -31.65
C HIS B 497 17.67 51.65 -32.59
N LYS B 498 17.78 50.60 -33.38
CA LYS B 498 16.75 50.23 -34.37
C LYS B 498 15.33 50.31 -33.82
N TRP B 499 15.17 49.94 -32.54
CA TRP B 499 13.88 49.85 -31.87
C TRP B 499 13.34 51.20 -31.41
N PHE B 500 14.17 52.23 -31.40
CA PHE B 500 13.74 53.55 -30.92
C PHE B 500 12.77 54.22 -31.89
N GLN B 501 12.71 53.73 -33.13
CA GLN B 501 11.83 54.29 -34.14
C GLN B 501 10.35 54.01 -33.80
N TYR B 502 10.10 53.16 -32.81
CA TYR B 502 8.72 52.80 -32.46
C TYR B 502 8.19 53.61 -31.27
N LEU B 503 9.03 54.50 -30.77
CA LEU B 503 8.69 55.39 -29.66
C LEU B 503 8.66 56.84 -30.12
N PRO B 504 7.77 57.66 -29.53
CA PRO B 504 7.75 59.08 -29.92
C PRO B 504 8.93 59.85 -29.33
N VAL B 505 9.34 60.95 -29.97
CA VAL B 505 10.35 61.81 -29.37
C VAL B 505 9.61 62.76 -28.44
N LEU B 506 9.91 62.67 -27.14
CA LEU B 506 9.16 63.44 -26.14
C LEU B 506 9.42 64.95 -26.23
N PRO B 507 8.38 65.77 -25.99
CA PRO B 507 8.57 67.22 -26.10
C PRO B 507 9.61 67.73 -25.09
N LYS B 508 10.48 68.61 -25.57
CA LYS B 508 11.45 69.23 -24.70
C LYS B 508 10.68 69.89 -23.53
N ALA B 509 11.06 69.51 -22.31
CA ALA B 509 10.40 70.00 -21.10
C ALA B 509 11.36 70.05 -19.90
N ASP B 510 11.10 70.97 -18.98
CA ASP B 510 11.87 71.02 -17.75
C ASP B 510 11.41 70.07 -16.66
N GLN B 511 12.33 69.68 -15.79
CA GLN B 511 11.97 68.86 -14.63
C GLN B 511 11.08 69.66 -13.67
N VAL B 512 9.93 69.07 -13.38
CA VAL B 512 8.89 69.68 -12.56
C VAL B 512 9.04 69.31 -11.08
N TRP B 513 9.30 68.04 -10.82
CA TRP B 513 9.39 67.55 -9.47
C TRP B 513 10.80 67.02 -9.22
N ASP B 514 11.39 67.45 -8.11
CA ASP B 514 12.62 66.83 -7.63
C ASP B 514 12.39 66.26 -6.24
N GLY B 515 12.08 64.96 -6.20
CA GLY B 515 11.68 64.28 -4.97
C GLY B 515 10.35 64.84 -4.52
N GLN B 516 10.37 65.62 -3.45
CA GLN B 516 9.16 66.26 -2.93
C GLN B 516 9.05 67.75 -3.25
N LYS B 517 10.07 68.29 -3.92
CA LYS B 517 10.14 69.71 -4.22
C LYS B 517 9.65 69.98 -5.62
N ARG B 518 8.77 70.97 -5.75
CA ARG B 518 8.33 71.47 -7.03
C ARG B 518 9.36 72.46 -7.57
N LEU B 519 9.65 72.39 -8.87
CA LEU B 519 10.65 73.28 -9.47
C LEU B 519 10.01 74.34 -10.36
N VAL B 520 8.96 73.96 -11.11
CA VAL B 520 8.22 74.90 -11.97
C VAL B 520 6.84 75.19 -11.42
N SER B 521 6.26 76.32 -11.81
CA SER B 521 4.95 76.69 -11.29
C SER B 521 3.77 75.99 -11.98
N ALA B 522 2.62 76.03 -11.31
CA ALA B 522 1.35 75.54 -11.85
C ALA B 522 0.41 76.70 -12.15
N LEU C 15 19.15 7.86 71.56
CA LEU C 15 19.89 9.01 70.97
C LEU C 15 20.26 8.74 69.51
N VAL C 16 20.65 7.50 69.24
CA VAL C 16 21.00 7.04 67.90
C VAL C 16 19.74 6.81 67.04
N LEU C 17 18.61 6.54 67.70
CA LEU C 17 17.29 6.45 67.02
C LEU C 17 16.88 7.79 66.40
N GLY C 18 17.23 8.88 67.10
CA GLY C 18 17.14 10.23 66.54
C GLY C 18 18.03 10.39 65.32
N GLY C 19 19.29 9.96 65.45
CA GLY C 19 20.24 9.93 64.34
C GLY C 19 19.74 9.19 63.12
N ALA C 20 19.22 7.98 63.33
CA ALA C 20 18.62 7.17 62.26
C ALA C 20 17.49 7.94 61.57
N THR C 21 16.58 8.47 62.38
CA THR C 21 15.45 9.29 61.90
C THR C 21 15.89 10.51 61.10
N LEU C 22 17.05 11.08 61.43
CA LEU C 22 17.62 12.17 60.62
C LEU C 22 18.18 11.63 59.30
N GLY C 23 18.83 10.48 59.38
CA GLY C 23 19.41 9.81 58.22
C GLY C 23 18.40 9.53 57.13
N VAL C 24 17.29 8.89 57.47
CA VAL C 24 16.24 8.55 56.48
C VAL C 24 15.69 9.80 55.81
N VAL C 25 15.45 10.84 56.63
CA VAL C 25 14.94 12.12 56.13
C VAL C 25 15.92 12.71 55.13
N ALA C 26 17.18 12.79 55.52
CA ALA C 26 18.24 13.34 54.67
C ALA C 26 18.28 12.72 53.28
N LEU C 27 18.31 11.40 53.22
CA LEU C 27 18.36 10.70 51.92
C LEU C 27 17.04 10.80 51.16
N ALA C 28 15.91 10.71 51.86
CA ALA C 28 14.60 10.88 51.25
C ALA C 28 14.53 12.23 50.56
N THR C 29 14.96 13.29 51.26
CA THR C 29 14.96 14.65 50.71
C THR C 29 15.84 14.74 49.47
N VAL C 30 17.07 14.24 49.58
CA VAL C 30 18.03 14.26 48.48
C VAL C 30 17.49 13.55 47.24
N ALA C 31 16.90 12.38 47.44
CA ALA C 31 16.33 11.58 46.35
C ALA C 31 15.16 12.29 45.69
N PHE C 32 14.25 12.81 46.49
CA PHE C 32 13.14 13.58 45.95
C PHE C 32 13.64 14.75 45.10
N GLY C 33 14.58 15.51 45.65
CA GLY C 33 15.15 16.69 45.02
C GLY C 33 15.90 16.34 43.76
N MET C 34 16.58 15.21 43.79
CA MET C 34 17.23 14.65 42.60
C MET C 34 16.24 14.42 41.44
N LYS C 35 15.10 13.81 41.77
CA LYS C 35 14.04 13.48 40.81
C LYS C 35 13.35 14.75 40.33
N TYR C 36 12.93 15.60 41.25
CA TYR C 36 12.29 16.85 40.90
C TYR C 36 13.13 17.68 39.92
N THR C 37 14.45 17.75 40.15
CA THR C 37 15.34 18.50 39.27
C THR C 37 15.57 17.80 37.94
N ASP C 38 14.71 16.83 37.63
CA ASP C 38 14.75 16.06 36.37
C ASP C 38 13.56 16.35 35.48
N GLN C 39 12.50 16.88 36.07
CA GLN C 39 11.23 16.98 35.37
C GLN C 39 10.94 18.32 34.70
N ARG C 40 10.04 18.29 33.72
CA ARG C 40 9.60 19.47 32.96
C ARG C 40 9.27 20.77 33.75
N PRO C 41 8.57 20.67 34.89
CA PRO C 41 8.30 21.95 35.51
C PRO C 41 9.55 22.58 36.10
N PHE C 42 10.50 21.81 36.64
CA PHE C 42 11.74 22.44 37.12
C PHE C 42 12.53 23.06 35.94
N CYS C 43 12.66 22.31 34.85
CA CYS C 43 13.47 22.75 33.71
C CYS C 43 12.93 24.01 33.08
N THR C 44 11.61 24.16 33.06
CA THR C 44 10.99 25.27 32.35
C THR C 44 10.75 26.46 33.26
N SER C 45 11.33 26.44 34.46
CA SER C 45 11.25 27.62 35.32
C SER C 45 12.16 28.73 34.77
N CYS C 46 12.87 28.45 33.68
CA CYS C 46 13.58 29.49 32.91
C CYS C 46 12.88 29.67 31.56
N HIS C 47 12.45 30.90 31.29
CA HIS C 47 11.64 31.21 30.10
C HIS C 47 12.36 30.90 28.79
N ILE C 48 13.68 30.80 28.86
CA ILE C 48 14.47 30.46 27.69
C ILE C 48 14.22 28.99 27.25
N MET C 49 13.76 28.17 28.21
CA MET C 49 13.56 26.73 28.03
C MET C 49 12.11 26.40 27.69
N ASN C 50 11.31 27.41 27.41
CA ASN C 50 9.92 27.19 26.98
C ASN C 50 9.76 26.45 25.64
N PRO C 51 10.38 26.94 24.55
CA PRO C 51 10.22 26.19 23.29
C PRO C 51 10.42 24.67 23.45
N VAL C 52 11.48 24.27 24.15
CA VAL C 52 11.75 22.84 24.34
C VAL C 52 10.71 22.22 25.25
N GLY C 53 10.19 23.00 26.19
CA GLY C 53 9.18 22.54 27.15
C GLY C 53 7.90 22.20 26.42
N VAL C 54 7.48 23.11 25.55
CA VAL C 54 6.24 22.97 24.80
C VAL C 54 6.36 21.79 23.85
N THR C 55 7.41 21.78 23.05
CA THR C 55 7.56 20.74 22.07
C THR C 55 7.65 19.39 22.72
N HIS C 56 8.09 19.35 23.97
CA HIS C 56 8.19 18.10 24.74
C HIS C 56 6.81 17.62 25.16
N LYS C 57 6.03 18.52 25.74
CA LYS C 57 4.70 18.23 26.25
C LYS C 57 3.73 17.88 25.14
N LEU C 58 4.02 18.34 23.94
CA LEU C 58 3.19 18.02 22.79
C LEU C 58 3.54 16.66 22.19
N SER C 59 4.79 16.21 22.39
CA SER C 59 5.34 15.02 21.69
C SER C 59 5.04 13.69 22.39
N GLY C 60 5.29 12.59 21.67
CA GLY C 60 5.19 11.24 22.21
C GLY C 60 5.89 11.00 23.54
N HIS C 61 6.92 11.79 23.82
CA HIS C 61 7.76 11.59 25.00
C HIS C 61 7.37 12.51 26.17
N ALA C 62 6.15 13.02 26.13
CA ALA C 62 5.68 14.02 27.10
C ALA C 62 5.64 13.49 28.53
N ASN C 63 5.37 12.20 28.67
CA ASN C 63 5.21 11.59 29.98
C ASN C 63 6.49 10.97 30.58
N ILE C 64 7.63 11.30 29.98
CA ILE C 64 8.93 11.03 30.60
C ILE C 64 9.61 12.37 30.87
N SER C 65 10.56 12.40 31.81
CA SER C 65 11.23 13.64 32.22
C SER C 65 12.28 14.06 31.19
N CYS C 66 12.75 15.30 31.27
CA CYS C 66 13.79 15.80 30.35
C CYS C 66 15.10 15.03 30.53
N ASN C 67 15.49 14.82 31.78
CA ASN C 67 16.74 14.15 32.08
C ASN C 67 16.70 12.64 31.84
N ASP C 68 15.50 12.08 31.67
CA ASP C 68 15.34 10.72 31.12
C ASP C 68 15.95 10.67 29.71
N CYS C 69 15.96 11.81 29.01
CA CYS C 69 16.77 11.90 27.82
C CYS C 69 18.09 12.61 28.03
N HIS C 70 18.07 13.67 28.83
CA HIS C 70 19.21 14.60 28.90
C HIS C 70 20.30 14.33 29.94
N ALA C 71 20.09 13.35 30.79
CA ALA C 71 21.12 12.95 31.75
C ALA C 71 21.43 11.46 31.60
N PRO C 72 22.63 11.02 32.05
CA PRO C 72 22.85 9.58 32.08
C PRO C 72 21.89 8.89 33.08
N HIS C 73 21.52 7.64 32.78
CA HIS C 73 20.71 6.83 33.70
C HIS C 73 21.47 6.26 34.91
N ASN C 74 22.76 6.01 34.73
CA ASN C 74 23.65 5.55 35.79
C ASN C 74 23.79 6.56 36.95
N LEU C 75 23.52 6.11 38.17
CA LEU C 75 23.56 6.98 39.36
C LEU C 75 24.89 7.72 39.59
N LEU C 76 26.01 7.01 39.41
CA LEU C 76 27.34 7.59 39.62
C LEU C 76 27.74 8.61 38.55
N ALA C 77 27.28 8.38 37.32
CA ALA C 77 27.55 9.27 36.19
C ALA C 77 26.62 10.50 36.17
N LYS C 78 25.42 10.33 36.72
CA LYS C 78 24.33 11.32 36.66
C LYS C 78 24.52 12.50 37.62
N LEU C 79 24.82 12.20 38.88
CA LEU C 79 25.12 13.23 39.89
C LEU C 79 26.07 14.35 39.42
N PRO C 80 27.30 14.02 38.99
CA PRO C 80 28.19 15.05 38.41
C PRO C 80 27.68 15.73 37.13
N PHE C 81 27.09 14.96 36.21
CA PHE C 81 26.54 15.52 34.96
C PHE C 81 25.49 16.60 35.24
N LYS C 82 24.58 16.29 36.16
CA LYS C 82 23.53 17.20 36.59
C LYS C 82 24.07 18.48 37.22
N ALA C 83 25.13 18.38 38.02
CA ALA C 83 25.69 19.56 38.69
C ALA C 83 26.49 20.41 37.70
N ILE C 84 27.15 19.77 36.74
CA ILE C 84 27.96 20.50 35.76
C ILE C 84 27.06 21.23 34.79
N ALA C 85 26.14 20.51 34.16
CA ALA C 85 25.18 21.15 33.25
C ALA C 85 24.35 22.21 33.98
N GLY C 86 23.94 21.87 35.20
CA GLY C 86 23.18 22.79 36.03
C GLY C 86 23.93 24.08 36.26
N ALA C 87 25.12 23.97 36.85
CA ALA C 87 25.99 25.12 37.08
C ALA C 87 26.17 25.97 35.81
N ARG C 88 26.44 25.29 34.69
CA ARG C 88 26.72 25.97 33.43
C ARG C 88 25.46 26.65 32.88
N ASP C 89 24.29 26.07 33.14
CA ASP C 89 23.02 26.67 32.69
C ASP C 89 22.63 27.90 33.51
N VAL C 90 22.90 27.88 34.82
CA VAL C 90 22.66 29.02 35.70
C VAL C 90 23.56 30.15 35.27
N TYR C 91 24.80 29.84 34.96
CA TYR C 91 25.76 30.86 34.54
C TYR C 91 25.32 31.53 33.24
N MET C 92 24.92 30.71 32.27
CA MET C 92 24.47 31.20 30.97
C MET C 92 23.20 32.04 31.05
N ASN C 93 22.39 31.77 32.06
CA ASN C 93 21.13 32.49 32.25
C ASN C 93 21.31 33.78 33.04
N THR C 94 22.49 33.95 33.62
CA THR C 94 22.73 35.15 34.44
C THR C 94 23.82 36.03 33.84
N LEU C 95 25.07 35.62 33.99
CA LEU C 95 26.23 36.46 33.64
C LEU C 95 26.68 36.37 32.18
N GLY C 96 26.30 35.30 31.49
CA GLY C 96 26.67 35.09 30.10
C GLY C 96 25.56 35.55 29.17
N HIS C 97 25.87 35.71 27.89
N HIS C 97 25.89 35.70 27.90
CA HIS C 97 24.89 36.13 26.89
CA HIS C 97 24.91 36.12 26.89
C HIS C 97 24.68 35.00 25.89
C HIS C 97 24.68 35.01 25.88
N PRO C 98 23.53 34.31 25.97
CA PRO C 98 23.17 33.27 24.99
C PRO C 98 22.88 33.83 23.60
N GLY C 99 23.11 33.03 22.57
CA GLY C 99 22.88 33.47 21.20
C GLY C 99 21.45 33.32 20.74
N ASP C 100 21.22 33.58 19.47
CA ASP C 100 19.93 33.35 18.85
C ASP C 100 19.65 31.85 18.68
N LEU C 101 20.72 31.05 18.58
CA LEU C 101 20.58 29.61 18.41
C LEU C 101 21.00 28.89 19.65
N ILE C 102 20.11 28.06 20.17
CA ILE C 102 20.45 27.17 21.27
C ILE C 102 20.61 25.77 20.71
N LEU C 103 21.85 25.30 20.68
CA LEU C 103 22.14 23.98 20.13
C LEU C 103 22.76 23.10 21.17
N ALA C 104 22.36 21.82 21.13
CA ALA C 104 22.98 20.80 21.96
C ALA C 104 24.47 20.72 21.62
N GLY C 105 25.33 20.72 22.65
CA GLY C 105 26.76 20.43 22.46
C GLY C 105 27.06 18.95 22.26
N MET C 106 28.23 18.63 21.72
CA MET C 106 28.66 17.24 21.48
C MET C 106 28.31 16.28 22.63
N GLU C 107 28.73 16.63 23.85
CA GLU C 107 28.46 15.82 25.03
C GLU C 107 26.98 15.45 25.15
N THR C 108 26.09 16.42 25.08
CA THR C 108 24.66 16.10 25.28
C THR C 108 24.02 15.33 24.09
N LYS C 109 24.52 15.52 22.87
CA LYS C 109 24.11 14.69 21.74
C LYS C 109 24.41 13.23 22.08
N GLU C 110 25.54 13.02 22.72
CA GLU C 110 26.01 11.69 23.14
C GLU C 110 25.18 11.07 24.30
N VAL C 111 24.94 11.79 25.39
CA VAL C 111 24.15 11.17 26.46
C VAL C 111 22.72 10.89 25.98
N VAL C 112 22.20 11.74 25.11
CA VAL C 112 20.85 11.53 24.60
C VAL C 112 20.79 10.27 23.75
N ASN C 113 21.68 10.16 22.76
CA ASN C 113 21.60 9.02 21.87
C ASN C 113 21.73 7.72 22.63
N ALA C 114 22.59 7.70 23.64
CA ALA C 114 22.74 6.54 24.54
C ALA C 114 21.42 6.19 25.26
N ASN C 115 20.63 7.21 25.61
CA ASN C 115 19.34 6.98 26.21
C ASN C 115 18.28 6.57 25.17
N CYS C 116 18.45 6.95 23.91
CA CYS C 116 17.65 6.35 22.83
C CYS C 116 17.83 4.86 22.85
N LYS C 117 19.10 4.45 22.89
CA LYS C 117 19.45 3.06 22.93
C LYS C 117 18.86 2.38 24.18
N ALA C 118 18.94 3.06 25.33
CA ALA C 118 18.44 2.52 26.61
C ALA C 118 16.98 2.04 26.60
N CYS C 119 16.11 2.67 25.84
CA CYS C 119 14.67 2.36 25.94
C CYS C 119 14.06 1.69 24.73
N HIS C 120 14.81 1.70 23.63
CA HIS C 120 14.33 1.17 22.37
C HIS C 120 15.32 0.16 21.80
N THR C 121 15.91 -0.66 22.68
CA THR C 121 16.87 -1.64 22.22
C THR C 121 16.14 -2.70 21.40
N MET C 122 15.09 -3.27 21.97
CA MET C 122 14.40 -4.42 21.39
C MET C 122 13.86 -4.18 19.99
N THR C 123 13.52 -2.94 19.69
CA THR C 123 13.05 -2.59 18.35
C THR C 123 14.19 -2.74 17.33
N ASN C 124 15.43 -2.60 17.81
CA ASN C 124 16.60 -2.47 16.94
C ASN C 124 17.61 -3.65 16.99
N VAL C 125 17.31 -4.71 17.74
CA VAL C 125 18.27 -5.82 17.99
C VAL C 125 18.86 -6.53 16.78
N GLU C 126 18.16 -6.50 15.64
CA GLU C 126 18.53 -7.37 14.53
C GLU C 126 19.00 -6.62 13.30
N VAL C 127 19.35 -5.36 13.48
CA VAL C 127 19.48 -4.38 12.42
C VAL C 127 20.58 -3.38 12.79
N ALA C 128 21.51 -3.16 11.87
CA ALA C 128 22.68 -2.29 12.15
C ALA C 128 22.35 -0.79 12.08
N SER C 129 21.23 -0.41 12.69
CA SER C 129 20.73 0.96 12.68
C SER C 129 21.72 1.92 13.30
N MET C 130 22.61 1.40 14.12
CA MET C 130 23.58 2.19 14.85
C MET C 130 24.75 2.65 13.98
N GLU C 131 24.95 1.97 12.85
CA GLU C 131 26.08 2.23 11.96
C GLU C 131 25.71 3.14 10.78
N ALA C 132 24.42 3.20 10.44
CA ALA C 132 23.95 4.01 9.30
C ALA C 132 24.17 5.50 9.56
N LYS C 133 23.36 6.08 10.43
CA LYS C 133 23.54 7.48 10.80
C LYS C 133 24.30 7.55 12.13
N LYS C 134 24.93 8.69 12.42
CA LYS C 134 25.64 8.86 13.69
C LYS C 134 24.73 8.77 14.91
N TYR C 135 23.55 9.40 14.83
CA TYR C 135 22.57 9.39 15.92
C TYR C 135 21.19 8.92 15.40
N CYS C 136 20.42 8.28 16.26
CA CYS C 136 19.06 7.88 15.96
C CYS C 136 18.24 9.00 15.32
N THR C 137 18.43 10.19 15.89
CA THR C 137 17.64 11.36 15.55
C THR C 137 17.92 11.87 14.16
N ASP C 138 18.89 11.28 13.48
CA ASP C 138 19.13 11.59 12.06
C ASP C 138 18.07 10.95 11.16
N CYS C 139 17.31 10.02 11.74
CA CYS C 139 16.07 9.56 11.12
C CYS C 139 14.85 10.05 11.88
N HIS C 140 14.83 9.84 13.19
CA HIS C 140 13.68 10.26 14.00
C HIS C 140 13.85 11.76 14.33
N ARG C 141 13.75 12.57 13.27
CA ARG C 141 14.13 13.97 13.28
C ARG C 141 13.35 14.83 14.25
N ASN C 142 12.05 14.54 14.38
CA ASN C 142 11.14 15.32 15.24
C ASN C 142 11.20 15.01 16.76
N VAL C 143 11.85 13.91 17.14
CA VAL C 143 12.10 13.63 18.56
C VAL C 143 13.04 14.73 19.08
N GLN C 144 13.74 15.35 18.14
CA GLN C 144 14.48 16.56 18.41
C GLN C 144 13.53 17.75 18.45
N HIS C 145 12.62 17.75 19.43
CA HIS C 145 11.80 18.93 19.73
C HIS C 145 11.14 19.58 18.50
N MET C 146 10.70 18.70 17.59
CA MET C 146 9.82 19.05 16.50
C MET C 146 10.38 20.13 15.61
N ARG C 147 11.67 20.06 15.34
CA ARG C 147 12.40 21.15 14.73
C ARG C 147 11.85 21.48 13.37
N MET C 148 11.18 20.53 12.73
CA MET C 148 10.65 20.75 11.38
C MET C 148 9.37 21.58 11.26
N LYS C 149 8.57 21.59 12.31
CA LYS C 149 7.29 22.25 12.31
C LYS C 149 7.47 23.76 12.24
N PRO C 150 6.51 24.50 11.66
CA PRO C 150 6.61 25.97 11.57
C PRO C 150 6.83 26.67 12.93
N ILE C 151 7.60 27.76 12.90
CA ILE C 151 8.02 28.50 14.10
C ILE C 151 6.87 28.77 15.06
N SER C 152 5.73 29.22 14.53
CA SER C 152 4.57 29.57 15.35
C SER C 152 4.04 28.43 16.23
N THR C 153 4.45 27.18 15.96
CA THR C 153 3.95 26.07 16.76
C THR C 153 4.88 25.74 17.90
N ARG C 154 5.91 26.55 18.07
CA ARG C 154 6.96 26.26 19.06
C ARG C 154 7.35 27.44 19.92
N GLU C 155 7.16 28.65 19.40
CA GLU C 155 7.89 29.80 19.89
C GLU C 155 7.08 31.10 19.82
N VAL C 156 7.15 31.91 20.87
CA VAL C 156 6.60 33.30 20.85
C VAL C 156 7.62 34.25 21.45
N ALA C 157 7.30 35.54 21.49
CA ALA C 157 8.22 36.54 22.03
C ALA C 157 8.20 36.54 23.56
N ASP C 158 9.11 37.26 24.20
CA ASP C 158 9.18 37.30 25.68
C ASP C 158 8.31 38.37 26.33
N GLY D 26 9.72 10.45 45.04
CA GLY D 26 9.44 11.65 44.19
C GLY D 26 8.15 11.59 43.37
N CYS D 27 7.75 12.75 42.85
CA CYS D 27 6.51 12.92 42.07
C CYS D 27 6.39 12.02 40.83
N SER D 28 5.20 11.99 40.24
CA SER D 28 4.99 11.34 38.94
C SER D 28 5.50 12.28 37.84
N ASP D 29 5.85 11.73 36.66
CA ASP D 29 6.03 12.56 35.44
C ASP D 29 4.89 12.41 34.40
N VAL D 30 3.86 11.61 34.74
CA VAL D 30 2.66 11.44 33.88
C VAL D 30 1.70 12.64 34.01
N SER D 31 2.14 13.80 33.51
CA SER D 31 1.38 15.05 33.63
C SER D 31 0.26 15.23 32.58
N THR D 32 0.19 14.35 31.59
CA THR D 32 -1.00 14.26 30.76
C THR D 32 -1.66 12.91 31.04
N GLU D 33 -2.90 12.92 31.56
CA GLU D 33 -3.60 11.67 31.87
C GLU D 33 -4.54 11.32 30.75
N LEU D 34 -4.55 10.05 30.37
CA LEU D 34 -5.40 9.60 29.29
C LEU D 34 -6.86 9.80 29.69
N LYS D 35 -7.60 10.49 28.84
CA LYS D 35 -9.04 10.70 29.04
C LYS D 35 -9.76 10.43 27.74
N THR D 36 -10.99 9.95 27.82
CA THR D 36 -11.80 9.80 26.63
C THR D 36 -12.18 11.19 26.15
N PRO D 37 -11.89 11.47 24.87
CA PRO D 37 -12.22 12.77 24.27
C PRO D 37 -13.71 13.06 24.27
N VAL D 38 -14.01 14.30 24.67
CA VAL D 38 -15.34 14.87 24.67
C VAL D 38 -15.28 16.00 23.64
N TYR D 39 -16.28 16.06 22.76
CA TYR D 39 -16.32 17.09 21.71
C TYR D 39 -17.53 18.04 21.85
N LYS D 40 -17.34 19.31 21.52
CA LYS D 40 -18.44 20.25 21.37
C LYS D 40 -18.22 21.13 20.15
N THR D 41 -18.99 20.87 19.09
CA THR D 41 -18.80 21.58 17.83
C THR D 41 -19.58 22.89 17.76
N LYS D 42 -19.24 23.70 16.75
CA LYS D 42 -19.94 24.96 16.45
C LYS D 42 -21.15 24.72 15.56
N LEU D 43 -21.41 23.44 15.23
CA LEU D 43 -22.42 23.09 14.25
C LEU D 43 -23.82 22.97 14.86
N THR D 44 -24.83 23.27 14.05
CA THR D 44 -26.24 23.21 14.45
C THR D 44 -26.72 21.77 14.52
N ALA D 45 -27.76 21.49 15.29
CA ALA D 45 -28.18 20.11 15.57
C ALA D 45 -28.60 19.25 14.36
N GLU D 46 -28.93 19.87 13.23
CA GLU D 46 -29.40 19.11 12.07
C GLU D 46 -28.48 19.19 10.86
N GLU D 47 -27.30 19.77 11.08
CA GLU D 47 -26.28 19.87 10.05
C GLU D 47 -26.03 18.53 9.35
N ILE D 48 -26.02 18.54 8.01
CA ILE D 48 -25.77 17.32 7.21
C ILE D 48 -24.64 17.47 6.18
N ARG D 49 -24.28 18.72 5.91
CA ARG D 49 -23.26 19.03 4.90
C ARG D 49 -21.87 18.57 5.33
N ASN D 50 -21.22 17.74 4.51
CA ASN D 50 -19.90 17.27 4.83
C ASN D 50 -18.91 18.40 5.09
N SER D 51 -18.92 19.42 4.24
CA SER D 51 -17.95 20.51 4.27
C SER D 51 -18.03 21.36 5.53
N ALA D 52 -19.10 21.20 6.29
CA ALA D 52 -19.23 21.93 7.55
C ALA D 52 -18.41 21.24 8.65
N PHE D 53 -18.09 19.98 8.42
CA PHE D 53 -17.33 19.19 9.37
C PHE D 53 -15.83 19.40 9.21
N LYS D 54 -15.41 19.79 8.01
CA LYS D 54 -14.00 19.95 7.68
C LYS D 54 -13.20 20.90 8.61
N PRO D 55 -13.73 22.10 8.92
CA PRO D 55 -12.92 23.01 9.77
C PRO D 55 -12.59 22.54 11.19
N GLU D 56 -13.45 21.71 11.78
CA GLU D 56 -13.29 21.31 13.18
C GLU D 56 -12.58 19.99 13.30
N PHE D 57 -12.55 19.23 12.22
CA PHE D 57 -11.89 17.94 12.22
C PHE D 57 -11.18 17.70 10.90
N PRO D 58 -10.11 18.45 10.63
CA PRO D 58 -9.42 18.38 9.34
C PRO D 58 -8.63 17.09 9.15
N LYS D 59 -8.33 16.40 10.25
CA LYS D 59 -7.52 15.20 10.20
C LYS D 59 -8.37 14.05 9.74
N GLN D 60 -9.54 13.89 10.37
CA GLN D 60 -10.46 12.80 10.01
C GLN D 60 -10.95 13.07 8.60
N TYR D 61 -11.09 14.35 8.27
CA TYR D 61 -11.58 14.74 6.96
C TYR D 61 -10.59 14.35 5.86
N ALA D 62 -9.33 14.74 6.03
CA ALA D 62 -8.29 14.33 5.11
C ALA D 62 -8.31 12.80 4.90
N SER D 63 -8.56 12.05 5.98
CA SER D 63 -8.61 10.59 5.90
C SER D 63 -9.85 10.15 5.12
N TYR D 64 -10.95 10.87 5.35
CA TYR D 64 -12.21 10.61 4.66
C TYR D 64 -12.06 10.78 3.15
N GLU D 65 -11.26 11.78 2.77
CA GLU D 65 -10.97 12.11 1.38
C GLU D 65 -10.15 11.07 0.65
N ARG D 66 -9.50 10.18 1.40
CA ARG D 66 -8.76 9.12 0.74
C ARG D 66 -9.72 8.17 -0.04
N ASN D 67 -11.00 8.17 0.30
CA ASN D 67 -11.96 7.34 -0.42
C ASN D 67 -12.14 7.71 -1.91
N ASP D 68 -11.60 8.86 -2.30
CA ASP D 68 -11.65 9.29 -3.69
C ASP D 68 -10.72 8.44 -4.59
N GLU D 69 -9.75 7.74 -4.00
CA GLU D 69 -8.83 6.89 -4.77
C GLU D 69 -9.62 5.77 -5.48
N THR D 70 -9.43 5.66 -6.80
CA THR D 70 -10.23 4.73 -7.60
C THR D 70 -9.40 3.93 -8.63
N THR D 71 -8.11 3.72 -8.31
CA THR D 71 -7.23 3.02 -9.26
C THR D 71 -6.62 1.70 -8.73
N VAL D 72 -6.79 1.44 -7.45
CA VAL D 72 -6.09 0.30 -6.84
C VAL D 72 -6.97 -0.93 -6.66
N MET D 73 -6.55 -2.03 -7.28
CA MET D 73 -7.16 -3.35 -7.08
C MET D 73 -6.30 -4.19 -6.13
N THR D 74 -6.94 -4.88 -5.17
CA THR D 74 -6.33 -6.02 -4.51
C THR D 74 -6.54 -7.19 -5.45
N GLU D 75 -6.65 -8.40 -4.92
CA GLU D 75 -6.75 -9.59 -5.76
C GLU D 75 -8.17 -9.84 -6.27
N TYR D 76 -9.12 -9.83 -5.35
CA TYR D 76 -10.52 -10.05 -5.69
C TYR D 76 -11.33 -8.77 -5.55
N LYS D 77 -10.78 -7.80 -4.81
CA LYS D 77 -11.47 -6.54 -4.61
C LYS D 77 -10.66 -5.32 -5.10
N GLY D 78 -11.00 -4.13 -4.62
CA GLY D 78 -10.42 -2.89 -5.11
C GLY D 78 -11.46 -1.83 -5.33
N SER D 79 -11.03 -0.67 -5.81
CA SER D 79 -11.87 0.51 -5.93
C SER D 79 -12.07 0.94 -7.38
N VAL D 80 -11.82 0.02 -8.30
CA VAL D 80 -12.18 0.23 -9.71
C VAL D 80 -13.57 -0.35 -9.93
N PRO D 81 -14.53 0.53 -10.25
CA PRO D 81 -15.92 0.17 -10.47
C PRO D 81 -16.14 -0.50 -11.83
N PHE D 82 -15.49 -1.64 -12.03
CA PHE D 82 -15.64 -2.46 -13.22
C PHE D 82 -16.93 -3.24 -13.12
N ASN D 83 -17.43 -3.69 -14.27
CA ASN D 83 -18.65 -4.51 -14.39
C ASN D 83 -18.45 -5.95 -13.88
N LYS D 84 -19.15 -6.32 -12.82
CA LYS D 84 -18.87 -7.59 -12.14
C LYS D 84 -19.21 -8.85 -12.93
N ASN D 85 -19.88 -8.68 -14.07
CA ASN D 85 -20.22 -9.79 -14.99
C ASN D 85 -19.25 -9.91 -16.15
N ASP D 86 -18.23 -9.07 -16.15
CA ASP D 86 -17.32 -8.93 -17.28
C ASP D 86 -15.94 -9.52 -16.98
N ASN D 87 -15.70 -10.75 -17.45
CA ASN D 87 -14.38 -11.34 -17.40
C ASN D 87 -13.68 -11.29 -18.75
N VAL D 88 -14.07 -10.35 -19.62
CA VAL D 88 -13.62 -10.32 -21.02
C VAL D 88 -12.71 -9.12 -21.32
N ASN D 89 -13.25 -7.92 -21.18
CA ASN D 89 -12.51 -6.68 -21.45
C ASN D 89 -11.63 -6.33 -20.26
N PRO D 90 -10.51 -5.62 -20.52
CA PRO D 90 -9.60 -5.26 -19.41
C PRO D 90 -10.17 -4.16 -18.52
N LEU D 91 -9.46 -3.82 -17.43
CA LEU D 91 -9.79 -2.66 -16.61
C LEU D 91 -9.71 -1.37 -17.45
N PRO D 92 -10.61 -0.39 -17.18
CA PRO D 92 -11.67 -0.34 -16.14
C PRO D 92 -13.04 -0.96 -16.47
N GLU D 93 -13.20 -1.55 -17.66
CA GLU D 93 -14.49 -2.13 -18.03
C GLU D 93 -14.80 -3.52 -17.37
N GLY D 94 -13.83 -4.43 -17.40
CA GLY D 94 -13.92 -5.76 -16.77
C GLY D 94 -12.65 -6.13 -16.01
N TYR D 95 -12.59 -7.37 -15.54
CA TYR D 95 -11.49 -7.86 -14.69
C TYR D 95 -11.35 -9.40 -14.77
N ARG D 96 -10.16 -9.93 -14.42
CA ARG D 96 -9.91 -11.38 -14.48
C ARG D 96 -10.80 -12.19 -13.51
N HIS D 97 -11.24 -11.58 -12.42
CA HIS D 97 -12.20 -12.24 -11.54
C HIS D 97 -13.58 -11.60 -11.63
N ALA D 98 -14.41 -12.16 -12.51
CA ALA D 98 -15.79 -11.70 -12.66
C ALA D 98 -16.73 -12.88 -12.70
N GLN D 99 -18.03 -12.59 -12.75
CA GLN D 99 -19.05 -13.62 -12.77
C GLN D 99 -19.81 -13.48 -14.08
N PRO D 100 -19.50 -14.34 -15.06
CA PRO D 100 -19.97 -14.06 -16.44
C PRO D 100 -21.48 -14.20 -16.56
N TYR D 101 -22.06 -14.98 -15.66
CA TYR D 101 -23.45 -15.36 -15.74
C TYR D 101 -24.45 -14.45 -15.04
N LEU D 102 -24.00 -13.31 -14.51
CA LEU D 102 -24.88 -12.49 -13.67
C LEU D 102 -26.14 -12.02 -14.39
N LYS D 103 -25.94 -11.45 -15.57
CA LYS D 103 -27.06 -10.97 -16.37
C LYS D 103 -28.08 -12.05 -16.72
N ASN D 104 -27.65 -13.27 -17.05
CA ASN D 104 -28.61 -14.37 -17.26
C ASN D 104 -29.48 -14.60 -16.02
N LEU D 105 -28.79 -14.66 -14.87
CA LEU D 105 -29.41 -14.99 -13.59
C LEU D 105 -30.34 -13.89 -13.06
N TRP D 106 -30.07 -12.64 -13.46
CA TRP D 106 -30.94 -11.52 -13.12
C TRP D 106 -31.77 -10.98 -14.31
N LEU D 107 -32.10 -11.88 -15.24
CA LEU D 107 -33.00 -11.58 -16.35
C LEU D 107 -34.30 -10.94 -15.87
N GLY D 108 -34.64 -9.81 -16.48
CA GLY D 108 -35.92 -9.14 -16.25
C GLY D 108 -35.94 -8.34 -14.96
N TYR D 109 -34.81 -8.29 -14.26
CA TYR D 109 -34.71 -7.53 -13.02
C TYR D 109 -33.66 -6.46 -13.24
N PRO D 110 -33.90 -5.23 -12.72
CA PRO D 110 -32.99 -4.09 -12.91
C PRO D 110 -31.48 -4.37 -12.81
N PHE D 111 -31.08 -5.41 -12.10
CA PHE D 111 -29.65 -5.69 -11.99
C PHE D 111 -29.01 -6.21 -13.27
N MET D 112 -29.83 -6.49 -14.28
CA MET D 112 -29.31 -6.99 -15.54
C MET D 112 -28.79 -5.86 -16.44
N TYR D 113 -29.09 -4.62 -16.06
CA TYR D 113 -28.69 -3.46 -16.83
C TYR D 113 -27.26 -2.98 -16.50
N GLU D 114 -26.95 -2.90 -15.21
CA GLU D 114 -25.63 -2.49 -14.74
C GLU D 114 -25.43 -2.86 -13.28
N TYR D 115 -24.24 -3.38 -12.98
CA TYR D 115 -23.89 -3.80 -11.61
C TYR D 115 -22.38 -3.82 -11.52
N ARG D 116 -21.82 -2.82 -10.83
CA ARG D 116 -20.38 -2.73 -10.76
C ARG D 116 -19.79 -2.85 -9.36
N GLU D 117 -18.48 -3.10 -9.33
CA GLU D 117 -17.71 -3.20 -8.11
C GLU D 117 -17.91 -1.96 -7.25
N ALA D 118 -18.17 -2.21 -5.96
CA ALA D 118 -18.41 -1.16 -4.98
C ALA D 118 -17.14 -0.35 -4.76
N ARG D 119 -17.28 0.98 -4.69
CA ARG D 119 -16.15 1.85 -4.44
C ARG D 119 -16.37 2.86 -3.31
N GLY D 120 -15.40 3.75 -3.10
CA GLY D 120 -15.35 4.58 -1.89
C GLY D 120 -16.65 5.32 -1.62
N HIS D 121 -16.92 5.58 -0.34
CA HIS D 121 -18.17 6.21 0.08
C HIS D 121 -18.46 7.54 -0.61
N THR D 122 -17.40 8.31 -0.85
CA THR D 122 -17.50 9.62 -1.44
C THR D 122 -18.10 9.57 -2.85
N TYR D 123 -18.22 8.39 -3.44
CA TYR D 123 -18.77 8.23 -4.80
C TYR D 123 -20.22 7.78 -4.84
N ALA D 124 -20.80 7.57 -3.66
CA ALA D 124 -22.16 7.01 -3.53
C ALA D 124 -23.22 7.67 -4.41
N ILE D 125 -23.30 9.00 -4.37
CA ILE D 125 -24.31 9.67 -5.16
C ILE D 125 -23.92 9.81 -6.63
N GLN D 126 -22.64 10.00 -6.91
CA GLN D 126 -22.19 10.03 -8.29
C GLN D 126 -22.61 8.75 -9.05
N ASP D 127 -22.37 7.59 -8.42
CA ASP D 127 -22.63 6.28 -9.02
C ASP D 127 -24.10 5.93 -9.02
N PHE D 128 -24.80 6.37 -7.97
CA PHE D 128 -26.23 6.19 -7.86
C PHE D 128 -26.92 6.80 -9.07
N LEU D 129 -26.48 8.00 -9.44
CA LEU D 129 -27.04 8.79 -10.55
C LEU D 129 -26.42 8.50 -11.92
N HIS D 130 -25.44 7.61 -11.96
CA HIS D 130 -24.93 7.11 -13.23
C HIS D 130 -25.41 5.70 -13.60
N ILE D 131 -26.02 5.01 -12.63
CA ILE D 131 -26.42 3.64 -12.81
C ILE D 131 -27.63 3.54 -13.74
N ASP D 132 -27.57 2.56 -14.63
CA ASP D 132 -28.66 2.33 -15.57
C ASP D 132 -29.86 1.62 -14.91
N ARG D 133 -29.68 1.12 -13.67
CA ARG D 133 -30.76 0.38 -12.95
C ARG D 133 -31.97 1.28 -12.70
N ILE D 134 -31.69 2.52 -12.32
CA ILE D 134 -32.71 3.56 -12.30
C ILE D 134 -32.93 3.94 -13.76
N ASN D 135 -34.19 4.03 -14.20
CA ASN D 135 -34.54 4.47 -15.56
C ASN D 135 -34.23 5.94 -15.79
N ARG D 136 -33.57 6.20 -16.91
CA ARG D 136 -33.10 7.53 -17.29
C ARG D 136 -33.59 7.87 -18.70
N TYR D 137 -34.58 7.09 -19.17
CA TYR D 137 -35.21 7.27 -20.48
C TYR D 137 -36.69 7.62 -20.32
N ALA D 138 -37.02 8.10 -19.12
CA ALA D 138 -38.35 8.64 -18.78
C ALA D 138 -38.20 9.62 -17.60
N GLU D 139 -39.28 10.32 -17.27
CA GLU D 139 -39.29 11.11 -16.05
C GLU D 139 -39.19 10.18 -14.83
N LYS D 140 -40.08 9.17 -14.75
CA LYS D 140 -40.12 8.22 -13.63
C LYS D 140 -38.92 7.28 -13.69
N GLY D 141 -38.29 7.07 -12.54
CA GLY D 141 -37.18 6.15 -12.42
C GLY D 141 -37.62 4.70 -12.41
N GLY D 142 -38.87 4.44 -12.02
CA GLY D 142 -39.40 3.08 -11.91
C GLY D 142 -39.07 2.36 -10.61
N LEU D 143 -38.23 2.99 -9.78
CA LEU D 143 -37.86 2.49 -8.46
C LEU D 143 -38.24 3.49 -7.34
N PRO D 144 -38.49 2.99 -6.12
CA PRO D 144 -38.92 3.88 -5.04
C PRO D 144 -37.79 4.76 -4.50
N ALA D 145 -38.20 5.92 -3.96
CA ALA D 145 -37.29 6.87 -3.30
C ALA D 145 -36.49 6.18 -2.20
N THR D 146 -36.96 5.01 -1.79
CA THR D 146 -36.27 4.18 -0.80
C THR D 146 -34.84 3.86 -1.24
N CYS D 147 -34.60 3.87 -2.54
CA CYS D 147 -33.23 3.73 -3.06
C CYS D 147 -32.26 4.75 -2.48
N TRP D 148 -32.77 5.89 -2.05
CA TRP D 148 -31.95 6.92 -1.43
C TRP D 148 -31.52 6.57 -0.01
N ASN D 149 -32.17 5.56 0.58
CA ASN D 149 -32.03 5.25 2.01
C ASN D 149 -30.60 5.13 2.52
N CYS D 150 -29.78 4.35 1.82
CA CYS D 150 -28.37 4.14 2.23
C CYS D 150 -27.39 4.89 1.36
N LYS D 151 -27.77 6.09 0.92
CA LYS D 151 -26.90 6.87 0.05
C LYS D 151 -26.55 8.25 0.61
N THR D 152 -27.41 8.79 1.46
CA THR D 152 -27.35 10.20 1.80
C THR D 152 -27.92 10.45 3.19
N PRO D 153 -27.26 11.31 4.00
CA PRO D 153 -27.85 11.75 5.26
C PRO D 153 -28.97 12.79 5.04
N LYS D 154 -29.26 13.12 3.78
CA LYS D 154 -30.39 13.99 3.48
C LYS D 154 -31.73 13.24 3.72
N MET D 155 -31.63 11.92 3.95
CA MET D 155 -32.74 11.02 4.32
C MET D 155 -33.51 11.45 5.54
N MET D 156 -32.85 12.16 6.45
CA MET D 156 -33.48 12.59 7.69
C MET D 156 -34.52 13.69 7.50
N GLU D 157 -34.24 14.65 6.62
CA GLU D 157 -35.16 15.74 6.37
C GLU D 157 -36.28 15.26 5.48
N TRP D 158 -35.92 14.45 4.48
CA TRP D 158 -36.88 13.96 3.49
C TRP D 158 -38.00 13.21 4.17
N VAL D 159 -37.64 12.32 5.11
CA VAL D 159 -38.60 11.57 5.95
C VAL D 159 -39.37 12.48 6.93
N LYS D 160 -38.65 13.34 7.64
CA LYS D 160 -39.31 14.30 8.54
C LYS D 160 -40.37 15.13 7.80
N GLU D 161 -40.14 15.38 6.51
CA GLU D 161 -41.02 16.19 5.68
C GLU D 161 -42.17 15.39 5.04
N SER D 162 -41.89 14.18 4.53
CA SER D 162 -42.92 13.38 3.86
C SER D 162 -43.51 12.25 4.71
N GLY D 163 -42.85 11.92 5.84
CA GLY D 163 -43.28 10.83 6.73
C GLY D 163 -43.33 9.46 6.07
N ASP D 164 -44.40 8.71 6.31
CA ASP D 164 -44.62 7.39 5.67
C ASP D 164 -44.80 7.48 4.14
N GLY D 165 -45.16 8.66 3.65
CA GLY D 165 -45.37 8.92 2.23
C GLY D 165 -44.10 8.97 1.39
N PHE D 166 -42.95 9.20 2.02
CA PHE D 166 -41.66 9.31 1.32
C PHE D 166 -41.30 8.10 0.46
N TRP D 167 -41.32 6.92 1.08
CA TRP D 167 -40.79 5.69 0.49
C TRP D 167 -41.36 5.36 -0.87
N ALA D 168 -42.66 5.56 -1.04
CA ALA D 168 -43.35 5.10 -2.24
C ALA D 168 -43.23 6.06 -3.42
N LYS D 169 -42.72 7.27 -3.18
CA LYS D 169 -42.48 8.24 -4.27
C LYS D 169 -41.42 7.68 -5.24
N ASP D 170 -41.40 8.22 -6.46
CA ASP D 170 -40.41 7.84 -7.47
C ASP D 170 -39.00 8.36 -7.14
N VAL D 171 -38.00 7.52 -7.40
CA VAL D 171 -36.64 7.85 -7.02
C VAL D 171 -36.16 9.14 -7.66
N ASN D 172 -36.54 9.31 -8.93
CA ASN D 172 -36.04 10.45 -9.71
C ASN D 172 -36.48 11.80 -9.19
N GLU D 173 -37.38 11.80 -8.20
CA GLU D 173 -38.01 13.00 -7.66
C GLU D 173 -37.05 13.81 -6.77
N PHE D 174 -35.93 13.19 -6.38
CA PHE D 174 -34.94 13.87 -5.57
C PHE D 174 -33.61 14.04 -6.30
N ARG D 175 -33.56 13.48 -7.51
CA ARG D 175 -32.37 13.48 -8.35
C ARG D 175 -31.67 14.84 -8.43
N ASP D 176 -32.43 15.90 -8.62
CA ASP D 176 -31.85 17.23 -8.73
C ASP D 176 -31.93 18.08 -7.45
N LYS D 177 -32.31 17.46 -6.32
CA LYS D 177 -32.40 18.20 -5.05
C LYS D 177 -31.37 17.74 -4.00
N ILE D 178 -30.10 17.60 -4.44
CA ILE D 178 -29.02 17.02 -3.63
C ILE D 178 -27.62 17.44 -4.14
N ASP D 179 -26.73 17.78 -3.21
CA ASP D 179 -25.35 18.11 -3.56
C ASP D 179 -24.56 16.82 -3.60
N MET D 180 -24.08 16.50 -4.79
CA MET D 180 -23.37 15.26 -5.08
C MET D 180 -22.12 15.02 -4.21
N LYS D 181 -21.34 16.09 -3.96
CA LYS D 181 -20.16 16.03 -3.08
C LYS D 181 -20.50 16.27 -1.59
N ASP D 182 -21.38 17.22 -1.32
CA ASP D 182 -21.60 17.64 0.05
C ASP D 182 -22.64 16.79 0.79
N HIS D 183 -23.40 15.97 0.05
CA HIS D 183 -24.44 15.15 0.66
C HIS D 183 -24.29 13.63 0.48
N THR D 184 -23.12 13.14 0.04
CA THR D 184 -22.93 11.67 0.04
C THR D 184 -22.73 11.17 1.48
N ILE D 185 -22.96 9.86 1.69
CA ILE D 185 -22.58 9.21 2.93
C ILE D 185 -21.48 10.02 3.59
N GLY D 186 -21.81 10.73 4.66
CA GLY D 186 -20.84 11.62 5.31
C GLY D 186 -21.00 11.59 6.80
N CYS D 187 -20.28 12.49 7.46
CA CYS D 187 -20.15 12.51 8.92
C CYS D 187 -21.47 12.39 9.67
N ALA D 188 -22.51 13.01 9.14
CA ALA D 188 -23.80 13.03 9.82
C ALA D 188 -24.50 11.64 9.80
N THR D 189 -24.16 10.80 8.80
CA THR D 189 -24.66 9.43 8.76
C THR D 189 -24.31 8.68 10.05
N CYS D 190 -23.21 9.08 10.71
CA CYS D 190 -22.73 8.32 11.86
C CYS D 190 -22.57 9.08 13.16
N HIS D 191 -22.31 10.38 13.05
CA HIS D 191 -22.00 11.20 14.21
C HIS D 191 -23.12 12.22 14.45
N ASP D 192 -23.34 12.55 15.73
CA ASP D 192 -24.15 13.69 16.11
C ASP D 192 -23.33 14.96 15.82
N PRO D 193 -23.91 15.94 15.09
CA PRO D 193 -23.06 17.01 14.57
C PRO D 193 -22.61 17.94 15.67
N GLN D 194 -23.17 17.77 16.87
CA GLN D 194 -22.89 18.66 17.98
C GLN D 194 -21.86 18.05 18.91
N THR D 195 -22.11 16.81 19.35
CA THR D 195 -21.28 16.12 20.33
C THR D 195 -20.28 15.14 19.70
N MET D 196 -20.52 14.80 18.44
CA MET D 196 -19.76 13.79 17.70
C MET D 196 -19.89 12.38 18.25
N GLU D 197 -20.79 12.17 19.21
CA GLU D 197 -21.17 10.82 19.64
C GLU D 197 -21.62 9.92 18.46
N LEU D 198 -21.54 8.60 18.63
CA LEU D 198 -21.96 7.70 17.57
C LEU D 198 -23.48 7.57 17.56
N ARG D 199 -24.06 7.65 16.37
CA ARG D 199 -25.51 7.65 16.15
C ARG D 199 -25.91 6.57 15.17
N ILE D 200 -27.06 5.96 15.41
CA ILE D 200 -27.72 5.22 14.37
C ILE D 200 -28.81 6.10 13.79
N THR D 201 -28.64 6.46 12.54
CA THR D 201 -29.62 7.29 11.83
C THR D 201 -30.52 6.47 10.90
N SER D 202 -30.22 5.17 10.72
CA SER D 202 -31.01 4.34 9.80
C SER D 202 -32.43 4.08 10.34
N VAL D 203 -33.43 4.18 9.48
CA VAL D 203 -34.78 3.85 9.92
C VAL D 203 -34.92 2.36 10.09
N PRO D 204 -34.60 1.57 9.04
CA PRO D 204 -34.78 0.12 9.16
C PRO D 204 -33.96 -0.56 10.27
N LEU D 205 -32.74 -0.08 10.53
CA LEU D 205 -31.93 -0.65 11.62
C LEU D 205 -32.52 -0.34 13.00
N THR D 206 -32.91 0.92 13.19
CA THR D 206 -33.65 1.33 14.37
C THR D 206 -34.87 0.44 14.53
N ASP D 207 -35.53 0.12 13.43
CA ASP D 207 -36.72 -0.73 13.45
C ASP D 207 -36.46 -2.12 14.07
N TYR D 208 -35.31 -2.71 13.71
CA TYR D 208 -34.91 -4.01 14.23
C TYR D 208 -34.49 -3.88 15.69
N LEU D 209 -33.60 -2.94 15.96
CA LEU D 209 -33.10 -2.72 17.31
C LEU D 209 -34.25 -2.61 18.32
N VAL D 210 -35.30 -1.86 17.95
CA VAL D 210 -36.49 -1.69 18.79
C VAL D 210 -37.25 -3.01 18.93
N SER D 211 -37.36 -3.74 17.81
CA SER D 211 -38.06 -5.01 17.80
C SER D 211 -37.35 -6.02 18.71
N GLN D 212 -36.13 -5.70 19.10
CA GLN D 212 -35.33 -6.56 19.96
C GLN D 212 -35.27 -6.05 21.39
N GLY D 213 -35.85 -4.89 21.65
CA GLY D 213 -35.80 -4.31 22.97
C GLY D 213 -34.56 -3.49 23.29
N LYS D 214 -33.64 -3.36 22.33
CA LYS D 214 -32.45 -2.53 22.54
C LYS D 214 -32.74 -1.05 22.24
N ASP D 215 -32.11 -0.17 23.01
CA ASP D 215 -32.26 1.29 22.86
C ASP D 215 -31.13 1.81 21.95
N PRO D 216 -31.47 2.42 20.79
CA PRO D 216 -30.41 2.85 19.87
C PRO D 216 -29.57 4.06 20.35
N LYS D 217 -29.89 4.60 21.52
CA LYS D 217 -29.13 5.71 22.07
C LYS D 217 -28.29 5.28 23.28
N LYS D 218 -28.49 4.04 23.71
CA LYS D 218 -27.79 3.48 24.86
C LYS D 218 -27.05 2.20 24.49
N LEU D 219 -26.41 2.16 23.33
CA LEU D 219 -25.79 0.91 22.86
C LEU D 219 -24.33 0.81 23.25
N PRO D 220 -23.89 -0.40 23.69
CA PRO D 220 -22.46 -0.62 24.00
C PRO D 220 -21.54 -0.32 22.81
N ARG D 221 -20.41 0.33 23.10
CA ARG D 221 -19.51 0.78 22.05
C ARG D 221 -19.16 -0.28 21.00
N ASN D 222 -18.77 -1.47 21.45
CA ASN D 222 -18.24 -2.48 20.56
C ASN D 222 -19.34 -2.94 19.60
N GLU D 223 -20.61 -2.82 20.01
CA GLU D 223 -21.74 -3.10 19.13
C GLU D 223 -21.87 -2.01 18.07
N MET D 224 -21.73 -0.76 18.52
CA MET D 224 -21.81 0.41 17.66
C MET D 224 -20.80 0.36 16.55
N ARG D 225 -19.60 -0.10 16.86
CA ARG D 225 -18.52 -0.15 15.90
C ARG D 225 -18.78 -1.17 14.81
N ALA D 226 -19.88 -1.92 14.95
CA ALA D 226 -20.41 -2.79 13.90
C ALA D 226 -21.69 -2.20 13.34
N LEU D 227 -22.58 -1.78 14.23
CA LEU D 227 -23.89 -1.33 13.81
C LEU D 227 -23.87 -0.12 12.87
N VAL D 228 -22.93 0.80 13.08
CA VAL D 228 -22.81 1.97 12.19
C VAL D 228 -22.73 1.54 10.72
N CYS D 229 -21.98 0.47 10.46
CA CYS D 229 -21.90 -0.11 9.13
C CYS D 229 -23.18 -0.92 8.81
N GLY D 230 -23.70 -1.61 9.83
CA GLY D 230 -24.96 -2.36 9.69
C GLY D 230 -26.12 -1.45 9.34
N GLN D 231 -25.88 -0.14 9.32
CA GLN D 231 -26.91 0.78 8.83
C GLN D 231 -27.22 0.51 7.37
N CYS D 232 -26.19 0.12 6.60
CA CYS D 232 -26.36 0.00 5.15
C CYS D 232 -25.85 -1.29 4.53
N HIS D 233 -24.86 -1.90 5.16
CA HIS D 233 -24.21 -3.08 4.60
C HIS D 233 -24.93 -4.38 4.99
N VAL D 234 -26.18 -4.51 4.54
CA VAL D 234 -27.05 -5.59 4.95
C VAL D 234 -27.92 -6.03 3.77
N GLU D 235 -28.65 -7.13 3.93
CA GLU D 235 -29.64 -7.53 2.95
C GLU D 235 -30.92 -6.82 3.35
N TYR D 236 -31.66 -6.29 2.38
CA TYR D 236 -32.90 -5.50 2.66
C TYR D 236 -34.00 -5.94 1.69
N TYR D 237 -35.20 -5.39 1.88
CA TYR D 237 -36.30 -5.46 0.89
C TYR D 237 -37.30 -4.29 1.07
N PHE D 238 -38.22 -4.12 0.13
CA PHE D 238 -39.32 -3.15 0.32
C PHE D 238 -40.66 -3.83 0.55
N ASN D 239 -41.38 -3.36 1.57
CA ASN D 239 -42.79 -3.67 1.73
C ASN D 239 -43.54 -3.49 0.42
N GLY D 240 -44.35 -4.47 0.08
CA GLY D 240 -45.30 -4.35 -1.03
C GLY D 240 -46.52 -3.64 -0.49
N PRO D 241 -47.51 -3.38 -1.34
CA PRO D 241 -48.61 -2.51 -0.91
C PRO D 241 -49.39 -3.03 0.32
N THR D 242 -49.39 -4.34 0.54
CA THR D 242 -50.25 -4.96 1.55
C THR D 242 -49.45 -5.44 2.76
N MET D 243 -48.19 -5.05 2.88
CA MET D 243 -47.33 -5.57 3.94
C MET D 243 -47.06 -4.57 5.07
N GLY D 244 -47.72 -3.42 5.01
CA GLY D 244 -47.40 -2.34 5.93
C GLY D 244 -47.22 -1.07 5.13
N VAL D 245 -46.32 -0.19 5.60
CA VAL D 245 -46.06 1.06 4.89
C VAL D 245 -45.44 0.75 3.53
N ASN D 246 -46.15 1.12 2.46
CA ASN D 246 -45.74 0.80 1.11
C ASN D 246 -44.32 1.27 0.79
N LYS D 247 -43.48 0.33 0.37
CA LYS D 247 -42.07 0.56 -0.06
C LYS D 247 -41.04 0.85 1.05
N LYS D 248 -41.45 0.67 2.30
CA LYS D 248 -40.55 0.84 3.45
C LYS D 248 -39.39 -0.19 3.41
N PRO D 249 -38.15 0.25 3.67
CA PRO D 249 -37.08 -0.75 3.83
C PRO D 249 -37.22 -1.55 5.14
N VAL D 250 -36.94 -2.84 5.05
CA VAL D 250 -37.00 -3.74 6.21
C VAL D 250 -35.84 -4.73 6.09
N PHE D 251 -35.15 -4.99 7.20
CA PHE D 251 -34.10 -6.04 7.20
C PHE D 251 -34.73 -7.36 7.61
N PRO D 252 -34.62 -8.39 6.75
CA PRO D 252 -35.28 -9.65 7.03
C PRO D 252 -34.52 -10.44 8.10
N TRP D 253 -34.59 -10.01 9.36
CA TRP D 253 -33.68 -10.51 10.40
C TRP D 253 -34.41 -11.23 11.51
N ALA D 254 -35.73 -11.18 11.48
CA ALA D 254 -36.55 -11.78 12.55
C ALA D 254 -36.32 -13.28 12.81
N GLU D 255 -35.85 -14.01 11.82
CA GLU D 255 -35.63 -15.47 11.97
C GLU D 255 -34.19 -15.84 12.30
N GLY D 256 -33.30 -14.84 12.29
CA GLY D 256 -31.86 -15.09 12.44
C GLY D 256 -31.09 -14.61 11.23
N PHE D 257 -29.77 -14.80 11.22
CA PHE D 257 -28.93 -14.14 10.24
C PHE D 257 -28.39 -14.99 9.10
N ASP D 258 -28.62 -16.31 9.16
CA ASP D 258 -28.07 -17.21 8.15
C ASP D 258 -29.00 -17.34 6.94
N PRO D 259 -28.49 -17.80 5.79
CA PRO D 259 -29.34 -18.00 4.61
C PRO D 259 -30.65 -18.77 4.84
N ALA D 260 -30.56 -19.88 5.57
CA ALA D 260 -31.75 -20.65 5.97
C ALA D 260 -32.74 -19.78 6.76
N ASP D 261 -32.22 -18.89 7.59
CA ASP D 261 -33.07 -18.06 8.43
C ASP D 261 -33.78 -17.00 7.58
N MET D 262 -33.03 -16.34 6.71
CA MET D 262 -33.64 -15.36 5.83
C MET D 262 -34.58 -15.99 4.80
N TYR D 263 -34.24 -17.21 4.34
CA TYR D 263 -35.11 -17.88 3.39
C TYR D 263 -36.42 -18.24 4.07
N ARG D 264 -36.35 -18.67 5.33
CA ARG D 264 -37.56 -19.01 6.09
C ARG D 264 -38.41 -17.78 6.41
N TYR D 265 -37.76 -16.63 6.61
CA TYR D 265 -38.44 -15.36 6.78
C TYR D 265 -39.21 -14.97 5.52
N TYR D 266 -38.61 -15.21 4.35
CA TYR D 266 -39.27 -14.92 3.07
C TYR D 266 -40.38 -15.92 2.69
N ASP D 267 -40.47 -17.00 3.47
CA ASP D 267 -41.56 -17.97 3.36
C ASP D 267 -42.87 -17.46 3.97
N LYS D 268 -42.76 -16.59 4.97
CA LYS D 268 -43.93 -16.16 5.76
C LYS D 268 -44.30 -14.66 5.57
N HIS D 269 -43.34 -13.85 5.13
CA HIS D 269 -43.58 -12.43 4.92
C HIS D 269 -43.52 -12.20 3.43
N GLY D 270 -44.64 -11.79 2.85
CA GLY D 270 -44.71 -11.55 1.41
C GLY D 270 -46.13 -11.37 0.92
N ASP D 271 -46.28 -11.34 -0.41
CA ASP D 271 -47.57 -11.03 -1.05
C ASP D 271 -47.82 -11.78 -2.35
N LEU D 272 -47.01 -12.81 -2.61
CA LEU D 272 -47.19 -13.58 -3.85
C LEU D 272 -48.55 -14.24 -3.89
N GLN D 273 -49.19 -14.24 -5.05
CA GLN D 273 -50.46 -14.94 -5.19
C GLN D 273 -50.41 -16.16 -6.09
N VAL D 274 -49.24 -16.45 -6.63
CA VAL D 274 -49.01 -17.58 -7.53
C VAL D 274 -49.16 -18.92 -6.80
N LYS D 275 -49.91 -19.84 -7.42
CA LYS D 275 -50.09 -21.19 -6.87
C LYS D 275 -48.77 -21.83 -6.56
N GLY D 276 -48.64 -22.32 -5.33
CA GLY D 276 -47.41 -22.92 -4.85
C GLY D 276 -46.56 -22.00 -3.98
N PHE D 277 -46.80 -20.69 -4.09
CA PHE D 277 -45.97 -19.68 -3.43
C PHE D 277 -46.77 -18.64 -2.64
N GLU D 278 -48.03 -18.99 -2.33
CA GLU D 278 -48.92 -18.07 -1.62
C GLU D 278 -48.25 -17.51 -0.37
N GLY D 279 -48.20 -16.20 -0.28
CA GLY D 279 -47.74 -15.53 0.93
C GLY D 279 -46.26 -15.24 0.95
N LYS D 280 -45.54 -15.80 -0.02
CA LYS D 280 -44.07 -15.65 -0.12
C LYS D 280 -43.66 -14.32 -0.76
N PHE D 281 -42.44 -13.87 -0.46
CA PHE D 281 -41.92 -12.62 -1.02
C PHE D 281 -41.23 -12.93 -2.33
N ALA D 282 -41.20 -11.95 -3.23
CA ALA D 282 -40.38 -12.05 -4.44
C ALA D 282 -39.97 -10.68 -4.88
N ASP D 283 -38.68 -10.50 -5.19
CA ASP D 283 -38.20 -9.26 -5.77
C ASP D 283 -38.63 -9.14 -7.24
N TRP D 284 -38.66 -10.26 -7.96
CA TRP D 284 -39.22 -10.35 -9.32
C TRP D 284 -39.44 -11.81 -9.68
N THR D 285 -40.13 -12.08 -10.80
CA THR D 285 -40.14 -13.44 -11.37
C THR D 285 -39.23 -13.50 -12.59
N HIS D 286 -38.33 -14.48 -12.61
CA HIS D 286 -37.47 -14.72 -13.75
C HIS D 286 -38.33 -15.08 -14.95
N PRO D 287 -38.23 -14.31 -16.04
CA PRO D 287 -39.14 -14.51 -17.16
C PRO D 287 -38.86 -15.71 -18.08
N ALA D 288 -37.70 -16.35 -17.94
CA ALA D 288 -37.45 -17.58 -18.69
C ALA D 288 -38.01 -18.82 -17.98
N SER D 289 -37.66 -18.97 -16.71
CA SER D 289 -38.06 -20.13 -15.92
C SER D 289 -39.40 -19.93 -15.25
N LYS D 290 -39.84 -18.67 -15.18
CA LYS D 290 -41.07 -18.26 -14.52
C LYS D 290 -40.98 -18.51 -13.02
N THR D 291 -39.76 -18.46 -12.48
CA THR D 291 -39.53 -18.72 -11.06
C THR D 291 -39.60 -17.41 -10.29
N PRO D 292 -40.41 -17.38 -9.21
CA PRO D 292 -40.47 -16.25 -8.25
C PRO D 292 -39.18 -16.11 -7.42
N MET D 293 -38.41 -15.08 -7.71
CA MET D 293 -37.04 -14.92 -7.16
C MET D 293 -36.90 -13.94 -5.99
N ILE D 294 -35.99 -14.26 -5.08
CA ILE D 294 -35.55 -13.31 -4.07
C ILE D 294 -34.25 -12.70 -4.52
N LYS D 295 -34.07 -11.40 -4.25
CA LYS D 295 -32.79 -10.77 -4.49
C LYS D 295 -32.09 -10.53 -3.18
N ALA D 296 -30.83 -10.95 -3.13
CA ALA D 296 -29.95 -10.66 -2.01
C ALA D 296 -29.02 -9.49 -2.34
N GLN D 297 -28.71 -8.68 -1.33
CA GLN D 297 -27.72 -7.62 -1.49
C GLN D 297 -26.77 -7.56 -0.31
N HIS D 298 -25.50 -7.33 -0.63
CA HIS D 298 -24.42 -7.05 0.33
C HIS D 298 -24.71 -7.36 1.82
N PRO D 299 -24.84 -8.65 2.16
CA PRO D 299 -25.11 -8.95 3.55
C PRO D 299 -23.85 -9.04 4.42
N GLU D 300 -23.05 -7.98 4.44
CA GLU D 300 -21.86 -7.96 5.30
C GLU D 300 -22.19 -8.15 6.78
N TYR D 301 -23.15 -7.42 7.29
CA TYR D 301 -23.48 -7.57 8.72
C TYR D 301 -23.81 -9.02 9.10
N GLU D 302 -24.75 -9.62 8.39
CA GLU D 302 -25.29 -10.93 8.74
C GLU D 302 -24.27 -12.04 8.50
N THR D 303 -23.39 -11.81 7.55
CA THR D 303 -22.28 -12.71 7.33
C THR D 303 -21.25 -12.56 8.44
N TRP D 304 -20.92 -11.32 8.78
CA TRP D 304 -19.89 -11.07 9.77
C TRP D 304 -20.24 -11.51 11.18
N ILE D 305 -21.49 -11.32 11.59
CA ILE D 305 -21.89 -11.47 12.99
C ILE D 305 -21.56 -12.82 13.64
N ASN D 306 -21.71 -13.92 12.91
CA ASN D 306 -21.32 -15.22 13.46
C ASN D 306 -20.10 -15.85 12.77
N GLY D 307 -19.25 -15.01 12.16
CA GLY D 307 -18.00 -15.46 11.51
C GLY D 307 -16.87 -15.51 12.53
N THR D 308 -15.78 -16.17 12.18
CA THR D 308 -14.74 -16.39 13.19
C THR D 308 -14.36 -15.09 13.94
N HIS D 309 -14.45 -13.96 13.23
CA HIS D 309 -14.03 -12.70 13.80
C HIS D 309 -15.16 -12.09 14.64
N GLY D 310 -16.33 -11.92 14.02
CA GLY D 310 -17.50 -11.37 14.71
C GLY D 310 -17.91 -12.11 15.98
N ALA D 311 -17.90 -13.43 15.93
CA ALA D 311 -18.27 -14.23 17.09
C ALA D 311 -17.42 -13.84 18.33
N ALA D 312 -16.21 -13.39 18.07
CA ALA D 312 -15.26 -13.11 19.12
C ALA D 312 -15.17 -11.58 19.39
N GLY D 313 -16.16 -10.84 18.92
CA GLY D 313 -16.21 -9.40 19.15
C GLY D 313 -15.25 -8.58 18.28
N VAL D 314 -14.81 -9.17 17.17
CA VAL D 314 -13.96 -8.44 16.26
C VAL D 314 -14.79 -7.72 15.18
N THR D 315 -14.60 -6.41 15.14
CA THR D 315 -15.58 -5.48 14.60
C THR D 315 -15.20 -4.85 13.24
N CYS D 316 -16.19 -4.43 12.45
CA CYS D 316 -15.91 -3.77 11.18
C CYS D 316 -14.91 -2.66 11.44
N ALA D 317 -15.19 -1.85 12.44
CA ALA D 317 -14.34 -0.71 12.73
C ALA D 317 -12.94 -1.16 13.13
N ASP D 318 -12.86 -2.31 13.81
CA ASP D 318 -11.56 -2.85 14.21
C ASP D 318 -10.64 -3.07 13.02
N CYS D 319 -11.23 -3.41 11.87
CA CYS D 319 -10.48 -3.66 10.64
C CYS D 319 -10.53 -2.58 9.57
N HIS D 320 -11.71 -1.98 9.38
CA HIS D 320 -11.85 -1.01 8.32
C HIS D 320 -11.73 0.40 8.82
N MET D 321 -11.70 0.58 10.13
CA MET D 321 -11.43 1.88 10.73
C MET D 321 -10.36 1.75 11.82
N SER D 322 -9.30 1.06 11.47
CA SER D 322 -8.25 0.82 12.44
C SER D 322 -7.53 2.11 12.79
N TYR D 323 -6.96 2.14 13.98
CA TYR D 323 -6.18 3.28 14.36
C TYR D 323 -4.94 3.36 13.46
N THR D 324 -4.61 4.59 13.08
CA THR D 324 -3.42 4.89 12.28
C THR D 324 -2.73 6.12 12.87
N ARG D 325 -1.42 6.02 13.04
CA ARG D 325 -0.66 7.08 13.67
C ARG D 325 -0.11 7.98 12.57
N SER D 326 -1.01 8.80 12.03
CA SER D 326 -0.70 9.73 10.93
C SER D 326 -0.56 11.19 11.38
N ASP D 327 -0.93 11.51 12.62
CA ASP D 327 -0.86 12.86 13.15
C ASP D 327 0.27 12.87 14.15
N ASP D 328 1.43 13.38 13.75
CA ASP D 328 2.68 13.05 14.44
C ASP D 328 2.67 11.54 14.65
N LYS D 329 2.83 11.08 15.89
CA LYS D 329 2.68 9.65 16.17
C LYS D 329 1.39 9.31 16.91
N LYS D 330 0.44 10.23 16.93
CA LYS D 330 -0.81 10.03 17.64
C LYS D 330 -1.85 9.30 16.80
N LYS D 331 -2.62 8.43 17.45
CA LYS D 331 -3.68 7.71 16.80
C LYS D 331 -4.79 8.68 16.41
N ILE D 332 -5.31 8.50 15.18
CA ILE D 332 -6.65 8.95 14.76
C ILE D 332 -7.30 7.74 14.10
N SER D 333 -8.62 7.75 13.96
CA SER D 333 -9.33 6.62 13.35
C SER D 333 -9.41 6.76 11.83
N SER D 334 -8.84 5.79 11.13
CA SER D 334 -8.89 5.83 9.67
C SER D 334 -10.33 5.86 9.22
N HIS D 335 -10.64 6.83 8.36
CA HIS D 335 -11.95 6.99 7.78
C HIS D 335 -11.84 6.69 6.31
N TRP D 336 -10.81 5.91 5.97
CA TRP D 336 -10.63 5.39 4.62
C TRP D 336 -11.27 4.00 4.60
N TRP D 337 -12.50 3.93 4.08
CA TRP D 337 -13.24 2.68 4.03
C TRP D 337 -12.94 1.97 2.73
N THR D 338 -12.07 0.97 2.83
CA THR D 338 -11.63 0.27 1.65
C THR D 338 -11.20 -1.16 1.99
N SER D 339 -10.29 -1.71 1.20
CA SER D 339 -9.76 -3.03 1.50
C SER D 339 -8.58 -2.91 2.44
N PRO D 340 -8.59 -3.70 3.54
CA PRO D 340 -7.41 -3.80 4.40
C PRO D 340 -6.18 -4.26 3.62
N MET D 341 -6.39 -4.88 2.46
CA MET D 341 -5.30 -5.47 1.66
C MET D 341 -4.59 -4.49 0.74
N LYS D 342 -4.94 -3.21 0.85
CA LYS D 342 -4.28 -2.18 0.07
C LYS D 342 -2.96 -1.76 0.74
N ASP D 343 -2.91 -1.94 2.05
CA ASP D 343 -1.74 -1.61 2.83
C ASP D 343 -0.89 -2.87 2.85
N PRO D 344 0.27 -2.79 2.19
CA PRO D 344 1.17 -3.93 2.13
C PRO D 344 1.68 -4.36 3.50
N GLU D 345 1.56 -3.50 4.51
CA GLU D 345 2.02 -3.89 5.86
C GLU D 345 0.88 -4.37 6.77
N MET D 346 -0.32 -4.48 6.19
CA MET D 346 -1.46 -5.10 6.86
C MET D 346 -1.60 -4.66 8.31
N ARG D 347 -1.28 -3.40 8.55
CA ARG D 347 -1.15 -2.87 9.89
C ARG D 347 -2.42 -2.99 10.74
N ALA D 348 -3.57 -2.94 10.08
CA ALA D 348 -4.85 -3.12 10.77
C ALA D 348 -4.91 -4.46 11.50
N CYS D 349 -4.20 -5.46 10.96
CA CYS D 349 -4.24 -6.81 11.52
C CYS D 349 -3.13 -7.05 12.51
N ARG D 350 -2.08 -6.23 12.42
CA ARG D 350 -0.80 -6.59 13.01
C ARG D 350 -0.59 -6.21 14.46
N GLN D 351 -1.64 -5.87 15.18
CA GLN D 351 -1.51 -5.81 16.63
C GLN D 351 -2.04 -7.14 17.18
N CYS D 352 -3.18 -7.57 16.65
CA CYS D 352 -3.80 -8.79 17.10
C CYS D 352 -3.06 -10.00 16.60
N HIS D 353 -2.48 -9.91 15.41
CA HIS D 353 -1.68 -10.97 14.84
C HIS D 353 -0.24 -10.45 14.67
N SER D 354 0.37 -9.98 15.76
CA SER D 354 1.70 -9.38 15.69
C SER D 354 2.81 -10.42 15.49
N ASP D 355 2.42 -11.68 15.49
CA ASP D 355 3.37 -12.78 15.36
C ASP D 355 3.43 -13.30 13.93
N LYS D 356 2.48 -12.88 13.10
CA LYS D 356 2.45 -13.25 11.71
C LYS D 356 2.90 -12.08 10.88
N THR D 357 3.49 -12.37 9.72
CA THR D 357 3.93 -11.32 8.80
C THR D 357 2.76 -10.91 7.93
N PRO D 358 2.79 -9.65 7.43
CA PRO D 358 1.74 -9.23 6.50
C PRO D 358 1.50 -10.26 5.38
N ASP D 359 2.57 -10.82 4.82
CA ASP D 359 2.43 -11.79 3.73
C ASP D 359 1.72 -13.07 4.18
N TYR D 360 2.04 -13.54 5.40
CA TYR D 360 1.38 -14.70 5.98
C TYR D 360 -0.11 -14.45 6.04
N LEU D 361 -0.49 -13.27 6.53
CA LEU D 361 -1.89 -12.94 6.66
C LEU D 361 -2.58 -12.92 5.28
N LYS D 362 -1.91 -12.32 4.30
CA LYS D 362 -2.47 -12.23 2.94
C LYS D 362 -2.71 -13.62 2.38
N SER D 363 -1.76 -14.51 2.57
CA SER D 363 -1.91 -15.86 2.06
C SER D 363 -3.04 -16.60 2.77
N ARG D 364 -3.40 -16.18 3.97
CA ARG D 364 -4.46 -16.85 4.70
C ARG D 364 -5.81 -16.30 4.30
N VAL D 365 -5.85 -15.02 3.95
CA VAL D 365 -7.02 -14.45 3.33
C VAL D 365 -7.30 -15.16 2.00
N LEU D 366 -6.28 -15.28 1.15
CA LEU D 366 -6.44 -15.83 -0.20
C LEU D 366 -6.80 -17.31 -0.14
N PHE D 367 -6.35 -17.97 0.93
CA PHE D 367 -6.72 -19.36 1.18
C PHE D 367 -8.25 -19.53 1.12
N THR D 368 -8.97 -18.61 1.76
CA THR D 368 -10.42 -18.64 1.75
C THR D 368 -10.95 -18.09 0.42
N GLN D 369 -10.46 -16.92 0.00
CA GLN D 369 -11.05 -16.21 -1.14
C GLN D 369 -11.02 -17.06 -2.41
N LYS D 370 -9.88 -17.69 -2.70
CA LYS D 370 -9.75 -18.48 -3.92
C LYS D 370 -10.73 -19.65 -4.02
N ARG D 371 -10.96 -20.35 -2.90
CA ARG D 371 -11.88 -21.48 -2.88
C ARG D 371 -13.33 -21.00 -3.05
N THR D 372 -13.63 -19.89 -2.38
CA THR D 372 -14.97 -19.35 -2.34
C THR D 372 -15.37 -18.88 -3.72
N PHE D 373 -14.53 -18.03 -4.33
CA PHE D 373 -14.79 -17.49 -5.67
C PHE D 373 -14.93 -18.60 -6.72
N ASP D 374 -13.99 -19.56 -6.71
CA ASP D 374 -14.08 -20.70 -7.61
C ASP D 374 -15.41 -21.50 -7.45
N LEU D 375 -15.78 -21.74 -6.19
CA LEU D 375 -17.01 -22.46 -5.90
C LEU D 375 -18.21 -21.62 -6.31
N LEU D 376 -18.13 -20.31 -6.12
CA LEU D 376 -19.20 -19.43 -6.56
C LEU D 376 -19.47 -19.61 -8.06
N LEU D 377 -18.46 -19.39 -8.90
CA LEU D 377 -18.67 -19.52 -10.34
C LEU D 377 -19.39 -20.83 -10.68
N ALA D 378 -18.97 -21.91 -10.00
CA ALA D 378 -19.51 -23.25 -10.23
C ALA D 378 -20.98 -23.31 -9.83
N ALA D 379 -21.29 -22.83 -8.63
CA ALA D 379 -22.66 -22.77 -8.13
C ALA D 379 -23.57 -21.93 -9.04
N GLN D 380 -22.98 -20.97 -9.72
CA GLN D 380 -23.71 -20.06 -10.61
C GLN D 380 -24.05 -20.73 -11.92
N GLU D 381 -23.14 -21.58 -12.40
CA GLU D 381 -23.33 -22.33 -13.63
C GLU D 381 -24.48 -23.28 -13.48
N VAL D 382 -24.49 -24.03 -12.39
CA VAL D 382 -25.56 -25.00 -12.14
C VAL D 382 -26.92 -24.34 -11.90
N SER D 383 -26.91 -23.08 -11.47
CA SER D 383 -28.14 -22.31 -11.30
C SER D 383 -28.72 -21.91 -12.67
N VAL D 384 -27.84 -21.54 -13.61
CA VAL D 384 -28.27 -21.27 -14.97
C VAL D 384 -28.89 -22.53 -15.57
N LYS D 385 -28.20 -23.65 -15.40
CA LYS D 385 -28.70 -24.94 -15.84
C LYS D 385 -30.09 -25.25 -15.25
N ALA D 386 -30.27 -24.93 -13.97
CA ALA D 386 -31.54 -25.14 -13.30
C ALA D 386 -32.66 -24.34 -13.97
N HIS D 387 -32.40 -23.04 -14.19
CA HIS D 387 -33.34 -22.14 -14.84
C HIS D 387 -33.67 -22.68 -16.19
N GLU D 388 -32.63 -23.09 -16.92
CA GLU D 388 -32.81 -23.62 -18.27
C GLU D 388 -33.66 -24.90 -18.29
N ALA D 389 -33.46 -25.77 -17.32
CA ALA D 389 -34.18 -27.01 -17.20
C ALA D 389 -35.66 -26.72 -16.95
N VAL D 390 -35.91 -25.82 -16.01
CA VAL D 390 -37.28 -25.43 -15.72
C VAL D 390 -37.93 -24.77 -16.94
N ARG D 391 -37.13 -24.05 -17.75
CA ARG D 391 -37.63 -23.39 -18.96
C ARG D 391 -38.06 -24.43 -20.00
N LEU D 392 -37.24 -25.44 -20.18
CA LEU D 392 -37.55 -26.47 -21.11
C LEU D 392 -38.78 -27.28 -20.65
N ALA D 393 -38.89 -27.50 -19.33
CA ALA D 393 -39.98 -28.29 -18.77
C ALA D 393 -41.29 -27.51 -18.81
N ASN D 394 -41.16 -26.19 -18.74
CA ASN D 394 -42.29 -25.27 -18.83
C ASN D 394 -42.92 -25.32 -20.23
N GLU D 395 -42.11 -25.65 -21.22
CA GLU D 395 -42.51 -25.57 -22.64
C GLU D 395 -42.62 -26.93 -23.33
N TYR D 396 -42.27 -27.98 -22.60
CA TYR D 396 -42.20 -29.33 -23.15
C TYR D 396 -43.51 -29.79 -23.80
N GLN D 397 -43.38 -30.38 -24.99
CA GLN D 397 -44.54 -30.86 -25.78
C GLN D 397 -44.79 -32.39 -25.75
N GLY D 398 -43.87 -33.16 -25.18
CA GLY D 398 -44.05 -34.62 -25.07
C GLY D 398 -44.89 -35.01 -23.88
N ALA D 399 -44.91 -36.31 -23.58
CA ALA D 399 -45.66 -36.84 -22.45
C ALA D 399 -45.07 -36.36 -21.10
N LYS D 400 -45.91 -35.70 -20.31
CA LYS D 400 -45.53 -35.27 -18.97
C LYS D 400 -45.87 -36.33 -17.92
N ALA D 401 -45.28 -36.23 -16.73
CA ALA D 401 -45.68 -37.10 -15.61
C ALA D 401 -47.06 -36.69 -15.09
N ALA D 402 -47.69 -37.62 -14.37
CA ALA D 402 -48.98 -37.36 -13.75
C ALA D 402 -48.92 -36.25 -12.69
N GLY D 403 -47.75 -36.05 -12.08
CA GLY D 403 -47.56 -34.98 -11.09
C GLY D 403 -46.80 -33.76 -11.58
N TYR D 404 -46.86 -33.52 -12.90
CA TYR D 404 -46.20 -32.40 -13.58
C TYR D 404 -46.33 -31.04 -12.85
N ASP D 405 -47.57 -30.66 -12.52
CA ASP D 405 -47.83 -29.36 -11.92
C ASP D 405 -47.17 -29.24 -10.55
N ASP D 406 -47.37 -30.26 -9.72
CA ASP D 406 -46.78 -30.27 -8.39
C ASP D 406 -45.25 -30.31 -8.45
N LEU D 407 -44.72 -31.09 -9.39
CA LEU D 407 -43.28 -31.13 -9.60
C LEU D 407 -42.72 -29.80 -10.14
N MET D 408 -43.48 -29.05 -10.94
CA MET D 408 -42.99 -27.77 -11.49
C MET D 408 -42.81 -26.77 -10.37
N ILE D 409 -43.75 -26.80 -9.43
CA ILE D 409 -43.65 -25.98 -8.22
C ILE D 409 -42.38 -26.33 -7.45
N GLN D 410 -42.22 -27.59 -7.07
CA GLN D 410 -41.07 -28.06 -6.32
C GLN D 410 -39.78 -27.69 -7.04
N ALA D 411 -39.81 -27.75 -8.37
CA ALA D 411 -38.68 -27.35 -9.22
C ALA D 411 -38.41 -25.87 -9.07
N ARG D 412 -39.45 -25.08 -9.23
CA ARG D 412 -39.28 -23.64 -9.16
C ARG D 412 -38.88 -23.24 -7.76
N GLU D 413 -39.45 -23.88 -6.75
CA GLU D 413 -39.08 -23.66 -5.35
C GLU D 413 -37.56 -23.81 -5.14
N MET D 414 -36.98 -24.80 -5.80
CA MET D 414 -35.58 -25.06 -5.65
C MET D 414 -34.72 -24.10 -6.46
N VAL D 415 -35.20 -23.68 -7.63
CA VAL D 415 -34.47 -22.65 -8.42
C VAL D 415 -34.30 -21.39 -7.56
N ARG D 416 -35.41 -20.98 -6.96
CA ARG D 416 -35.48 -19.85 -6.03
C ARG D 416 -34.55 -20.01 -4.84
N LYS D 417 -34.54 -21.19 -4.20
CA LYS D 417 -33.71 -21.41 -3.00
C LYS D 417 -32.21 -21.42 -3.32
N GLY D 418 -31.84 -22.13 -4.38
CA GLY D 418 -30.46 -22.13 -4.85
C GLY D 418 -29.95 -20.74 -5.17
N GLN D 419 -30.77 -19.94 -5.85
CA GLN D 419 -30.29 -18.65 -6.29
C GLN D 419 -30.10 -17.78 -5.09
N PHE D 420 -31.05 -17.85 -4.15
CA PHE D 420 -30.89 -17.04 -2.95
C PHE D 420 -29.59 -17.36 -2.25
N PHE D 421 -29.30 -18.65 -2.09
CA PHE D 421 -28.11 -19.05 -1.38
C PHE D 421 -26.86 -18.54 -2.07
N TRP D 422 -26.75 -18.70 -3.39
CA TRP D 422 -25.54 -18.18 -4.06
C TRP D 422 -25.51 -16.65 -4.09
N ASP D 423 -26.68 -16.03 -4.27
CA ASP D 423 -26.72 -14.57 -4.22
C ASP D 423 -26.18 -14.09 -2.87
N TYR D 424 -26.62 -14.74 -1.80
CA TYR D 424 -26.21 -14.39 -0.44
C TYR D 424 -24.71 -14.27 -0.36
N VAL D 425 -24.01 -15.17 -1.02
CA VAL D 425 -22.56 -15.19 -0.93
C VAL D 425 -21.97 -14.28 -1.98
N SER D 426 -22.50 -14.37 -3.21
CA SER D 426 -22.01 -13.58 -4.33
C SER D 426 -21.96 -12.09 -3.97
N ALA D 427 -23.14 -11.59 -3.63
CA ALA D 427 -23.38 -10.19 -3.32
C ALA D 427 -22.55 -9.67 -2.13
N GLU D 428 -21.94 -10.60 -1.39
CA GLU D 428 -21.15 -10.27 -0.19
C GLU D 428 -19.70 -9.91 -0.55
N ASN D 429 -19.28 -8.72 -0.16
CA ASN D 429 -17.98 -8.18 -0.62
C ASN D 429 -16.66 -8.79 -0.06
N SER D 430 -16.73 -9.68 0.92
CA SER D 430 -15.53 -10.23 1.57
C SER D 430 -14.97 -11.46 0.85
N VAL D 431 -15.79 -12.02 -0.04
CA VAL D 431 -15.40 -13.20 -0.83
C VAL D 431 -14.99 -14.39 0.06
N GLY D 432 -15.78 -14.64 1.08
CA GLY D 432 -15.54 -15.75 1.98
C GLY D 432 -14.95 -15.25 3.27
N PHE D 433 -14.04 -14.28 3.21
CA PHE D 433 -13.26 -13.94 4.40
C PHE D 433 -14.09 -13.68 5.68
N HIS D 434 -15.17 -12.89 5.59
CA HIS D 434 -15.90 -12.51 6.79
C HIS D 434 -16.36 -13.72 7.58
N ASN D 435 -16.89 -14.70 6.86
CA ASN D 435 -17.32 -15.96 7.45
C ASN D 435 -16.98 -17.14 6.53
N PRO D 436 -15.73 -17.63 6.59
CA PRO D 436 -15.23 -18.67 5.69
C PRO D 436 -16.16 -19.86 5.63
N ALA D 437 -16.35 -20.51 6.78
CA ALA D 437 -17.23 -21.69 6.91
C ALA D 437 -18.63 -21.47 6.34
N LYS D 438 -19.27 -20.37 6.71
CA LYS D 438 -20.63 -20.10 6.27
C LYS D 438 -20.68 -19.93 4.77
N ALA D 439 -19.75 -19.13 4.25
CA ALA D 439 -19.73 -18.83 2.85
C ALA D 439 -19.69 -20.12 2.04
N LEU D 440 -18.75 -21.01 2.38
CA LEU D 440 -18.54 -22.23 1.62
C LEU D 440 -19.70 -23.19 1.78
N ASP D 441 -20.13 -23.43 3.02
CA ASP D 441 -21.32 -24.20 3.32
C ASP D 441 -22.52 -23.81 2.44
N THR D 442 -22.73 -22.50 2.36
CA THR D 442 -23.87 -21.93 1.70
C THR D 442 -23.80 -22.18 0.20
N LEU D 443 -22.61 -22.14 -0.37
CA LEU D 443 -22.47 -22.37 -1.81
C LEU D 443 -22.73 -23.83 -2.11
N ALA D 444 -22.25 -24.70 -1.24
CA ALA D 444 -22.49 -26.14 -1.38
C ALA D 444 -24.00 -26.50 -1.37
N GLN D 445 -24.76 -25.83 -0.52
CA GLN D 445 -26.18 -26.12 -0.41
C GLN D 445 -26.92 -25.60 -1.64
N SER D 446 -26.43 -24.46 -2.15
CA SER D 446 -26.94 -23.83 -3.36
C SER D 446 -26.84 -24.75 -4.54
N GLN D 447 -25.72 -25.47 -4.60
CA GLN D 447 -25.47 -26.46 -5.62
C GLN D 447 -26.51 -27.59 -5.55
N GLN D 448 -26.76 -28.06 -4.32
CA GLN D 448 -27.72 -29.13 -4.07
C GLN D 448 -29.10 -28.67 -4.51
N PHE D 449 -29.45 -27.44 -4.17
CA PHE D 449 -30.78 -26.96 -4.49
C PHE D 449 -30.97 -26.82 -6.01
N SER D 450 -30.03 -26.15 -6.68
CA SER D 450 -30.09 -25.97 -8.14
C SER D 450 -30.24 -27.31 -8.86
N GLN D 451 -29.47 -28.27 -8.43
CA GLN D 451 -29.48 -29.58 -9.04
C GLN D 451 -30.77 -30.34 -8.73
N LYS D 452 -31.31 -30.18 -7.53
CA LYS D 452 -32.58 -30.85 -7.21
C LYS D 452 -33.68 -30.36 -8.17
N ALA D 453 -33.65 -29.07 -8.48
CA ALA D 453 -34.51 -28.49 -9.49
C ALA D 453 -34.35 -29.14 -10.88
N ILE D 454 -33.11 -29.39 -11.28
CA ILE D 454 -32.87 -29.99 -12.58
C ILE D 454 -33.48 -31.40 -12.57
N ASP D 455 -33.21 -32.12 -11.49
CA ASP D 455 -33.77 -33.45 -11.27
C ASP D 455 -35.30 -33.45 -11.34
N LEU D 456 -35.92 -32.46 -10.72
CA LEU D 456 -37.37 -32.42 -10.70
C LEU D 456 -37.95 -32.04 -12.05
N ALA D 457 -37.32 -31.06 -12.71
CA ALA D 457 -37.72 -30.64 -14.06
C ALA D 457 -37.69 -31.80 -15.05
N MET D 458 -36.66 -32.62 -14.93
CA MET D 458 -36.58 -33.82 -15.73
C MET D 458 -37.63 -34.85 -15.36
N GLU D 459 -37.84 -35.09 -14.06
CA GLU D 459 -38.78 -36.12 -13.64
C GLU D 459 -40.12 -35.84 -14.29
N ALA D 460 -40.44 -34.55 -14.31
CA ALA D 460 -41.72 -34.04 -14.75
C ALA D 460 -41.95 -34.17 -16.25
N THR D 461 -40.87 -34.17 -17.01
CA THR D 461 -40.94 -34.30 -18.46
C THR D 461 -40.61 -35.73 -18.89
N GLN D 462 -40.60 -36.63 -17.91
CA GLN D 462 -40.19 -38.01 -18.14
C GLN D 462 -38.84 -38.09 -18.86
N TYR D 463 -37.95 -37.16 -18.52
CA TYR D 463 -36.57 -37.15 -19.00
C TYR D 463 -36.43 -36.71 -20.46
N GLY D 464 -37.58 -36.37 -21.06
CA GLY D 464 -37.66 -35.87 -22.42
C GLY D 464 -36.88 -34.58 -22.69
N ILE D 465 -36.54 -33.82 -21.64
CA ILE D 465 -35.72 -32.63 -21.81
C ILE D 465 -34.23 -32.90 -21.79
N GLY D 466 -33.83 -34.00 -21.18
CA GLY D 466 -32.43 -34.43 -21.14
C GLY D 466 -31.61 -34.10 -22.37
N LYS D 467 -32.09 -34.51 -23.54
CA LYS D 467 -31.38 -34.31 -24.83
C LYS D 467 -30.95 -32.85 -25.04
N ASP D 468 -31.74 -31.91 -24.49
CA ASP D 468 -31.44 -30.48 -24.52
C ASP D 468 -30.62 -29.95 -23.31
N LEU D 469 -30.09 -30.85 -22.47
CA LEU D 469 -29.25 -30.45 -21.32
C LEU D 469 -27.91 -31.16 -21.31
N SER D 470 -27.46 -31.59 -22.49
CA SER D 470 -26.33 -32.48 -22.56
C SER D 470 -24.94 -31.82 -22.45
N GLY D 471 -24.66 -30.77 -23.22
CA GLY D 471 -23.29 -30.26 -23.33
C GLY D 471 -22.72 -29.57 -22.09
N ASP D 472 -21.73 -28.71 -22.35
CA ASP D 472 -21.30 -27.70 -21.40
C ASP D 472 -22.39 -26.64 -21.38
N ILE D 473 -22.76 -26.18 -20.19
CA ILE D 473 -23.84 -25.20 -20.06
C ILE D 473 -23.52 -23.90 -20.82
N LYS D 474 -22.23 -23.58 -20.98
CA LYS D 474 -21.81 -22.33 -21.64
C LYS D 474 -22.06 -22.30 -23.14
N THR D 475 -22.32 -23.47 -23.71
CA THR D 475 -22.69 -23.55 -25.12
C THR D 475 -24.19 -23.36 -25.27
N ILE D 476 -24.97 -24.11 -24.51
CA ILE D 476 -26.44 -24.08 -24.68
C ILE D 476 -27.11 -22.81 -24.15
N VAL D 477 -26.67 -22.32 -23.00
CA VAL D 477 -27.03 -20.99 -22.51
C VAL D 477 -25.74 -20.17 -22.37
N PRO D 478 -25.32 -19.45 -23.43
CA PRO D 478 -24.12 -18.61 -23.34
C PRO D 478 -24.32 -17.45 -22.39
N PRO D 479 -23.24 -17.02 -21.73
CA PRO D 479 -23.33 -15.87 -20.80
C PRO D 479 -23.69 -14.60 -21.55
N ILE D 480 -24.50 -13.73 -20.93
CA ILE D 480 -24.94 -12.50 -21.57
C ILE D 480 -24.01 -11.38 -21.17
N LEU D 481 -23.15 -10.94 -22.09
CA LEU D 481 -22.12 -9.94 -21.76
C LEU D 481 -22.65 -8.50 -21.74
N LYS D 482 -23.53 -8.16 -22.69
CA LYS D 482 -24.01 -6.78 -22.91
C LYS D 482 -25.53 -6.66 -22.77
N MET D 483 -25.97 -5.82 -21.83
CA MET D 483 -27.40 -5.54 -21.65
C MET D 483 -27.64 -4.26 -20.89
N ASN D 484 -28.38 -3.34 -21.49
CA ASN D 484 -28.81 -2.10 -20.83
C ASN D 484 -30.13 -1.58 -21.40
N ARG D 485 -30.76 -0.64 -20.70
CA ARG D 485 -32.06 -0.11 -21.12
C ARG D 485 -32.09 0.40 -22.55
N LYS D 486 -30.93 0.86 -23.04
CA LYS D 486 -30.79 1.39 -24.40
C LYS D 486 -30.83 0.26 -25.41
N LEU D 487 -30.03 -0.78 -25.16
CA LEU D 487 -29.97 -1.91 -26.09
C LEU D 487 -31.32 -2.63 -26.17
N GLN D 488 -32.01 -2.74 -25.02
CA GLN D 488 -33.37 -3.30 -24.94
C GLN D 488 -34.38 -2.54 -25.79
N GLN D 489 -33.92 -1.50 -26.49
CA GLN D 489 -34.76 -0.77 -27.45
C GLN D 489 -34.59 -1.33 -28.86
N ASP D 490 -33.40 -1.87 -29.15
CA ASP D 490 -33.04 -2.36 -30.49
C ASP D 490 -33.65 -3.74 -30.77
N PRO D 491 -34.62 -3.85 -31.71
CA PRO D 491 -35.22 -5.14 -32.08
C PRO D 491 -34.21 -6.12 -32.67
N GLU D 492 -33.20 -5.62 -33.37
CA GLU D 492 -32.14 -6.47 -33.92
C GLU D 492 -31.31 -7.15 -32.81
N PHE D 493 -31.04 -6.38 -31.76
CA PHE D 493 -30.23 -6.86 -30.65
C PHE D 493 -30.97 -7.92 -29.82
N MET D 494 -32.27 -7.69 -29.55
CA MET D 494 -33.11 -8.63 -28.78
C MET D 494 -33.39 -9.93 -29.54
N LYS D 495 -32.64 -10.15 -30.62
CA LYS D 495 -32.64 -11.41 -31.36
C LYS D 495 -31.34 -12.20 -31.16
N THR D 496 -30.29 -11.54 -30.67
CA THR D 496 -28.95 -12.16 -30.62
C THR D 496 -28.78 -13.29 -29.58
N HIS D 497 -29.71 -13.40 -28.65
CA HIS D 497 -29.64 -14.43 -27.60
C HIS D 497 -31.04 -15.02 -27.33
N LYS D 498 -31.10 -16.33 -27.10
CA LYS D 498 -32.38 -17.02 -26.96
C LYS D 498 -33.21 -16.59 -25.75
N TRP D 499 -32.54 -16.18 -24.68
CA TRP D 499 -33.22 -15.71 -23.47
C TRP D 499 -33.81 -14.30 -23.62
N PHE D 500 -33.43 -13.58 -24.68
CA PHE D 500 -33.98 -12.25 -24.95
C PHE D 500 -35.42 -12.28 -25.42
N GLN D 501 -35.91 -13.46 -25.79
CA GLN D 501 -37.29 -13.58 -26.22
C GLN D 501 -38.28 -13.53 -25.05
N TYR D 502 -37.77 -13.72 -23.84
CA TYR D 502 -38.61 -13.62 -22.64
C TYR D 502 -38.79 -12.20 -22.15
N LEU D 503 -38.02 -11.28 -22.72
CA LEU D 503 -38.11 -9.86 -22.39
C LEU D 503 -38.92 -9.06 -23.42
N PRO D 504 -39.55 -7.97 -22.98
CA PRO D 504 -40.18 -7.15 -24.01
C PRO D 504 -39.16 -6.21 -24.68
N VAL D 505 -39.45 -5.83 -25.92
CA VAL D 505 -38.68 -4.82 -26.63
C VAL D 505 -39.18 -3.46 -26.11
N LEU D 506 -38.29 -2.63 -25.59
CA LEU D 506 -38.71 -1.35 -25.03
C LEU D 506 -39.01 -0.29 -26.11
N PRO D 507 -39.87 0.70 -25.79
CA PRO D 507 -40.16 1.75 -26.78
C PRO D 507 -38.98 2.73 -27.01
N LYS D 508 -38.80 3.17 -28.26
CA LYS D 508 -37.81 4.20 -28.62
C LYS D 508 -37.91 5.42 -27.72
N ALA D 509 -36.85 5.69 -26.95
CA ALA D 509 -36.83 6.85 -26.06
C ALA D 509 -35.45 7.48 -26.01
N ASP D 510 -35.40 8.80 -26.07
CA ASP D 510 -34.15 9.52 -25.82
C ASP D 510 -33.81 9.44 -24.33
N GLN D 511 -32.52 9.58 -24.03
CA GLN D 511 -32.09 9.72 -22.66
C GLN D 511 -32.65 11.04 -22.10
N VAL D 512 -33.24 10.97 -20.90
CA VAL D 512 -33.88 12.13 -20.25
C VAL D 512 -33.05 12.68 -19.09
N TRP D 513 -32.31 11.80 -18.43
CA TRP D 513 -31.51 12.21 -17.29
C TRP D 513 -30.06 11.91 -17.56
N ASP D 514 -29.24 12.95 -17.63
CA ASP D 514 -27.79 12.74 -17.60
C ASP D 514 -27.29 13.26 -16.27
N GLY D 515 -26.96 12.34 -15.37
CA GLY D 515 -26.63 12.69 -13.98
C GLY D 515 -27.76 13.48 -13.33
N GLN D 516 -27.45 14.72 -12.97
CA GLN D 516 -28.43 15.61 -12.35
C GLN D 516 -29.14 16.57 -13.33
N LYS D 517 -28.61 16.76 -14.54
CA LYS D 517 -29.27 17.65 -15.53
C LYS D 517 -30.30 16.96 -16.43
N ARG D 518 -31.15 17.77 -17.06
CA ARG D 518 -32.28 17.27 -17.82
C ARG D 518 -31.99 17.57 -19.29
N LEU D 519 -32.07 16.54 -20.13
CA LEU D 519 -31.64 16.68 -21.53
C LEU D 519 -32.61 17.42 -22.46
N ALA E 25 16.18 -13.17 47.28
CA ALA E 25 15.59 -14.55 47.35
C ALA E 25 16.04 -15.45 46.18
N GLY E 26 16.54 -14.82 45.11
CA GLY E 26 16.97 -15.52 43.88
C GLY E 26 17.54 -14.49 42.92
N CYS E 27 18.48 -14.91 42.06
CA CYS E 27 19.33 -13.90 41.42
C CYS E 27 19.97 -14.05 40.02
N SER E 28 19.84 -15.19 39.33
CA SER E 28 20.33 -15.23 37.94
C SER E 28 19.19 -15.19 36.90
N ASP E 29 19.48 -14.73 35.69
CA ASP E 29 18.46 -14.42 34.67
C ASP E 29 17.92 -15.66 33.94
N VAL E 30 16.70 -15.61 33.42
CA VAL E 30 16.20 -16.71 32.57
C VAL E 30 16.96 -16.89 31.28
N SER E 31 16.77 -18.06 30.69
CA SER E 31 17.45 -18.44 29.48
C SER E 31 16.49 -18.34 28.30
N THR E 32 16.94 -17.67 27.24
CA THR E 32 16.22 -17.60 25.95
C THR E 32 16.18 -18.95 25.20
N GLU E 33 17.12 -19.83 25.56
CA GLU E 33 17.37 -21.07 24.85
C GLU E 33 16.18 -22.01 24.85
N LEU E 34 15.50 -22.12 26.00
CA LEU E 34 14.49 -23.17 26.17
C LEU E 34 15.08 -24.57 25.98
N LYS E 35 16.01 -24.95 26.84
CA LYS E 35 16.66 -26.26 26.78
C LYS E 35 15.75 -27.38 27.34
N THR E 36 15.30 -28.30 26.47
CA THR E 36 14.55 -29.48 26.92
C THR E 36 15.41 -30.32 27.85
N PRO E 37 14.82 -30.80 28.97
CA PRO E 37 15.55 -31.64 29.91
C PRO E 37 16.19 -32.81 29.21
N VAL E 38 17.35 -33.25 29.73
CA VAL E 38 18.10 -34.35 29.13
C VAL E 38 18.02 -35.60 30.02
N TYR E 39 17.93 -36.77 29.39
CA TYR E 39 17.74 -38.02 30.09
C TYR E 39 18.80 -39.03 29.70
N LYS E 40 19.03 -39.98 30.60
CA LYS E 40 19.89 -41.12 30.32
C LYS E 40 19.28 -42.34 31.01
N THR E 41 18.44 -43.07 30.27
CA THR E 41 17.77 -44.25 30.83
C THR E 41 18.75 -45.39 31.05
N LYS E 42 18.28 -46.44 31.72
CA LYS E 42 19.02 -47.67 31.91
C LYS E 42 18.76 -48.62 30.74
N LEU E 43 17.91 -48.22 29.80
CA LEU E 43 17.44 -49.10 28.72
C LEU E 43 18.43 -49.32 27.57
N THR E 44 18.35 -50.48 26.94
CA THR E 44 19.21 -50.81 25.80
C THR E 44 18.70 -50.15 24.53
N ALA E 45 19.60 -49.97 23.55
CA ALA E 45 19.33 -49.28 22.29
C ALA E 45 18.09 -49.79 21.55
N GLU E 46 17.78 -51.07 21.74
CA GLU E 46 16.70 -51.72 21.03
C GLU E 46 15.46 -52.06 21.87
N GLU E 47 15.42 -51.57 23.11
CA GLU E 47 14.26 -51.78 23.99
C GLU E 47 12.97 -51.30 23.33
N ILE E 48 11.97 -52.18 23.25
CA ILE E 48 10.69 -51.77 22.68
C ILE E 48 9.47 -52.04 23.57
N ARG E 49 9.66 -52.84 24.63
CA ARG E 49 8.60 -53.19 25.58
C ARG E 49 8.12 -52.02 26.45
N ASN E 50 6.88 -51.58 26.22
CA ASN E 50 6.31 -50.43 26.90
C ASN E 50 6.55 -50.39 28.39
N SER E 51 6.32 -51.53 29.04
CA SER E 51 6.40 -51.61 30.50
C SER E 51 7.82 -51.50 31.02
N ALA E 52 8.80 -51.42 30.11
CA ALA E 52 10.18 -51.21 30.52
C ALA E 52 10.47 -49.73 30.81
N PHE E 53 9.65 -48.85 30.23
CA PHE E 53 9.79 -47.42 30.43
C PHE E 53 9.12 -46.97 31.73
N LYS E 54 8.26 -47.83 32.27
CA LYS E 54 7.48 -47.48 33.47
C LYS E 54 8.30 -46.98 34.65
N PRO E 55 9.29 -47.76 35.11
CA PRO E 55 9.85 -47.37 36.40
C PRO E 55 10.60 -46.05 36.36
N GLU E 56 11.02 -45.64 35.16
CA GLU E 56 11.80 -44.40 35.01
C GLU E 56 10.98 -43.18 34.59
N PHE E 57 9.80 -43.42 34.04
CA PHE E 57 8.91 -42.32 33.66
C PHE E 57 7.48 -42.57 34.14
N PRO E 58 7.28 -42.59 35.47
CA PRO E 58 5.97 -43.00 36.00
C PRO E 58 4.84 -42.04 35.64
N LYS E 59 5.15 -40.75 35.55
CA LYS E 59 4.15 -39.72 35.32
C LYS E 59 3.62 -39.72 33.88
N GLN E 60 4.52 -39.87 32.91
CA GLN E 60 4.12 -39.98 31.50
C GLN E 60 3.39 -41.29 31.27
N TYR E 61 3.92 -42.39 31.82
CA TYR E 61 3.31 -43.72 31.72
C TYR E 61 1.88 -43.69 32.28
N ALA E 62 1.74 -43.19 33.51
CA ALA E 62 0.42 -42.99 34.12
C ALA E 62 -0.50 -42.33 33.13
N SER E 63 -0.04 -41.23 32.54
CA SER E 63 -0.81 -40.49 31.55
C SER E 63 -1.12 -41.35 30.30
N TYR E 64 -0.13 -42.11 29.84
CA TYR E 64 -0.28 -42.98 28.69
C TYR E 64 -1.41 -43.97 28.90
N GLU E 65 -1.48 -44.49 30.12
CA GLU E 65 -2.52 -45.45 30.51
C GLU E 65 -3.94 -44.87 30.47
N ARG E 66 -4.08 -43.55 30.48
CA ARG E 66 -5.40 -42.94 30.43
C ARG E 66 -6.09 -43.16 29.08
N ASN E 67 -5.36 -43.73 28.12
CA ASN E 67 -5.93 -44.12 26.82
C ASN E 67 -6.85 -45.34 26.93
N ASP E 68 -6.72 -46.07 28.03
CA ASP E 68 -7.58 -47.21 28.36
C ASP E 68 -9.05 -46.83 28.58
N GLU E 69 -9.33 -45.55 28.83
CA GLU E 69 -10.71 -45.10 28.96
C GLU E 69 -11.43 -45.24 27.60
N THR E 70 -12.59 -45.89 27.65
CA THR E 70 -13.31 -46.24 26.44
C THR E 70 -14.84 -46.11 26.59
N THR E 71 -15.28 -45.12 27.35
CA THR E 71 -16.71 -44.94 27.60
C THR E 71 -17.21 -43.53 27.31
N VAL E 72 -16.29 -42.57 27.22
CA VAL E 72 -16.64 -41.14 27.09
C VAL E 72 -16.78 -40.71 25.62
N MET E 73 -17.89 -40.03 25.34
CA MET E 73 -18.27 -39.64 23.99
C MET E 73 -18.33 -38.12 23.89
N THR E 74 -17.92 -37.53 22.77
CA THR E 74 -18.13 -36.08 22.53
C THR E 74 -19.32 -35.89 21.57
N GLU E 75 -19.42 -34.75 20.87
CA GLU E 75 -20.54 -34.60 19.93
C GLU E 75 -20.44 -35.51 18.69
N TYR E 76 -19.28 -35.48 18.03
CA TYR E 76 -19.04 -36.27 16.79
C TYR E 76 -18.01 -37.36 17.02
N LYS E 77 -17.20 -37.21 18.06
CA LYS E 77 -16.15 -38.16 18.33
C LYS E 77 -16.25 -38.76 19.74
N GLY E 78 -15.20 -39.45 20.16
CA GLY E 78 -15.19 -40.11 21.48
C GLY E 78 -14.22 -41.27 21.52
N SER E 79 -14.42 -42.17 22.47
CA SER E 79 -13.54 -43.32 22.65
C SER E 79 -14.28 -44.66 22.64
N VAL E 80 -15.56 -44.63 22.28
CA VAL E 80 -16.34 -45.85 22.10
C VAL E 80 -16.19 -46.28 20.63
N PRO E 81 -15.68 -47.51 20.40
CA PRO E 81 -15.37 -47.96 19.05
C PRO E 81 -16.61 -48.46 18.29
N PHE E 82 -17.62 -47.59 18.16
CA PHE E 82 -18.86 -47.96 17.52
C PHE E 82 -18.70 -48.15 16.00
N ASN E 83 -19.63 -48.86 15.38
CA ASN E 83 -19.59 -49.09 13.93
C ASN E 83 -19.99 -47.85 13.11
N LYS E 84 -19.01 -47.26 12.43
CA LYS E 84 -19.13 -45.92 11.82
C LYS E 84 -20.26 -45.77 10.79
N ASN E 85 -20.87 -46.90 10.42
CA ASN E 85 -21.95 -46.92 9.44
C ASN E 85 -23.33 -47.15 10.05
N ASP E 86 -23.41 -47.11 11.38
CA ASP E 86 -24.61 -47.48 12.12
C ASP E 86 -25.22 -46.27 12.84
N ASN E 87 -26.17 -45.60 12.18
CA ASN E 87 -27.03 -44.60 12.85
C ASN E 87 -28.36 -45.22 13.33
N VAL E 88 -28.45 -46.55 13.29
CA VAL E 88 -29.67 -47.27 13.67
C VAL E 88 -29.65 -47.76 15.14
N ASN E 89 -28.63 -48.53 15.51
CA ASN E 89 -28.49 -49.04 16.89
C ASN E 89 -27.86 -48.03 17.89
N PRO E 90 -28.12 -48.20 19.21
CA PRO E 90 -27.48 -47.32 20.18
C PRO E 90 -26.05 -47.75 20.55
N LEU E 91 -25.34 -46.89 21.28
CA LEU E 91 -24.00 -47.20 21.79
C LEU E 91 -24.04 -48.45 22.67
N PRO E 92 -23.04 -49.36 22.54
CA PRO E 92 -21.82 -49.24 21.72
C PRO E 92 -21.90 -49.67 20.26
N GLU E 93 -23.04 -50.22 19.82
CA GLU E 93 -23.21 -50.64 18.40
C GLU E 93 -23.15 -49.49 17.40
N GLY E 94 -24.03 -48.51 17.61
CA GLY E 94 -24.16 -47.38 16.72
C GLY E 94 -24.22 -46.04 17.45
N TYR E 95 -24.44 -44.99 16.68
CA TYR E 95 -24.42 -43.64 17.18
C TYR E 95 -25.23 -42.73 16.28
N ARG E 96 -25.85 -41.71 16.88
CA ARG E 96 -26.71 -40.74 16.17
C ARG E 96 -25.98 -40.02 15.02
N HIS E 97 -24.68 -39.88 15.14
CA HIS E 97 -23.87 -39.30 14.08
C HIS E 97 -22.98 -40.35 13.38
N ALA E 98 -23.55 -41.00 12.37
CA ALA E 98 -22.84 -42.04 11.63
C ALA E 98 -23.15 -41.96 10.14
N GLN E 99 -22.37 -42.68 9.35
CA GLN E 99 -22.47 -42.62 7.90
C GLN E 99 -23.10 -43.88 7.35
N PRO E 100 -24.39 -43.84 7.06
CA PRO E 100 -25.15 -45.05 6.81
C PRO E 100 -24.75 -45.80 5.54
N TYR E 101 -24.08 -45.09 4.63
CA TYR E 101 -23.77 -45.62 3.30
C TYR E 101 -22.41 -46.27 3.13
N LEU E 102 -21.61 -46.23 4.20
CA LEU E 102 -20.22 -46.70 4.17
C LEU E 102 -20.06 -48.01 3.42
N LYS E 103 -20.83 -49.02 3.80
CA LYS E 103 -20.70 -50.37 3.24
C LYS E 103 -21.08 -50.43 1.75
N ASN E 104 -22.04 -49.62 1.32
CA ASN E 104 -22.37 -49.57 -0.11
C ASN E 104 -21.21 -49.01 -0.88
N LEU E 105 -20.63 -47.94 -0.36
CA LEU E 105 -19.56 -47.22 -1.03
C LEU E 105 -18.24 -48.00 -1.04
N TRP E 106 -18.07 -48.87 -0.06
CA TRP E 106 -16.89 -49.74 -0.01
C TRP E 106 -17.23 -51.21 -0.30
N LEU E 107 -18.27 -51.45 -1.11
CA LEU E 107 -18.60 -52.77 -1.57
C LEU E 107 -17.39 -53.44 -2.17
N GLY E 108 -17.19 -54.71 -1.82
CA GLY E 108 -16.14 -55.51 -2.43
C GLY E 108 -14.76 -55.23 -1.91
N TYR E 109 -14.65 -54.35 -0.92
CA TYR E 109 -13.37 -53.96 -0.32
C TYR E 109 -13.42 -54.27 1.16
N PRO E 110 -12.28 -54.62 1.78
CA PRO E 110 -12.28 -55.06 3.18
C PRO E 110 -13.00 -54.11 4.17
N PHE E 111 -12.94 -52.81 3.92
CA PHE E 111 -13.63 -51.86 4.78
C PHE E 111 -15.14 -52.05 4.85
N MET E 112 -15.69 -52.91 3.99
CA MET E 112 -17.13 -53.21 4.00
C MET E 112 -17.49 -54.21 5.07
N TYR E 113 -16.49 -54.89 5.62
CA TYR E 113 -16.72 -55.91 6.64
C TYR E 113 -16.80 -55.32 8.05
N GLU E 114 -15.94 -54.35 8.33
CA GLU E 114 -15.93 -53.70 9.64
C GLU E 114 -15.12 -52.41 9.64
N TYR E 115 -15.61 -51.40 10.33
CA TYR E 115 -14.93 -50.12 10.39
C TYR E 115 -15.42 -49.35 11.58
N ARG E 116 -14.56 -49.21 12.59
CA ARG E 116 -14.97 -48.64 13.88
C ARG E 116 -14.29 -47.31 14.21
N GLU E 117 -14.94 -46.49 15.01
CA GLU E 117 -14.35 -45.25 15.49
C GLU E 117 -13.03 -45.58 16.16
N ALA E 118 -12.02 -44.79 15.85
CA ALA E 118 -10.71 -45.01 16.42
C ALA E 118 -10.78 -44.76 17.93
N ARG E 119 -10.01 -45.55 18.71
CA ARG E 119 -9.84 -45.29 20.15
C ARG E 119 -8.38 -45.24 20.59
N GLY E 120 -8.15 -45.14 21.90
CA GLY E 120 -6.81 -44.92 22.46
C GLY E 120 -5.71 -45.82 21.94
N HIS E 121 -4.47 -45.35 21.99
CA HIS E 121 -3.31 -46.06 21.45
C HIS E 121 -3.04 -47.43 22.11
N THR E 122 -3.48 -47.62 23.35
CA THR E 122 -3.24 -48.86 24.10
C THR E 122 -4.06 -50.03 23.59
N TYR E 123 -5.09 -49.75 22.80
CA TYR E 123 -5.99 -50.77 22.27
C TYR E 123 -5.60 -51.23 20.87
N ALA E 124 -4.75 -50.48 20.20
CA ALA E 124 -4.43 -50.71 18.79
C ALA E 124 -4.23 -52.17 18.38
N ILE E 125 -3.38 -52.89 19.06
CA ILE E 125 -3.11 -54.27 18.68
C ILE E 125 -4.30 -55.20 18.93
N GLN E 126 -4.98 -55.02 20.06
CA GLN E 126 -6.20 -55.74 20.36
C GLN E 126 -7.27 -55.55 19.27
N ASP E 127 -7.41 -54.31 18.78
CA ASP E 127 -8.43 -53.97 17.80
C ASP E 127 -8.09 -54.42 16.39
N PHE E 128 -6.79 -54.45 16.12
CA PHE E 128 -6.24 -55.05 14.92
C PHE E 128 -6.53 -56.55 14.84
N LEU E 129 -6.33 -57.23 15.96
CA LEU E 129 -6.57 -58.66 16.07
C LEU E 129 -8.04 -59.03 16.12
N HIS E 130 -8.89 -58.02 16.31
CA HIS E 130 -10.34 -58.24 16.37
C HIS E 130 -11.12 -57.87 15.10
N ILE E 131 -10.52 -57.00 14.27
CA ILE E 131 -11.17 -56.52 13.05
C ILE E 131 -11.48 -57.64 12.07
N ASP E 132 -12.64 -57.54 11.41
CA ASP E 132 -13.07 -58.53 10.42
C ASP E 132 -12.53 -58.23 9.01
N ARG E 133 -11.84 -57.10 8.87
CA ARG E 133 -11.23 -56.75 7.60
C ARG E 133 -10.09 -57.72 7.23
N ILE E 134 -9.37 -58.19 8.24
CA ILE E 134 -8.38 -59.26 8.07
C ILE E 134 -9.13 -60.59 8.04
N ASN E 135 -8.82 -61.43 7.06
CA ASN E 135 -9.44 -62.73 6.99
C ASN E 135 -9.05 -63.53 8.22
N ARG E 136 -10.06 -63.96 8.97
CA ARG E 136 -9.86 -64.88 10.09
C ARG E 136 -10.45 -66.24 9.81
N TYR E 137 -11.00 -66.42 8.61
CA TYR E 137 -11.62 -67.70 8.22
C TYR E 137 -10.78 -68.50 7.24
N ALA E 138 -9.48 -68.19 7.21
CA ALA E 138 -8.48 -68.91 6.42
C ALA E 138 -7.15 -68.80 7.16
N GLU E 139 -6.14 -69.51 6.68
CA GLU E 139 -4.80 -69.31 7.21
C GLU E 139 -4.31 -67.91 6.87
N LYS E 140 -4.38 -67.55 5.59
CA LYS E 140 -3.88 -66.27 5.12
C LYS E 140 -4.90 -65.17 5.26
N GLY E 141 -4.48 -64.09 5.91
CA GLY E 141 -5.30 -62.90 6.10
C GLY E 141 -5.72 -62.20 4.82
N GLY E 142 -5.04 -62.50 3.70
CA GLY E 142 -5.32 -61.89 2.40
C GLY E 142 -4.88 -60.44 2.29
N LEU E 143 -4.17 -59.96 3.32
CA LEU E 143 -3.65 -58.59 3.36
C LEU E 143 -2.18 -58.62 3.80
N PRO E 144 -1.40 -57.61 3.37
CA PRO E 144 0.05 -57.58 3.52
C PRO E 144 0.49 -57.28 4.94
N ALA E 145 1.67 -57.77 5.31
CA ALA E 145 2.25 -57.53 6.62
C ALA E 145 2.45 -56.03 6.89
N THR E 146 2.34 -55.24 5.83
CA THR E 146 2.42 -53.79 5.96
C THR E 146 1.35 -53.25 6.91
N CYS E 147 0.30 -54.02 7.17
CA CYS E 147 -0.75 -53.56 8.06
C CYS E 147 -0.26 -53.33 9.49
N TRP E 148 0.82 -54.00 9.82
CA TRP E 148 1.45 -53.82 11.11
C TRP E 148 2.22 -52.51 11.16
N ASN E 149 2.54 -51.96 9.97
CA ASN E 149 3.43 -50.79 9.85
C ASN E 149 3.16 -49.66 10.84
N CYS E 150 1.90 -49.42 11.18
CA CYS E 150 1.52 -48.38 12.14
C CYS E 150 0.80 -48.94 13.35
N LYS E 151 1.13 -50.16 13.76
CA LYS E 151 0.49 -50.71 14.93
C LYS E 151 1.44 -51.03 16.10
N THR E 152 2.75 -51.16 15.82
CA THR E 152 3.70 -51.72 16.81
C THR E 152 5.17 -51.31 16.61
N PRO E 153 5.92 -51.03 17.71
CA PRO E 153 7.39 -50.92 17.64
C PRO E 153 8.11 -52.25 17.42
N LYS E 154 7.36 -53.27 17.02
CA LYS E 154 7.94 -54.54 16.65
C LYS E 154 8.39 -54.43 15.21
N MET E 155 7.83 -53.47 14.49
CA MET E 155 8.21 -53.14 13.11
C MET E 155 9.72 -53.08 12.86
N MET E 156 10.46 -52.49 13.80
CA MET E 156 11.89 -52.33 13.65
C MET E 156 12.66 -53.65 13.57
N GLU E 157 12.40 -54.58 14.49
CA GLU E 157 13.04 -55.90 14.49
C GLU E 157 12.69 -56.63 13.21
N TRP E 158 11.40 -56.66 12.90
CA TRP E 158 10.85 -57.35 11.76
C TRP E 158 11.43 -56.86 10.43
N VAL E 159 11.58 -55.54 10.30
CA VAL E 159 12.24 -54.96 9.12
C VAL E 159 13.74 -55.27 9.11
N LYS E 160 14.37 -55.20 10.28
CA LYS E 160 15.78 -55.59 10.38
C LYS E 160 15.97 -57.06 10.05
N GLU E 161 14.99 -57.90 10.40
CA GLU E 161 15.09 -59.35 10.23
C GLU E 161 14.82 -59.82 8.79
N SER E 162 13.90 -59.17 8.08
CA SER E 162 13.47 -59.64 6.74
C SER E 162 13.64 -58.62 5.59
N GLY E 163 14.17 -57.44 5.92
CA GLY E 163 14.42 -56.38 4.93
C GLY E 163 13.23 -56.09 4.02
N ASP E 164 13.53 -55.86 2.74
CA ASP E 164 12.54 -55.59 1.69
C ASP E 164 11.47 -56.67 1.63
N GLY E 165 11.83 -57.87 2.06
CA GLY E 165 10.94 -59.03 1.97
C GLY E 165 9.83 -59.08 2.99
N PHE E 166 9.88 -58.21 4.00
CA PHE E 166 8.87 -58.19 5.05
C PHE E 166 7.46 -57.89 4.52
N TRP E 167 7.34 -56.79 3.80
CA TRP E 167 6.03 -56.19 3.51
C TRP E 167 5.05 -57.14 2.85
N ALA E 168 5.58 -58.01 2.00
CA ALA E 168 4.72 -58.79 1.11
C ALA E 168 4.32 -60.12 1.69
N LYS E 169 4.74 -60.41 2.93
CA LYS E 169 4.27 -61.61 3.65
C LYS E 169 2.81 -61.40 4.04
N ASP E 170 2.09 -62.47 4.32
CA ASP E 170 0.72 -62.35 4.81
C ASP E 170 0.72 -61.72 6.20
N VAL E 171 -0.34 -61.02 6.56
CA VAL E 171 -0.39 -60.34 7.85
C VAL E 171 -0.50 -61.32 9.02
N ASN E 172 -1.15 -62.45 8.80
CA ASN E 172 -1.41 -63.39 9.89
C ASN E 172 -0.16 -64.00 10.47
N GLU E 173 0.96 -63.88 9.74
CA GLU E 173 2.21 -64.55 10.13
C GLU E 173 2.77 -64.09 11.48
N PHE E 174 2.43 -62.86 11.85
CA PHE E 174 2.99 -62.21 13.04
C PHE E 174 1.95 -62.12 14.14
N ARG E 175 0.74 -62.48 13.76
CA ARG E 175 -0.45 -62.48 14.61
C ARG E 175 -0.20 -62.99 16.05
N ASP E 176 0.55 -64.07 16.18
CA ASP E 176 0.83 -64.67 17.49
C ASP E 176 2.24 -64.37 18.01
N LYS E 177 2.98 -63.55 17.25
CA LYS E 177 4.38 -63.26 17.55
C LYS E 177 4.56 -61.87 18.10
N ILE E 178 3.57 -61.46 18.90
CA ILE E 178 3.53 -60.11 19.46
C ILE E 178 2.78 -60.11 20.82
N ASP E 179 3.20 -59.23 21.74
CA ASP E 179 2.51 -59.10 23.02
C ASP E 179 1.57 -57.91 22.94
N MET E 180 0.27 -58.21 23.03
CA MET E 180 -0.81 -57.25 22.77
C MET E 180 -0.75 -55.98 23.61
N LYS E 181 -0.29 -56.10 24.85
CA LYS E 181 -0.22 -54.96 25.77
C LYS E 181 1.18 -54.31 25.76
N ASP E 182 2.23 -55.13 25.79
CA ASP E 182 3.59 -54.61 25.86
C ASP E 182 4.19 -54.12 24.54
N HIS E 183 3.61 -54.52 23.41
CA HIS E 183 4.11 -54.09 22.11
C HIS E 183 3.15 -53.19 21.29
N THR E 184 2.17 -52.54 21.91
CA THR E 184 1.36 -51.54 21.19
C THR E 184 2.11 -50.24 21.04
N ILE E 185 1.57 -49.37 20.20
CA ILE E 185 2.09 -48.04 19.87
C ILE E 185 2.66 -47.25 21.07
N GLY E 186 3.70 -47.76 21.70
CA GLY E 186 4.17 -47.14 22.92
C GLY E 186 5.41 -46.33 22.71
N CYS E 187 6.08 -46.02 23.82
CA CYS E 187 7.20 -45.09 23.86
C CYS E 187 8.21 -45.25 22.75
N ALA E 188 8.55 -46.50 22.43
CA ALA E 188 9.63 -46.76 21.48
C ALA E 188 9.30 -46.25 20.06
N THR E 189 8.01 -46.05 19.76
CA THR E 189 7.60 -45.57 18.45
C THR E 189 8.02 -44.11 18.25
N CYS E 190 8.23 -43.39 19.35
CA CYS E 190 8.55 -41.98 19.26
C CYS E 190 9.81 -41.56 19.97
N HIS E 191 10.25 -42.35 20.94
CA HIS E 191 11.41 -41.98 21.73
C HIS E 191 12.56 -42.97 21.55
N ASP E 192 13.79 -42.43 21.41
CA ASP E 192 15.00 -43.23 21.50
C ASP E 192 15.07 -43.81 22.90
N PRO E 193 15.23 -45.14 23.02
CA PRO E 193 15.09 -45.79 24.32
C PRO E 193 16.11 -45.32 25.36
N GLN E 194 17.23 -44.76 24.92
CA GLN E 194 18.33 -44.41 25.82
C GLN E 194 18.30 -42.97 26.30
N THR E 195 18.14 -42.04 25.35
CA THR E 195 18.21 -40.60 25.61
C THR E 195 16.82 -39.95 25.79
N MET E 196 15.80 -40.64 25.28
CA MET E 196 14.40 -40.18 25.23
C MET E 196 14.12 -39.06 24.22
N GLU E 197 15.12 -38.72 23.41
CA GLU E 197 14.97 -37.79 22.29
C GLU E 197 13.83 -38.23 21.37
N LEU E 198 13.10 -37.24 20.83
CA LEU E 198 12.08 -37.52 19.83
C LEU E 198 12.71 -38.13 18.59
N ARG E 199 12.01 -39.11 18.03
CA ARG E 199 12.57 -40.01 17.03
C ARG E 199 11.55 -40.34 15.95
N ILE E 200 12.01 -40.57 14.73
CA ILE E 200 11.14 -41.08 13.68
C ILE E 200 11.54 -42.47 13.23
N THR E 201 10.71 -43.43 13.60
CA THR E 201 10.97 -44.85 13.35
C THR E 201 10.25 -45.35 12.09
N SER E 202 9.29 -44.56 11.58
CA SER E 202 8.53 -44.91 10.36
C SER E 202 9.39 -44.92 9.11
N VAL E 203 9.28 -45.99 8.33
CA VAL E 203 10.06 -46.10 7.10
C VAL E 203 9.46 -45.21 6.02
N PRO E 204 8.12 -45.27 5.83
CA PRO E 204 7.52 -44.45 4.78
C PRO E 204 7.69 -42.92 4.98
N LEU E 205 7.64 -42.45 6.22
CA LEU E 205 7.91 -41.03 6.50
C LEU E 205 9.38 -40.67 6.30
N THR E 206 10.27 -41.55 6.72
CA THR E 206 11.68 -41.35 6.48
C THR E 206 11.93 -41.21 4.99
N ASP E 207 11.29 -42.07 4.19
CA ASP E 207 11.39 -42.01 2.71
C ASP E 207 11.02 -40.62 2.15
N TYR E 208 9.89 -40.08 2.61
CA TYR E 208 9.45 -38.75 2.18
C TYR E 208 10.42 -37.67 2.61
N LEU E 209 10.80 -37.69 3.89
CA LEU E 209 11.72 -36.70 4.41
C LEU E 209 13.00 -36.67 3.58
N VAL E 210 13.54 -37.86 3.31
CA VAL E 210 14.74 -37.99 2.49
C VAL E 210 14.50 -37.43 1.08
N SER E 211 13.32 -37.65 0.52
CA SER E 211 13.04 -37.16 -0.83
C SER E 211 12.97 -35.63 -0.88
N GLN E 212 12.69 -35.01 0.26
CA GLN E 212 12.70 -33.55 0.37
C GLN E 212 14.09 -32.96 0.70
N GLY E 213 15.04 -33.81 1.05
CA GLY E 213 16.38 -33.33 1.40
C GLY E 213 16.50 -33.02 2.89
N LYS E 214 15.53 -33.49 3.66
CA LYS E 214 15.58 -33.29 5.09
C LYS E 214 16.26 -34.45 5.83
N ASP E 215 16.89 -34.14 6.96
CA ASP E 215 17.51 -35.15 7.82
C ASP E 215 16.62 -35.48 9.04
N PRO E 216 16.02 -36.70 9.08
CA PRO E 216 15.09 -37.03 10.17
C PRO E 216 15.69 -36.95 11.59
N LYS E 217 16.98 -37.20 11.72
CA LYS E 217 17.67 -37.02 13.01
C LYS E 217 17.92 -35.55 13.40
N LYS E 218 17.90 -34.64 12.44
CA LYS E 218 18.26 -33.23 12.69
C LYS E 218 17.13 -32.25 12.46
N LEU E 219 15.91 -32.61 12.83
CA LEU E 219 14.75 -31.74 12.59
C LEU E 219 14.45 -30.87 13.81
N PRO E 220 13.93 -29.64 13.59
CA PRO E 220 13.65 -28.73 14.70
C PRO E 220 12.53 -29.26 15.63
N ARG E 221 12.60 -28.91 16.91
CA ARG E 221 11.65 -29.43 17.91
C ARG E 221 10.20 -29.30 17.42
N ASN E 222 9.82 -28.10 16.98
CA ASN E 222 8.46 -27.82 16.55
C ASN E 222 7.97 -28.73 15.42
N GLU E 223 8.80 -28.92 14.40
CA GLU E 223 8.47 -29.86 13.33
C GLU E 223 8.19 -31.28 13.81
N MET E 224 8.97 -31.73 14.80
CA MET E 224 8.85 -33.07 15.36
C MET E 224 7.58 -33.27 16.16
N ARG E 225 7.16 -32.22 16.86
CA ARG E 225 5.94 -32.25 17.63
C ARG E 225 4.73 -32.46 16.73
N ALA E 226 4.94 -32.43 15.42
CA ALA E 226 3.88 -32.81 14.49
C ALA E 226 4.23 -34.10 13.81
N LEU E 227 5.49 -34.23 13.39
CA LEU E 227 5.91 -35.38 12.61
C LEU E 227 5.74 -36.73 13.33
N VAL E 228 5.94 -36.74 14.65
CA VAL E 228 5.77 -37.96 15.44
C VAL E 228 4.39 -38.59 15.21
N CYS E 229 3.35 -37.78 15.16
CA CYS E 229 2.02 -38.24 14.75
C CYS E 229 1.96 -38.53 13.25
N GLY E 230 2.68 -37.70 12.48
CA GLY E 230 2.76 -37.81 11.02
C GLY E 230 3.29 -39.17 10.57
N GLN E 231 3.74 -39.97 11.53
CA GLN E 231 4.21 -41.30 11.23
C GLN E 231 3.04 -42.18 10.82
N CYS E 232 1.88 -41.96 11.41
CA CYS E 232 0.76 -42.87 11.14
C CYS E 232 -0.49 -42.18 10.63
N HIS E 233 -0.74 -40.98 11.13
CA HIS E 233 -2.03 -40.35 10.88
C HIS E 233 -2.07 -39.68 9.51
N VAL E 234 -1.99 -40.49 8.46
CA VAL E 234 -1.80 -40.02 7.08
C VAL E 234 -2.61 -40.86 6.10
N GLU E 235 -2.60 -40.45 4.83
CA GLU E 235 -3.14 -41.27 3.77
C GLU E 235 -1.96 -42.05 3.24
N TYR E 236 -2.14 -43.35 3.05
CA TYR E 236 -1.06 -44.23 2.59
C TYR E 236 -1.56 -45.11 1.44
N TYR E 237 -0.61 -45.82 0.81
CA TYR E 237 -0.90 -46.84 -0.18
C TYR E 237 0.22 -47.89 -0.20
N PHE E 238 -0.08 -49.11 -0.64
CA PHE E 238 0.97 -50.14 -0.81
C PHE E 238 1.45 -50.18 -2.25
N ASN E 239 2.75 -50.39 -2.46
CA ASN E 239 3.25 -50.64 -3.82
C ASN E 239 2.63 -51.94 -4.38
N GLY E 240 2.12 -51.90 -5.61
CA GLY E 240 1.77 -53.14 -6.34
C GLY E 240 3.04 -53.74 -6.98
N PRO E 241 2.99 -55.03 -7.39
CA PRO E 241 4.24 -55.79 -7.67
C PRO E 241 5.25 -55.13 -8.64
N THR E 242 4.79 -54.23 -9.51
CA THR E 242 5.63 -53.57 -10.52
C THR E 242 6.01 -52.12 -10.18
N MET E 243 5.61 -51.66 -9.00
CA MET E 243 5.84 -50.27 -8.58
C MET E 243 7.11 -50.02 -7.75
N GLY E 244 7.87 -51.09 -7.53
CA GLY E 244 9.03 -51.09 -6.64
C GLY E 244 8.94 -52.25 -5.66
N VAL E 245 9.47 -52.03 -4.45
CA VAL E 245 9.41 -53.04 -3.42
C VAL E 245 7.95 -53.34 -3.14
N ASN E 246 7.59 -54.60 -3.34
CA ASN E 246 6.21 -55.06 -3.30
C ASN E 246 5.51 -54.94 -1.94
N LYS E 247 4.38 -54.26 -1.96
CA LYS E 247 3.54 -54.00 -0.76
C LYS E 247 4.16 -52.99 0.23
N LYS E 248 5.25 -52.33 -0.17
CA LYS E 248 5.88 -51.30 0.66
C LYS E 248 4.98 -50.07 0.83
N PRO E 249 4.88 -49.54 2.05
CA PRO E 249 4.05 -48.36 2.28
C PRO E 249 4.66 -47.07 1.74
N VAL E 250 3.83 -46.29 1.04
CA VAL E 250 4.22 -44.98 0.50
C VAL E 250 3.12 -43.93 0.78
N PHE E 251 3.54 -42.69 1.05
CA PHE E 251 2.60 -41.59 1.25
C PHE E 251 2.52 -40.80 -0.04
N PRO E 252 1.33 -40.62 -0.61
CA PRO E 252 1.26 -39.95 -1.91
C PRO E 252 1.43 -38.42 -1.82
N TRP E 253 2.63 -37.94 -1.49
CA TRP E 253 2.80 -36.54 -1.10
C TRP E 253 3.67 -35.71 -2.05
N ALA E 254 4.21 -36.36 -3.05
CA ALA E 254 5.08 -35.72 -4.04
C ALA E 254 4.41 -34.58 -4.81
N GLU E 255 3.07 -34.60 -4.89
CA GLU E 255 2.34 -33.58 -5.64
C GLU E 255 1.82 -32.45 -4.74
N GLY E 256 1.90 -32.67 -3.42
CA GLY E 256 1.32 -31.77 -2.41
C GLY E 256 0.38 -32.54 -1.48
N PHE E 257 -0.16 -31.85 -0.47
CA PHE E 257 -0.97 -32.45 0.60
C PHE E 257 -2.49 -32.40 0.44
N ASP E 258 -2.98 -31.71 -0.59
CA ASP E 258 -4.43 -31.54 -0.80
C ASP E 258 -5.05 -32.68 -1.63
N PRO E 259 -6.38 -32.85 -1.53
CA PRO E 259 -7.07 -33.84 -2.35
C PRO E 259 -6.66 -33.80 -3.84
N ALA E 260 -6.73 -32.59 -4.43
CA ALA E 260 -6.37 -32.34 -5.85
C ALA E 260 -4.96 -32.84 -6.23
N ASP E 261 -3.99 -32.55 -5.35
CA ASP E 261 -2.62 -33.02 -5.43
C ASP E 261 -2.53 -34.55 -5.32
N MET E 262 -3.11 -35.06 -4.24
CA MET E 262 -3.06 -36.50 -4.01
C MET E 262 -3.72 -37.24 -5.19
N TYR E 263 -4.83 -36.70 -5.73
CA TYR E 263 -5.49 -37.35 -6.86
C TYR E 263 -4.63 -37.34 -8.14
N ARG E 264 -3.94 -36.21 -8.37
CA ARG E 264 -2.96 -36.05 -9.47
C ARG E 264 -1.80 -37.02 -9.29
N TYR E 265 -1.37 -37.20 -8.04
CA TYR E 265 -0.36 -38.22 -7.70
C TYR E 265 -0.79 -39.59 -8.22
N TYR E 266 -2.06 -39.91 -8.02
CA TYR E 266 -2.60 -41.24 -8.34
C TYR E 266 -2.93 -41.42 -9.82
N ASP E 267 -2.97 -40.33 -10.58
CA ASP E 267 -3.04 -40.39 -12.05
C ASP E 267 -1.72 -40.94 -12.64
N LYS E 268 -0.60 -40.70 -11.96
CA LYS E 268 0.75 -40.92 -12.53
C LYS E 268 1.55 -42.05 -11.88
N HIS E 269 1.12 -42.49 -10.70
CA HIS E 269 1.75 -43.60 -10.01
C HIS E 269 0.68 -44.69 -9.82
N GLY E 270 0.92 -45.87 -10.39
CA GLY E 270 -0.08 -46.98 -10.36
C GLY E 270 0.17 -48.10 -11.38
N ASP E 271 -0.74 -49.08 -11.45
CA ASP E 271 -0.53 -50.29 -12.27
C ASP E 271 -1.73 -50.70 -13.15
N LEU E 272 -2.82 -49.94 -13.06
CA LEU E 272 -4.02 -50.27 -13.82
C LEU E 272 -3.76 -50.43 -15.32
N GLN E 273 -4.34 -51.49 -15.88
CA GLN E 273 -4.25 -51.76 -17.31
C GLN E 273 -5.60 -51.56 -18.01
N VAL E 274 -6.62 -51.22 -17.23
CA VAL E 274 -7.98 -50.98 -17.74
C VAL E 274 -8.00 -49.77 -18.67
N LYS E 275 -8.66 -49.91 -19.82
CA LYS E 275 -8.69 -48.85 -20.83
C LYS E 275 -9.18 -47.53 -20.24
N GLY E 276 -8.45 -46.46 -20.51
CA GLY E 276 -8.80 -45.13 -19.97
C GLY E 276 -8.33 -44.86 -18.56
N PHE E 277 -7.70 -45.84 -17.91
CA PHE E 277 -7.17 -45.67 -16.56
C PHE E 277 -5.71 -46.18 -16.50
N GLU E 278 -5.07 -46.27 -17.66
CA GLU E 278 -3.76 -46.92 -17.75
C GLU E 278 -2.77 -46.16 -16.92
N GLY E 279 -2.05 -46.88 -16.06
CA GLY E 279 -0.98 -46.28 -15.27
C GLY E 279 -1.44 -45.72 -13.94
N LYS E 280 -2.75 -45.49 -13.82
CA LYS E 280 -3.35 -45.00 -12.57
C LYS E 280 -3.41 -46.04 -11.44
N PHE E 281 -3.45 -45.57 -10.20
CA PHE E 281 -3.46 -46.47 -9.04
C PHE E 281 -4.88 -46.77 -8.67
N ALA E 282 -5.13 -48.00 -8.21
CA ALA E 282 -6.42 -48.34 -7.61
C ALA E 282 -6.28 -49.27 -6.42
N ASP E 283 -7.09 -49.04 -5.39
CA ASP E 283 -7.09 -49.93 -4.24
C ASP E 283 -7.99 -51.13 -4.48
N TRP E 284 -9.11 -50.91 -5.19
CA TRP E 284 -9.98 -51.99 -5.68
C TRP E 284 -10.91 -51.47 -6.80
N THR E 285 -11.68 -52.38 -7.40
CA THR E 285 -12.74 -51.99 -8.35
C THR E 285 -14.13 -52.18 -7.74
N HIS E 286 -15.00 -51.19 -7.86
CA HIS E 286 -16.33 -51.34 -7.32
C HIS E 286 -17.10 -52.34 -8.19
N PRO E 287 -17.58 -53.41 -7.58
CA PRO E 287 -18.21 -54.53 -8.30
C PRO E 287 -19.51 -54.14 -9.01
N ALA E 288 -20.17 -53.09 -8.49
CA ALA E 288 -21.44 -52.65 -9.04
C ALA E 288 -21.25 -51.72 -10.25
N SER E 289 -20.33 -50.77 -10.12
CA SER E 289 -20.16 -49.72 -11.13
C SER E 289 -18.93 -49.96 -11.98
N LYS E 290 -18.10 -50.90 -11.55
CA LYS E 290 -16.87 -51.25 -12.26
C LYS E 290 -15.92 -50.06 -12.29
N THR E 291 -15.99 -49.23 -11.25
CA THR E 291 -15.12 -48.09 -11.14
C THR E 291 -13.86 -48.46 -10.39
N PRO E 292 -12.67 -48.33 -11.03
CA PRO E 292 -11.41 -48.46 -10.31
C PRO E 292 -11.24 -47.36 -9.24
N MET E 293 -11.28 -47.75 -7.98
CA MET E 293 -11.39 -46.81 -6.86
C MET E 293 -10.09 -46.52 -6.16
N ILE E 294 -10.07 -45.42 -5.41
CA ILE E 294 -9.00 -45.12 -4.49
C ILE E 294 -9.63 -45.17 -3.12
N LYS E 295 -8.91 -45.75 -2.16
CA LYS E 295 -9.29 -45.59 -0.76
C LYS E 295 -8.43 -44.53 -0.06
N ALA E 296 -9.10 -43.60 0.61
CA ALA E 296 -8.40 -42.64 1.45
C ALA E 296 -8.40 -43.10 2.87
N GLN E 297 -7.34 -42.80 3.61
CA GLN E 297 -7.29 -43.15 5.02
C GLN E 297 -6.83 -41.94 5.77
N HIS E 298 -7.51 -41.69 6.90
CA HIS E 298 -7.12 -40.69 7.93
C HIS E 298 -5.98 -39.74 7.57
N PRO E 299 -6.26 -38.71 6.76
CA PRO E 299 -5.20 -37.77 6.47
C PRO E 299 -5.17 -36.56 7.43
N GLU E 300 -5.04 -36.84 8.73
CA GLU E 300 -4.94 -35.78 9.73
C GLU E 300 -3.74 -34.89 9.48
N TYR E 301 -2.61 -35.48 9.11
CA TYR E 301 -1.40 -34.68 8.88
C TYR E 301 -1.57 -33.80 7.65
N GLU E 302 -1.88 -34.40 6.52
CA GLU E 302 -2.11 -33.66 5.27
C GLU E 302 -3.22 -32.59 5.39
N THR E 303 -4.23 -32.86 6.20
CA THR E 303 -5.29 -31.92 6.46
C THR E 303 -4.79 -30.83 7.41
N TRP E 304 -4.08 -31.19 8.47
CA TRP E 304 -3.68 -30.20 9.45
C TRP E 304 -2.61 -29.23 8.98
N ILE E 305 -1.73 -29.65 8.08
CA ILE E 305 -0.58 -28.81 7.70
C ILE E 305 -0.87 -27.42 7.09
N ASN E 306 -1.91 -27.29 6.28
CA ASN E 306 -2.24 -25.99 5.71
C ASN E 306 -3.60 -25.44 6.19
N GLY E 307 -4.10 -26.00 7.29
CA GLY E 307 -5.26 -25.46 7.99
C GLY E 307 -4.81 -24.34 8.93
N THR E 308 -5.77 -23.59 9.45
CA THR E 308 -5.45 -22.37 10.19
C THR E 308 -4.55 -22.55 11.41
N HIS E 309 -4.55 -23.71 12.05
CA HIS E 309 -3.62 -23.98 13.18
C HIS E 309 -2.24 -24.43 12.71
N GLY E 310 -2.23 -25.42 11.82
CA GLY E 310 -0.98 -25.96 11.30
C GLY E 310 -0.13 -24.96 10.56
N ALA E 311 -0.75 -24.18 9.69
CA ALA E 311 -0.02 -23.18 8.95
C ALA E 311 0.61 -22.16 9.91
N ALA E 312 0.06 -22.00 11.11
CA ALA E 312 0.66 -21.11 12.11
C ALA E 312 1.69 -21.77 13.02
N GLY E 313 1.91 -23.07 12.82
CA GLY E 313 2.89 -23.82 13.58
C GLY E 313 2.40 -24.39 14.91
N VAL E 314 1.10 -24.34 15.13
CA VAL E 314 0.48 -25.02 16.26
C VAL E 314 0.41 -26.51 15.95
N THR E 315 1.13 -27.31 16.72
CA THR E 315 1.32 -28.71 16.43
C THR E 315 0.30 -29.61 17.14
N CYS E 316 0.15 -30.84 16.68
CA CYS E 316 -0.77 -31.79 17.30
C CYS E 316 -0.49 -31.85 18.78
N ALA E 317 0.78 -31.77 19.14
CA ALA E 317 1.22 -31.83 20.53
C ALA E 317 0.66 -30.68 21.33
N ASP E 318 0.58 -29.49 20.74
CA ASP E 318 -0.02 -28.34 21.43
C ASP E 318 -1.43 -28.67 21.93
N CYS E 319 -2.19 -29.40 21.13
CA CYS E 319 -3.58 -29.68 21.46
C CYS E 319 -3.86 -31.04 22.07
N HIS E 320 -3.13 -32.04 21.62
CA HIS E 320 -3.43 -33.38 22.03
C HIS E 320 -2.48 -33.82 23.11
N MET E 321 -1.44 -33.03 23.36
CA MET E 321 -0.43 -33.37 24.38
C MET E 321 -0.04 -32.16 25.22
N SER E 322 -1.01 -31.33 25.56
CA SER E 322 -0.67 -30.07 26.22
C SER E 322 -0.13 -30.33 27.60
N TYR E 323 0.60 -29.35 28.15
CA TYR E 323 1.28 -29.56 29.43
C TYR E 323 0.33 -29.68 30.60
N THR E 324 0.62 -30.64 31.48
CA THR E 324 -0.24 -30.86 32.65
C THR E 324 0.57 -30.99 33.97
N ARG E 325 0.07 -30.36 35.02
CA ARG E 325 0.76 -30.33 36.31
C ARG E 325 0.14 -31.32 37.31
N SER E 326 -1.00 -31.93 36.93
CA SER E 326 -1.74 -32.95 37.72
C SER E 326 -0.92 -33.64 38.81
N ASP E 327 0.23 -34.17 38.41
CA ASP E 327 1.08 -34.94 39.31
C ASP E 327 2.06 -34.08 40.12
N ASP E 328 1.92 -34.13 41.45
CA ASP E 328 2.97 -33.67 42.35
C ASP E 328 3.07 -32.12 42.42
N LYS E 329 3.61 -31.54 41.34
CA LYS E 329 3.71 -30.08 41.08
C LYS E 329 4.56 -29.86 39.83
N LYS E 330 4.90 -30.95 39.15
CA LYS E 330 5.80 -30.88 37.99
C LYS E 330 5.08 -31.09 36.66
N LYS E 331 5.31 -30.18 35.71
CA LYS E 331 4.63 -30.26 34.42
C LYS E 331 5.31 -31.20 33.44
N ILE E 332 4.50 -32.15 32.98
CA ILE E 332 4.85 -33.08 31.94
C ILE E 332 3.87 -32.91 30.77
N SER E 333 4.24 -33.41 29.60
CA SER E 333 3.32 -33.45 28.45
C SER E 333 2.32 -34.58 28.69
N SER E 334 1.03 -34.30 28.55
CA SER E 334 0.02 -35.35 28.60
C SER E 334 0.21 -36.35 27.46
N HIS E 335 0.21 -37.62 27.81
CA HIS E 335 0.36 -38.65 26.81
C HIS E 335 -0.99 -39.35 26.66
N TRP E 336 -2.04 -38.58 26.98
CA TRP E 336 -3.42 -38.98 26.74
C TRP E 336 -3.85 -38.35 25.43
N TRP E 337 -3.76 -39.18 24.38
CA TRP E 337 -4.13 -38.82 23.01
C TRP E 337 -5.57 -39.23 22.82
N THR E 338 -6.43 -38.22 22.73
CA THR E 338 -7.87 -38.41 22.69
C THR E 338 -8.48 -37.09 22.19
N SER E 339 -9.80 -36.95 22.29
CA SER E 339 -10.45 -35.72 21.92
C SER E 339 -10.20 -34.59 22.96
N PRO E 340 -9.67 -33.45 22.50
CA PRO E 340 -9.50 -32.28 23.35
C PRO E 340 -10.80 -31.75 23.90
N MET E 341 -11.92 -32.23 23.37
CA MET E 341 -13.28 -31.78 23.73
C MET E 341 -13.88 -32.56 24.93
N LYS E 342 -13.17 -33.58 25.40
CA LYS E 342 -13.56 -34.30 26.61
C LYS E 342 -13.50 -33.39 27.83
N ASP E 343 -12.66 -32.36 27.75
CA ASP E 343 -12.38 -31.55 28.93
C ASP E 343 -13.35 -30.39 29.06
N PRO E 344 -14.16 -30.39 30.14
CA PRO E 344 -15.10 -29.30 30.41
C PRO E 344 -14.45 -27.93 30.40
N GLU E 345 -13.15 -27.87 30.70
CA GLU E 345 -12.45 -26.61 30.86
C GLU E 345 -11.60 -26.19 29.66
N MET E 346 -11.54 -27.06 28.65
CA MET E 346 -10.74 -26.87 27.44
C MET E 346 -9.34 -26.34 27.77
N ARG E 347 -8.83 -26.76 28.93
CA ARG E 347 -7.59 -26.26 29.52
C ARG E 347 -6.49 -26.11 28.47
N ALA E 348 -6.46 -27.03 27.52
CA ALA E 348 -5.41 -27.08 26.48
C ALA E 348 -5.41 -25.87 25.56
N CYS E 349 -6.58 -25.56 25.00
CA CYS E 349 -6.82 -24.43 24.11
C CYS E 349 -6.53 -23.13 24.82
N ARG E 350 -6.84 -23.10 26.11
CA ARG E 350 -6.79 -21.86 26.85
C ARG E 350 -5.38 -21.43 27.27
N GLN E 351 -4.38 -22.23 26.96
CA GLN E 351 -2.98 -21.79 27.07
C GLN E 351 -2.73 -20.69 26.02
N CYS E 352 -3.51 -20.74 24.95
CA CYS E 352 -3.46 -19.72 23.95
C CYS E 352 -4.70 -18.85 24.03
N HIS E 353 -5.86 -19.42 23.74
CA HIS E 353 -7.12 -18.68 23.77
C HIS E 353 -7.62 -18.36 25.21
N SER E 354 -6.76 -17.74 26.02
CA SER E 354 -7.08 -17.39 27.42
C SER E 354 -8.22 -16.37 27.63
N ASP E 355 -8.46 -15.53 26.63
CA ASP E 355 -9.60 -14.60 26.63
C ASP E 355 -10.96 -15.27 26.36
N LYS E 356 -10.96 -16.49 25.82
CA LYS E 356 -12.22 -17.15 25.48
C LYS E 356 -12.66 -18.09 26.59
N THR E 357 -13.99 -18.21 26.78
CA THR E 357 -14.52 -19.20 27.71
C THR E 357 -14.53 -20.55 27.04
N PRO E 358 -14.50 -21.65 27.82
CA PRO E 358 -14.59 -23.02 27.32
C PRO E 358 -15.81 -23.27 26.43
N ASP E 359 -16.99 -22.80 26.86
CA ASP E 359 -18.20 -22.93 26.06
C ASP E 359 -18.17 -22.15 24.77
N TYR E 360 -17.51 -20.99 24.77
CA TYR E 360 -17.30 -20.27 23.52
C TYR E 360 -16.52 -21.17 22.56
N LEU E 361 -15.40 -21.68 23.04
CA LEU E 361 -14.56 -22.52 22.22
C LEU E 361 -15.32 -23.72 21.65
N LYS E 362 -16.08 -24.41 22.50
CA LYS E 362 -16.87 -25.55 22.05
C LYS E 362 -17.79 -25.11 20.91
N SER E 363 -18.41 -23.96 21.06
CA SER E 363 -19.36 -23.50 20.07
C SER E 363 -18.70 -23.28 18.72
N ARG E 364 -17.46 -22.77 18.71
CA ARG E 364 -16.78 -22.48 17.43
C ARG E 364 -16.35 -23.77 16.71
N VAL E 365 -16.05 -24.81 17.48
CA VAL E 365 -15.72 -26.11 16.90
C VAL E 365 -16.97 -26.72 16.24
N LEU E 366 -18.10 -26.60 16.95
CA LEU E 366 -19.35 -27.18 16.50
C LEU E 366 -19.81 -26.53 15.22
N PHE E 367 -19.64 -25.21 15.15
CA PHE E 367 -19.85 -24.41 13.94
C PHE E 367 -19.33 -25.10 12.68
N THR E 368 -18.08 -25.53 12.76
CA THR E 368 -17.46 -26.22 11.65
C THR E 368 -18.00 -27.64 11.53
N GLN E 369 -18.03 -28.34 12.66
CA GLN E 369 -18.31 -29.76 12.62
C GLN E 369 -19.72 -30.07 12.12
N LYS E 370 -20.73 -29.33 12.57
CA LYS E 370 -22.11 -29.60 12.15
C LYS E 370 -22.21 -29.44 10.64
N ARG E 371 -21.68 -28.33 10.13
CA ARG E 371 -21.70 -28.08 8.70
C ARG E 371 -21.01 -29.20 7.92
N THR E 372 -19.83 -29.56 8.37
CA THR E 372 -18.99 -30.55 7.68
C THR E 372 -19.65 -31.93 7.64
N PHE E 373 -20.18 -32.36 8.77
CA PHE E 373 -20.82 -33.65 8.83
C PHE E 373 -22.10 -33.69 8.00
N ASP E 374 -22.91 -32.64 8.09
CA ASP E 374 -24.12 -32.54 7.28
C ASP E 374 -23.78 -32.60 5.78
N LEU E 375 -22.82 -31.82 5.35
CA LEU E 375 -22.41 -31.84 3.98
C LEU E 375 -21.87 -33.22 3.55
N LEU E 376 -21.05 -33.82 4.40
CA LEU E 376 -20.47 -35.12 4.11
C LEU E 376 -21.57 -36.14 3.80
N LEU E 377 -22.62 -36.16 4.62
CA LEU E 377 -23.71 -37.11 4.45
C LEU E 377 -24.37 -36.93 3.09
N ALA E 378 -24.57 -35.68 2.68
CA ALA E 378 -25.07 -35.35 1.36
C ALA E 378 -24.18 -35.88 0.23
N ALA E 379 -22.88 -35.65 0.33
CA ALA E 379 -21.92 -36.07 -0.69
C ALA E 379 -21.87 -37.58 -0.88
N GLN E 380 -22.16 -38.31 0.19
CA GLN E 380 -22.17 -39.75 0.16
C GLN E 380 -23.43 -40.25 -0.54
N GLU E 381 -24.56 -39.62 -0.22
CA GLU E 381 -25.78 -39.90 -0.94
C GLU E 381 -25.52 -39.81 -2.45
N VAL E 382 -24.94 -38.70 -2.89
CA VAL E 382 -24.77 -38.49 -4.32
C VAL E 382 -23.71 -39.47 -4.92
N SER E 383 -22.61 -39.68 -4.21
CA SER E 383 -21.68 -40.76 -4.58
C SER E 383 -22.44 -42.09 -4.87
N VAL E 384 -23.35 -42.49 -3.97
CA VAL E 384 -24.11 -43.73 -4.14
C VAL E 384 -24.96 -43.63 -5.39
N LYS E 385 -25.55 -42.46 -5.63
CA LYS E 385 -26.41 -42.28 -6.80
C LYS E 385 -25.55 -42.46 -8.06
N ALA E 386 -24.38 -41.83 -8.09
CA ALA E 386 -23.45 -41.98 -9.20
C ALA E 386 -23.13 -43.46 -9.48
N HIS E 387 -22.73 -44.18 -8.44
CA HIS E 387 -22.43 -45.60 -8.60
C HIS E 387 -23.65 -46.28 -9.25
N GLU E 388 -24.84 -45.90 -8.79
CA GLU E 388 -26.06 -46.52 -9.27
C GLU E 388 -26.36 -46.14 -10.71
N ALA E 389 -26.15 -44.87 -11.04
CA ALA E 389 -26.26 -44.37 -12.41
C ALA E 389 -25.35 -45.14 -13.36
N VAL E 390 -24.08 -45.24 -12.99
CA VAL E 390 -23.08 -45.93 -13.80
C VAL E 390 -23.41 -47.42 -13.89
N ARG E 391 -23.85 -48.02 -12.77
CA ARG E 391 -24.27 -49.44 -12.77
C ARG E 391 -25.39 -49.66 -13.77
N LEU E 392 -26.37 -48.75 -13.76
CA LEU E 392 -27.51 -48.84 -14.65
C LEU E 392 -27.07 -48.74 -16.10
N ALA E 393 -26.22 -47.76 -16.38
CA ALA E 393 -25.72 -47.50 -17.72
C ALA E 393 -24.93 -48.69 -18.23
N ASN E 394 -24.29 -49.41 -17.33
CA ASN E 394 -23.50 -50.56 -17.72
C ASN E 394 -24.35 -51.71 -18.22
N GLU E 395 -25.56 -51.84 -17.66
CA GLU E 395 -26.45 -52.96 -17.96
C GLU E 395 -27.63 -52.56 -18.83
N TYR E 396 -27.56 -51.33 -19.35
CA TYR E 396 -28.63 -50.73 -20.12
C TYR E 396 -28.81 -51.41 -21.47
N GLN E 397 -30.07 -51.68 -21.78
CA GLN E 397 -30.45 -52.54 -22.87
C GLN E 397 -31.02 -51.79 -24.07
N GLY E 398 -31.29 -50.49 -23.89
CA GLY E 398 -31.87 -49.64 -24.95
C GLY E 398 -30.83 -48.99 -25.84
N ALA E 399 -31.24 -48.02 -26.66
CA ALA E 399 -30.34 -47.39 -27.64
C ALA E 399 -29.30 -46.51 -26.95
N LYS E 400 -28.03 -46.86 -27.16
CA LYS E 400 -26.93 -46.17 -26.50
C LYS E 400 -26.47 -45.01 -27.38
N ALA E 401 -26.00 -43.93 -26.74
CA ALA E 401 -25.37 -42.81 -27.44
C ALA E 401 -24.16 -43.28 -28.25
N ALA E 402 -23.89 -42.58 -29.36
CA ALA E 402 -22.73 -42.89 -30.20
C ALA E 402 -21.43 -42.92 -29.39
N GLY E 403 -21.31 -42.05 -28.39
CA GLY E 403 -20.11 -42.00 -27.56
C GLY E 403 -20.13 -42.85 -26.31
N TYR E 404 -21.02 -43.84 -26.26
CA TYR E 404 -21.22 -44.64 -25.04
C TYR E 404 -19.92 -44.97 -24.30
N ASP E 405 -18.93 -45.47 -25.03
CA ASP E 405 -17.70 -45.93 -24.38
C ASP E 405 -16.92 -44.81 -23.70
N ASP E 406 -16.62 -43.73 -24.42
CA ASP E 406 -15.86 -42.59 -23.85
C ASP E 406 -16.58 -41.96 -22.69
N LEU E 407 -17.87 -41.73 -22.88
CA LEU E 407 -18.74 -41.26 -21.83
C LEU E 407 -18.66 -42.18 -20.60
N MET E 408 -18.86 -43.48 -20.79
CA MET E 408 -18.76 -44.43 -19.68
C MET E 408 -17.42 -44.39 -18.95
N ILE E 409 -16.35 -44.06 -19.66
CA ILE E 409 -15.04 -43.87 -19.03
C ILE E 409 -14.98 -42.59 -18.20
N GLN E 410 -15.41 -41.48 -18.82
CA GLN E 410 -15.43 -40.17 -18.17
C GLN E 410 -16.30 -40.21 -16.93
N ALA E 411 -17.34 -41.04 -17.01
CA ALA E 411 -18.30 -41.24 -15.93
C ALA E 411 -17.71 -42.00 -14.77
N ARG E 412 -17.02 -43.10 -15.07
CA ARG E 412 -16.32 -43.88 -14.07
C ARG E 412 -15.26 -43.02 -13.39
N GLU E 413 -14.59 -42.18 -14.18
CA GLU E 413 -13.51 -41.36 -13.69
C GLU E 413 -14.06 -40.42 -12.60
N MET E 414 -15.27 -39.91 -12.80
CA MET E 414 -15.84 -38.97 -11.87
C MET E 414 -16.30 -39.67 -10.58
N VAL E 415 -16.89 -40.85 -10.73
CA VAL E 415 -17.26 -41.67 -9.58
C VAL E 415 -16.04 -41.83 -8.69
N ARG E 416 -14.93 -42.18 -9.35
CA ARG E 416 -13.61 -42.30 -8.72
C ARG E 416 -13.17 -41.01 -8.01
N LYS E 417 -13.09 -39.90 -8.77
CA LYS E 417 -12.62 -38.65 -8.20
C LYS E 417 -13.53 -38.19 -7.09
N GLY E 418 -14.84 -38.25 -7.34
CA GLY E 418 -15.84 -37.88 -6.33
C GLY E 418 -15.71 -38.68 -5.05
N GLN E 419 -15.38 -39.96 -5.15
CA GLN E 419 -15.33 -40.75 -3.94
C GLN E 419 -14.10 -40.38 -3.14
N PHE E 420 -12.95 -40.32 -3.81
CA PHE E 420 -11.72 -39.94 -3.14
C PHE E 420 -11.91 -38.61 -2.41
N PHE E 421 -12.65 -37.71 -3.02
CA PHE E 421 -12.77 -36.41 -2.43
C PHE E 421 -13.51 -36.45 -1.10
N TRP E 422 -14.66 -37.09 -1.05
CA TRP E 422 -15.36 -37.17 0.22
C TRP E 422 -14.57 -38.03 1.19
N ASP E 423 -13.95 -39.08 0.67
CA ASP E 423 -13.28 -40.06 1.53
C ASP E 423 -12.20 -39.32 2.30
N TYR E 424 -11.54 -38.39 1.61
CA TYR E 424 -10.45 -37.57 2.16
C TYR E 424 -10.86 -36.87 3.45
N VAL E 425 -12.13 -36.46 3.47
CA VAL E 425 -12.65 -35.71 4.60
C VAL E 425 -13.27 -36.67 5.61
N SER E 426 -14.03 -37.66 5.11
CA SER E 426 -14.73 -38.62 5.95
C SER E 426 -13.75 -39.37 6.84
N ALA E 427 -12.71 -39.90 6.21
CA ALA E 427 -11.68 -40.65 6.95
C ALA E 427 -10.93 -39.76 7.96
N GLU E 428 -10.86 -38.46 7.67
CA GLU E 428 -10.17 -37.52 8.55
C GLU E 428 -11.01 -37.40 9.80
N ASN E 429 -10.30 -37.40 10.94
CA ASN E 429 -10.94 -37.61 12.24
C ASN E 429 -11.42 -36.36 12.98
N SER E 430 -11.08 -35.16 12.50
CA SER E 430 -11.47 -33.93 13.21
C SER E 430 -12.84 -33.37 12.79
N VAL E 431 -13.46 -34.02 11.83
CA VAL E 431 -14.77 -33.58 11.32
C VAL E 431 -14.68 -32.11 10.83
N GLY E 432 -13.60 -31.79 10.13
CA GLY E 432 -13.41 -30.48 9.57
C GLY E 432 -12.65 -29.51 10.46
N PHE E 433 -12.57 -29.75 11.78
CA PHE E 433 -11.92 -28.76 12.61
C PHE E 433 -10.45 -28.45 12.24
N HIS E 434 -9.64 -29.45 11.88
CA HIS E 434 -8.22 -29.19 11.64
C HIS E 434 -8.07 -28.20 10.47
N ASN E 435 -8.92 -28.37 9.46
CA ASN E 435 -8.91 -27.46 8.31
C ASN E 435 -10.33 -27.19 7.76
N PRO E 436 -11.06 -26.27 8.41
CA PRO E 436 -12.46 -25.94 8.02
C PRO E 436 -12.61 -25.73 6.53
N ALA E 437 -11.83 -24.82 5.95
CA ALA E 437 -11.99 -24.43 4.56
C ALA E 437 -11.59 -25.54 3.59
N LYS E 438 -10.53 -26.28 3.88
CA LYS E 438 -10.18 -27.37 2.99
C LYS E 438 -11.33 -28.37 3.01
N ALA E 439 -11.84 -28.65 4.21
CA ALA E 439 -12.84 -29.70 4.34
C ALA E 439 -14.07 -29.36 3.53
N LEU E 440 -14.65 -28.20 3.80
CA LEU E 440 -15.91 -27.84 3.15
C LEU E 440 -15.73 -27.65 1.64
N ASP E 441 -14.66 -26.99 1.24
CA ASP E 441 -14.31 -26.86 -0.17
C ASP E 441 -14.19 -28.20 -0.84
N THR E 442 -13.52 -29.14 -0.16
CA THR E 442 -13.30 -30.46 -0.74
C THR E 442 -14.61 -31.20 -0.89
N LEU E 443 -15.46 -31.07 0.11
CA LEU E 443 -16.73 -31.74 0.08
C LEU E 443 -17.58 -31.24 -1.07
N ALA E 444 -17.51 -29.93 -1.32
CA ALA E 444 -18.28 -29.33 -2.41
C ALA E 444 -17.82 -29.84 -3.75
N GLN E 445 -16.53 -30.05 -3.87
CA GLN E 445 -16.01 -30.53 -5.12
C GLN E 445 -16.45 -32.00 -5.29
N SER E 446 -16.39 -32.78 -4.21
CA SER E 446 -16.85 -34.17 -4.24
C SER E 446 -18.21 -34.26 -4.93
N GLN E 447 -19.11 -33.42 -4.44
CA GLN E 447 -20.45 -33.31 -4.94
C GLN E 447 -20.54 -33.09 -6.45
N GLN E 448 -19.80 -32.09 -6.94
CA GLN E 448 -19.79 -31.76 -8.37
C GLN E 448 -19.35 -32.93 -9.25
N PHE E 449 -18.34 -33.65 -8.77
CA PHE E 449 -17.84 -34.79 -9.50
C PHE E 449 -18.90 -35.89 -9.56
N SER E 450 -19.38 -36.35 -8.39
CA SER E 450 -20.37 -37.42 -8.32
C SER E 450 -21.55 -37.13 -9.25
N GLN E 451 -21.97 -35.87 -9.28
CA GLN E 451 -23.12 -35.47 -10.08
C GLN E 451 -22.75 -35.54 -11.54
N LYS E 452 -21.53 -35.10 -11.86
CA LYS E 452 -21.10 -35.17 -13.24
C LYS E 452 -21.19 -36.59 -13.78
N ALA E 453 -20.82 -37.56 -12.94
CA ALA E 453 -20.91 -38.97 -13.28
C ALA E 453 -22.34 -39.31 -13.73
N ILE E 454 -23.29 -38.97 -12.88
CA ILE E 454 -24.68 -39.21 -13.18
C ILE E 454 -25.04 -38.62 -14.54
N ASP E 455 -24.68 -37.36 -14.76
CA ASP E 455 -25.02 -36.70 -16.00
C ASP E 455 -24.48 -37.43 -17.22
N LEU E 456 -23.29 -37.98 -17.09
CA LEU E 456 -22.67 -38.68 -18.19
C LEU E 456 -23.29 -40.07 -18.40
N ALA E 457 -23.56 -40.78 -17.32
CA ALA E 457 -24.23 -42.09 -17.37
C ALA E 457 -25.60 -41.89 -17.98
N MET E 458 -26.16 -40.71 -17.76
CA MET E 458 -27.42 -40.39 -18.37
C MET E 458 -27.27 -40.05 -19.82
N GLU E 459 -26.21 -39.31 -20.16
CA GLU E 459 -26.01 -38.92 -21.53
C GLU E 459 -25.84 -40.15 -22.40
N ALA E 460 -25.03 -41.08 -21.90
CA ALA E 460 -24.65 -42.29 -22.60
C ALA E 460 -25.83 -43.22 -22.89
N THR E 461 -26.88 -43.10 -22.08
CA THR E 461 -28.05 -43.96 -22.24
C THR E 461 -29.23 -43.16 -22.78
N GLN E 462 -28.92 -42.04 -23.43
CA GLN E 462 -29.95 -41.14 -23.97
C GLN E 462 -31.10 -40.96 -22.99
N TYR E 463 -30.76 -41.04 -21.71
CA TYR E 463 -31.64 -40.76 -20.55
C TYR E 463 -32.64 -41.85 -20.22
N GLY E 464 -32.44 -43.03 -20.82
CA GLY E 464 -33.29 -44.17 -20.58
C GLY E 464 -33.10 -44.74 -19.20
N ILE E 465 -32.15 -44.19 -18.44
CA ILE E 465 -31.90 -44.68 -17.09
C ILE E 465 -32.56 -43.81 -16.04
N GLY E 466 -32.91 -42.59 -16.43
CA GLY E 466 -33.64 -41.66 -15.56
C GLY E 466 -34.73 -42.29 -14.73
N LYS E 467 -35.60 -43.05 -15.41
CA LYS E 467 -36.72 -43.73 -14.77
C LYS E 467 -36.34 -44.57 -13.54
N ASP E 468 -35.09 -45.01 -13.47
CA ASP E 468 -34.60 -45.75 -12.31
C ASP E 468 -33.81 -44.89 -11.30
N LEU E 469 -33.84 -43.58 -11.46
CA LEU E 469 -33.05 -42.69 -10.60
C LEU E 469 -33.87 -41.58 -10.00
N SER E 470 -35.17 -41.84 -9.84
CA SER E 470 -36.11 -40.77 -9.58
C SER E 470 -36.23 -40.35 -8.14
N GLY E 471 -36.50 -41.31 -7.26
CA GLY E 471 -36.96 -40.96 -5.89
C GLY E 471 -35.89 -40.42 -4.94
N ASP E 472 -36.12 -40.71 -3.66
CA ASP E 472 -35.09 -40.56 -2.66
C ASP E 472 -34.15 -41.76 -2.86
N ILE E 473 -32.85 -41.49 -2.82
CA ILE E 473 -31.82 -42.52 -3.05
C ILE E 473 -31.81 -43.64 -1.99
N LYS E 474 -32.34 -43.35 -0.81
CA LYS E 474 -32.46 -44.37 0.25
C LYS E 474 -33.54 -45.41 -0.02
N THR E 475 -34.50 -45.13 -0.90
CA THR E 475 -35.41 -46.20 -1.37
C THR E 475 -34.96 -46.89 -2.65
N ILE E 476 -34.05 -46.26 -3.41
CA ILE E 476 -33.48 -46.90 -4.61
C ILE E 476 -32.31 -47.80 -4.25
N VAL E 477 -31.33 -47.24 -3.55
CA VAL E 477 -30.23 -48.02 -3.02
C VAL E 477 -30.20 -47.94 -1.49
N PRO E 478 -30.93 -48.84 -0.79
CA PRO E 478 -31.01 -48.81 0.67
C PRO E 478 -29.66 -48.98 1.33
N PRO E 479 -29.40 -48.28 2.45
CA PRO E 479 -28.10 -48.43 3.13
C PRO E 479 -27.83 -49.86 3.56
N ILE E 480 -26.64 -50.37 3.27
CA ILE E 480 -26.22 -51.69 3.77
C ILE E 480 -25.73 -51.56 5.23
N LEU E 481 -26.56 -52.04 6.16
CA LEU E 481 -26.31 -51.93 7.59
C LEU E 481 -25.43 -53.05 8.08
N LYS E 482 -25.76 -54.26 7.66
CA LYS E 482 -25.03 -55.46 8.06
C LYS E 482 -24.20 -56.04 6.93
N MET E 483 -22.99 -56.48 7.28
CA MET E 483 -22.12 -57.21 6.34
C MET E 483 -20.79 -57.52 7.05
N ASN E 484 -20.45 -58.80 7.05
CA ASN E 484 -19.19 -59.30 7.61
C ASN E 484 -18.78 -60.56 6.84
N ARG E 485 -17.59 -61.10 7.14
CA ARG E 485 -17.06 -62.27 6.43
C ARG E 485 -17.89 -63.53 6.67
N LYS E 486 -18.45 -63.67 7.87
CA LYS E 486 -19.30 -64.82 8.17
C LYS E 486 -20.61 -64.79 7.35
N LEU E 487 -21.27 -63.63 7.31
CA LEU E 487 -22.53 -63.50 6.62
C LEU E 487 -22.41 -63.71 5.11
N GLN E 488 -21.28 -63.30 4.54
CA GLN E 488 -21.05 -63.48 3.11
C GLN E 488 -20.96 -64.95 2.73
N GLN E 489 -21.00 -65.83 3.74
CA GLN E 489 -21.03 -67.27 3.51
C GLN E 489 -22.44 -67.80 3.30
N ASP E 490 -23.44 -67.02 3.70
CA ASP E 490 -24.82 -67.44 3.65
C ASP E 490 -25.43 -66.98 2.32
N PRO E 491 -25.83 -67.93 1.45
CA PRO E 491 -26.43 -67.56 0.15
C PRO E 491 -27.82 -66.93 0.27
N GLU E 492 -28.59 -67.28 1.31
CA GLU E 492 -29.90 -66.66 1.57
C GLU E 492 -29.78 -65.17 1.85
N PHE E 493 -28.89 -64.82 2.79
CA PHE E 493 -28.54 -63.45 3.09
C PHE E 493 -27.98 -62.73 1.87
N MET E 494 -27.24 -63.44 1.03
CA MET E 494 -26.66 -62.80 -0.14
C MET E 494 -27.66 -62.41 -1.23
N LYS E 495 -28.93 -62.78 -1.03
CA LYS E 495 -30.02 -62.31 -1.90
C LYS E 495 -30.78 -61.11 -1.29
N THR E 496 -30.26 -60.59 -0.20
CA THR E 496 -30.93 -59.55 0.60
C THR E 496 -30.81 -58.10 0.09
N HIS E 497 -29.89 -57.82 -0.81
CA HIS E 497 -29.72 -56.48 -1.32
C HIS E 497 -29.37 -56.54 -2.80
N LYS E 498 -30.00 -55.68 -3.60
CA LYS E 498 -29.78 -55.64 -5.05
C LYS E 498 -28.27 -55.73 -5.40
N TRP E 499 -27.46 -55.03 -4.62
CA TRP E 499 -26.03 -54.91 -4.83
C TRP E 499 -25.21 -56.17 -4.45
N PHE E 500 -25.80 -57.09 -3.70
CA PHE E 500 -25.08 -58.30 -3.29
C PHE E 500 -24.85 -59.27 -4.46
N GLN E 501 -25.49 -59.03 -5.59
CA GLN E 501 -25.32 -59.90 -6.76
C GLN E 501 -23.96 -59.66 -7.44
N TYR E 502 -23.22 -58.66 -6.96
CA TYR E 502 -21.92 -58.35 -7.57
C TYR E 502 -20.73 -58.87 -6.76
N LEU E 503 -21.06 -59.57 -5.67
CA LEU E 503 -20.09 -60.19 -4.77
C LEU E 503 -20.24 -61.70 -4.80
N PRO E 504 -19.14 -62.45 -4.63
CA PRO E 504 -19.29 -63.89 -4.61
C PRO E 504 -19.86 -64.37 -3.28
N VAL E 505 -20.50 -65.54 -3.27
CA VAL E 505 -20.88 -66.16 -2.01
C VAL E 505 -19.66 -66.93 -1.52
N LEU E 506 -19.14 -66.54 -0.35
CA LEU E 506 -17.88 -67.10 0.17
C LEU E 506 -18.01 -68.56 0.60
N PRO E 507 -16.96 -69.39 0.37
CA PRO E 507 -17.07 -70.80 0.75
C PRO E 507 -17.35 -70.97 2.24
N LYS E 508 -18.25 -71.88 2.60
CA LYS E 508 -18.49 -72.18 4.01
C LYS E 508 -17.17 -72.63 4.64
N ALA E 509 -16.76 -71.94 5.71
CA ALA E 509 -15.49 -72.20 6.38
C ALA E 509 -15.59 -71.88 7.86
N ASP E 510 -14.75 -72.54 8.66
CA ASP E 510 -14.71 -72.29 10.10
C ASP E 510 -13.76 -71.16 10.48
N GLN E 511 -14.05 -70.50 11.59
CA GLN E 511 -13.17 -69.45 12.10
C GLN E 511 -11.84 -70.04 12.52
N VAL E 512 -10.78 -69.51 11.94
CA VAL E 512 -9.44 -70.03 12.15
C VAL E 512 -8.78 -69.29 13.30
N TRP E 513 -8.90 -67.97 13.29
CA TRP E 513 -8.23 -67.16 14.29
C TRP E 513 -9.24 -66.48 15.20
N ASP E 514 -9.03 -66.59 16.50
CA ASP E 514 -9.79 -65.78 17.49
C ASP E 514 -8.85 -64.90 18.31
N GLY E 515 -8.67 -63.66 17.84
CA GLY E 515 -7.67 -62.77 18.40
C GLY E 515 -6.30 -63.34 18.12
N GLN E 516 -5.65 -63.86 19.16
CA GLN E 516 -4.32 -64.43 19.03
C GLN E 516 -4.29 -65.95 19.10
N LYS E 517 -5.46 -66.56 19.32
CA LYS E 517 -5.59 -68.01 19.39
C LYS E 517 -5.96 -68.64 18.05
N ARG E 518 -5.25 -69.72 17.72
CA ARG E 518 -5.60 -70.53 16.56
C ARG E 518 -6.70 -71.51 17.01
N LEU E 519 -7.67 -71.76 16.14
CA LEU E 519 -8.78 -72.67 16.45
C LEU E 519 -8.76 -73.91 15.58
N LYS F 14 29.20 13.18 66.71
CA LYS F 14 29.84 11.89 67.09
C LYS F 14 28.85 10.71 67.02
N LEU F 15 28.05 10.57 68.08
CA LEU F 15 27.14 9.42 68.29
C LEU F 15 25.96 9.40 67.32
N VAL F 16 25.41 10.58 67.06
CA VAL F 16 24.26 10.74 66.16
C VAL F 16 24.72 10.64 64.68
N LEU F 17 26.01 10.90 64.45
CA LEU F 17 26.63 10.73 63.11
C LEU F 17 26.67 9.26 62.71
N GLY F 18 26.92 8.40 63.69
CA GLY F 18 26.74 6.95 63.53
C GLY F 18 25.30 6.59 63.19
N GLY F 19 24.36 7.16 63.95
CA GLY F 19 22.93 7.02 63.69
C GLY F 19 22.53 7.42 62.29
N ALA F 20 22.99 8.59 61.83
CA ALA F 20 22.74 9.06 60.48
C ALA F 20 23.28 8.07 59.45
N THR F 21 24.52 7.63 59.67
CA THR F 21 25.16 6.65 58.80
C THR F 21 24.44 5.31 58.73
N LEU F 22 23.77 4.91 59.81
CA LEU F 22 22.94 3.70 59.81
C LEU F 22 21.65 3.98 59.00
N GLY F 23 21.08 5.16 59.21
CA GLY F 23 19.88 5.61 58.50
C GLY F 23 20.00 5.52 56.99
N VAL F 24 21.05 6.11 56.44
CA VAL F 24 21.24 6.12 54.97
C VAL F 24 21.38 4.71 54.42
N VAL F 25 22.14 3.87 55.13
CA VAL F 25 22.33 2.47 54.76
C VAL F 25 20.99 1.74 54.72
N ALA F 26 20.24 1.85 55.81
CA ALA F 26 18.92 1.24 55.93
C ALA F 26 18.00 1.53 54.73
N LEU F 27 17.83 2.80 54.40
CA LEU F 27 16.95 3.20 53.29
C LEU F 27 17.55 2.79 51.94
N ALA F 28 18.86 2.91 51.79
CA ALA F 28 19.54 2.48 50.57
C ALA F 28 19.30 0.99 50.31
N THR F 29 19.45 0.18 51.35
CA THR F 29 19.21 -1.27 51.27
C THR F 29 17.76 -1.58 50.90
N VAL F 30 16.82 -0.94 51.60
CA VAL F 30 15.38 -1.12 51.35
C VAL F 30 15.04 -0.78 49.90
N ALA F 31 15.54 0.36 49.43
CA ALA F 31 15.27 0.83 48.08
C ALA F 31 15.84 -0.14 47.05
N PHE F 32 17.09 -0.53 47.21
CA PHE F 32 17.70 -1.53 46.33
C PHE F 32 16.89 -2.83 46.29
N GLY F 33 16.52 -3.34 47.47
CA GLY F 33 15.72 -4.56 47.60
C GLY F 33 14.38 -4.40 46.94
N MET F 34 13.77 -3.24 47.13
CA MET F 34 12.50 -2.91 46.50
C MET F 34 12.58 -3.06 44.97
N LYS F 35 13.63 -2.51 44.39
CA LYS F 35 13.86 -2.53 42.96
C LYS F 35 14.20 -3.94 42.46
N TYR F 36 15.13 -4.59 43.15
CA TYR F 36 15.55 -5.92 42.77
C TYR F 36 14.35 -6.87 42.70
N THR F 37 13.46 -6.75 43.69
CA THR F 37 12.28 -7.60 43.78
C THR F 37 11.20 -7.24 42.75
N ASP F 38 11.59 -6.44 41.76
CA ASP F 38 10.72 -6.06 40.63
C ASP F 38 11.15 -6.68 39.32
N GLN F 39 12.41 -7.11 39.24
CA GLN F 39 13.01 -7.48 37.96
C GLN F 39 12.91 -8.95 37.58
N ARG F 40 13.09 -9.24 36.29
CA ARG F 40 13.04 -10.60 35.74
C ARG F 40 13.90 -11.69 36.45
N PRO F 41 15.12 -11.35 36.93
CA PRO F 41 15.84 -12.45 37.57
C PRO F 41 15.23 -12.87 38.91
N PHE F 42 14.74 -11.93 39.69
CA PHE F 42 14.08 -12.31 40.93
C PHE F 42 12.80 -13.10 40.68
N CYS F 43 11.95 -12.61 39.77
CA CYS F 43 10.68 -13.28 39.49
C CYS F 43 10.88 -14.69 39.00
N THR F 44 11.91 -14.90 38.18
CA THR F 44 12.08 -16.20 37.54
C THR F 44 12.92 -17.17 38.37
N SER F 45 13.13 -16.86 39.63
CA SER F 45 13.80 -17.82 40.50
C SER F 45 12.83 -18.93 40.91
N CYS F 46 11.59 -18.84 40.43
CA CYS F 46 10.62 -19.94 40.51
C CYS F 46 10.39 -20.51 39.14
N HIS F 47 10.74 -21.78 38.96
CA HIS F 47 10.65 -22.45 37.65
C HIS F 47 9.25 -22.35 37.02
N ILE F 48 8.24 -22.10 37.84
CA ILE F 48 6.87 -21.99 37.36
C ILE F 48 6.67 -20.70 36.56
N MET F 49 7.56 -19.73 36.76
CA MET F 49 7.51 -18.41 36.09
C MET F 49 8.40 -18.30 34.83
N ASN F 50 8.95 -19.43 34.39
CA ASN F 50 9.81 -19.42 33.22
C ASN F 50 9.07 -19.04 31.93
N PRO F 51 7.95 -19.70 31.60
CA PRO F 51 7.27 -19.31 30.38
C PRO F 51 7.09 -17.79 30.27
N VAL F 52 6.59 -17.16 31.32
CA VAL F 52 6.43 -15.70 31.32
C VAL F 52 7.76 -14.93 31.26
N GLY F 53 8.80 -15.50 31.86
CA GLY F 53 10.13 -14.92 31.82
C GLY F 53 10.66 -14.89 30.40
N VAL F 54 10.58 -16.04 29.73
CA VAL F 54 11.09 -16.21 28.38
C VAL F 54 10.36 -15.26 27.45
N THR F 55 9.03 -15.37 27.43
CA THR F 55 8.23 -14.56 26.54
C THR F 55 8.49 -13.06 26.73
N HIS F 56 8.88 -12.69 27.95
CA HIS F 56 9.14 -11.30 28.30
C HIS F 56 10.45 -10.87 27.69
N LYS F 57 11.48 -11.68 27.90
CA LYS F 57 12.82 -11.42 27.39
C LYS F 57 12.83 -11.38 25.87
N LEU F 58 11.94 -12.14 25.26
CA LEU F 58 11.85 -12.17 23.82
C LEU F 58 11.10 -10.98 23.22
N SER F 59 10.22 -10.36 24.01
CA SER F 59 9.31 -9.32 23.51
C SER F 59 9.89 -7.91 23.52
N GLY F 60 9.18 -7.00 22.88
CA GLY F 60 9.54 -5.57 22.90
C GLY F 60 9.75 -4.97 24.29
N HIS F 61 9.12 -5.56 25.30
CA HIS F 61 9.12 -5.02 26.65
C HIS F 61 10.21 -5.66 27.53
N ALA F 62 11.16 -6.33 26.88
CA ALA F 62 12.21 -7.06 27.59
C ALA F 62 13.06 -6.20 28.52
N ASN F 63 13.29 -4.95 28.14
CA ASN F 63 14.17 -4.08 28.94
C ASN F 63 13.45 -3.20 29.99
N ILE F 64 12.21 -3.56 30.32
CA ILE F 64 11.54 -3.03 31.51
C ILE F 64 11.26 -4.19 32.47
N SER F 65 11.02 -3.88 33.74
CA SER F 65 10.84 -4.92 34.74
C SER F 65 9.42 -5.48 34.69
N CYS F 66 9.21 -6.63 35.33
CA CYS F 66 7.89 -7.24 35.41
C CYS F 66 6.94 -6.35 36.17
N ASN F 67 7.41 -5.79 37.28
CA ASN F 67 6.57 -4.97 38.11
C ASN F 67 6.32 -3.59 37.53
N ASP F 68 7.08 -3.22 36.50
CA ASP F 68 6.76 -2.05 35.68
C ASP F 68 5.41 -2.27 34.99
N CYS F 69 5.03 -3.52 34.77
CA CYS F 69 3.67 -3.81 34.36
C CYS F 69 2.81 -4.38 35.50
N HIS F 70 3.40 -5.24 36.33
CA HIS F 70 2.62 -6.03 37.29
C HIS F 70 2.40 -5.44 38.69
N ALA F 71 2.98 -4.28 38.97
CA ALA F 71 2.74 -3.55 40.21
C ALA F 71 2.30 -2.11 39.92
N PRO F 72 1.55 -1.49 40.85
CA PRO F 72 1.25 -0.07 40.66
C PRO F 72 2.54 0.77 40.67
N HIS F 73 2.55 1.87 39.92
CA HIS F 73 3.70 2.78 39.92
C HIS F 73 3.80 3.70 41.16
N ASN F 74 2.66 4.01 41.77
CA ASN F 74 2.58 4.82 42.99
C ASN F 74 3.25 4.13 44.20
N LEU F 75 4.17 4.83 44.87
CA LEU F 75 4.94 4.26 45.98
C LEU F 75 4.08 3.68 47.13
N LEU F 76 3.04 4.42 47.52
CA LEU F 76 2.15 4.03 48.60
C LEU F 76 1.28 2.83 48.27
N ALA F 77 0.85 2.75 47.00
CA ALA F 77 0.00 1.64 46.54
C ALA F 77 0.83 0.40 46.26
N LYS F 78 2.09 0.61 45.88
CA LYS F 78 3.00 -0.46 45.45
C LYS F 78 3.50 -1.36 46.58
N LEU F 79 3.99 -0.75 47.65
CA LEU F 79 4.49 -1.50 48.80
C LEU F 79 3.55 -2.61 49.28
N PRO F 80 2.28 -2.28 49.64
CA PRO F 80 1.30 -3.32 50.00
C PRO F 80 0.98 -4.33 48.91
N PHE F 81 0.81 -3.87 47.66
CA PHE F 81 0.53 -4.80 46.54
C PHE F 81 1.63 -5.84 46.39
N LYS F 82 2.88 -5.39 46.47
CA LYS F 82 4.05 -6.26 46.39
C LYS F 82 4.09 -7.33 47.49
N ALA F 83 3.72 -6.94 48.70
CA ALA F 83 3.77 -7.85 49.86
C ALA F 83 2.60 -8.83 49.85
N ILE F 84 1.47 -8.40 49.29
CA ILE F 84 0.28 -9.27 49.20
C ILE F 84 0.44 -10.31 48.10
N ALA F 85 0.76 -9.85 46.89
CA ALA F 85 1.02 -10.76 45.77
C ALA F 85 2.21 -11.67 46.09
N GLY F 86 3.23 -11.08 46.72
CA GLY F 86 4.43 -11.81 47.12
C GLY F 86 4.07 -12.95 48.03
N ALA F 87 3.46 -12.62 49.16
CA ALA F 87 2.97 -13.60 50.13
C ALA F 87 2.11 -14.70 49.48
N ARG F 88 1.17 -14.28 48.64
CA ARG F 88 0.25 -15.21 47.97
C ARG F 88 0.96 -16.13 46.98
N ASP F 89 2.00 -15.62 46.31
CA ASP F 89 2.80 -16.42 45.38
C ASP F 89 3.70 -17.47 46.07
N VAL F 90 4.30 -17.10 47.21
CA VAL F 90 5.10 -18.03 48.02
C VAL F 90 4.22 -19.18 48.50
N TYR F 91 3.02 -18.84 48.95
CA TYR F 91 2.07 -19.81 49.44
C TYR F 91 1.68 -20.79 48.34
N MET F 92 1.34 -20.27 47.17
CA MET F 92 0.96 -21.11 46.02
C MET F 92 2.08 -22.05 45.56
N ASN F 93 3.32 -21.59 45.70
CA ASN F 93 4.48 -22.36 45.26
C ASN F 93 4.91 -23.39 46.29
N THR F 94 4.40 -23.28 47.51
CA THR F 94 4.74 -24.24 48.56
C THR F 94 3.54 -25.13 48.94
N LEU F 95 2.60 -24.60 49.73
CA LEU F 95 1.55 -25.41 50.34
C LEU F 95 0.32 -25.64 49.47
N GLY F 96 0.12 -24.74 48.50
CA GLY F 96 -1.03 -24.81 47.61
C GLY F 96 -0.70 -25.57 46.33
N HIS F 97 -1.75 -25.94 45.60
CA HIS F 97 -1.65 -26.79 44.40
C HIS F 97 -2.08 -26.05 43.12
N PRO F 98 -1.14 -25.40 42.40
CA PRO F 98 -1.49 -24.63 41.20
C PRO F 98 -1.99 -25.52 40.05
N GLY F 99 -2.87 -24.95 39.22
CA GLY F 99 -3.52 -25.70 38.15
C GLY F 99 -2.68 -25.81 36.90
N ASP F 100 -3.27 -26.38 35.85
CA ASP F 100 -2.62 -26.42 34.55
C ASP F 100 -2.64 -25.04 33.89
N LEU F 101 -3.62 -24.22 34.28
CA LEU F 101 -3.74 -22.87 33.76
C LEU F 101 -3.37 -21.81 34.79
N ILE F 102 -2.38 -20.99 34.46
CA ILE F 102 -2.06 -19.84 35.27
C ILE F 102 -2.64 -18.62 34.57
N LEU F 103 -3.65 -18.03 35.21
CA LEU F 103 -4.31 -16.86 34.66
C LEU F 103 -4.26 -15.68 35.60
N ALA F 104 -4.07 -14.50 35.02
CA ALA F 104 -4.13 -13.26 35.77
C ALA F 104 -5.52 -13.09 36.36
N GLY F 105 -5.60 -12.80 37.66
CA GLY F 105 -6.86 -12.50 38.32
C GLY F 105 -7.31 -11.10 37.98
N MET F 106 -8.59 -10.80 38.23
CA MET F 106 -9.16 -9.47 37.96
C MET F 106 -8.21 -8.35 38.37
N GLU F 107 -7.83 -8.33 39.65
CA GLU F 107 -6.96 -7.28 40.20
C GLU F 107 -5.72 -7.02 39.36
N THR F 108 -5.00 -8.08 38.98
CA THR F 108 -3.78 -7.83 38.18
C THR F 108 -4.06 -7.39 36.72
N LYS F 109 -5.16 -7.84 36.12
CA LYS F 109 -5.58 -7.35 34.79
C LYS F 109 -5.70 -5.83 34.86
N GLU F 110 -6.22 -5.36 35.99
CA GLU F 110 -6.45 -3.94 36.27
C GLU F 110 -5.14 -3.16 36.49
N VAL F 111 -4.23 -3.64 37.32
CA VAL F 111 -3.03 -2.82 37.54
C VAL F 111 -2.17 -2.79 36.28
N VAL F 112 -2.23 -3.85 35.48
CA VAL F 112 -1.50 -3.90 34.21
C VAL F 112 -2.07 -2.90 33.22
N ASN F 113 -3.37 -2.95 32.96
CA ASN F 113 -3.95 -2.04 32.00
C ASN F 113 -3.72 -0.58 32.37
N ALA F 114 -3.83 -0.26 33.65
CA ALA F 114 -3.43 1.07 34.15
C ALA F 114 -2.01 1.44 33.76
N ASN F 115 -1.09 0.48 33.84
CA ASN F 115 0.30 0.72 33.46
C ASN F 115 0.51 0.80 31.96
N CYS F 116 -0.35 0.15 31.18
CA CYS F 116 -0.40 0.43 29.73
C CYS F 116 -0.63 1.91 29.50
N LYS F 117 -1.68 2.41 30.13
CA LYS F 117 -2.03 3.81 30.04
C LYS F 117 -0.85 4.70 30.49
N ALA F 118 -0.18 4.30 31.58
CA ALA F 118 0.95 5.07 32.12
C ALA F 118 2.07 5.38 31.11
N CYS F 119 2.34 4.46 30.20
CA CYS F 119 3.50 4.65 29.32
C CYS F 119 3.19 5.01 27.89
N HIS F 120 1.93 4.79 27.51
CA HIS F 120 1.47 4.98 26.13
C HIS F 120 0.25 5.91 26.06
N THR F 121 0.28 6.96 26.87
CA THR F 121 -0.78 7.94 26.86
C THR F 121 -0.79 8.70 25.55
N MET F 122 0.36 9.28 25.18
CA MET F 122 0.48 10.22 24.05
C MET F 122 0.10 9.64 22.70
N THR F 123 0.32 8.35 22.55
CA THR F 123 -0.11 7.67 21.34
C THR F 123 -1.65 7.65 21.21
N ASN F 124 -2.32 7.67 22.35
CA ASN F 124 -3.77 7.47 22.43
C ASN F 124 -4.62 8.71 22.80
N VAL F 125 -4.02 9.90 22.90
CA VAL F 125 -4.72 11.10 23.42
C VAL F 125 -5.97 11.55 22.69
N GLU F 126 -6.15 11.13 21.44
CA GLU F 126 -7.16 11.75 20.58
C GLU F 126 -8.20 10.76 20.10
N VAL F 127 -8.28 9.65 20.81
CA VAL F 127 -8.94 8.49 20.31
C VAL F 127 -9.52 7.70 21.48
N ALA F 128 -10.81 7.38 21.42
CA ALA F 128 -11.52 6.68 22.50
C ALA F 128 -11.17 5.17 22.51
N SER F 129 -9.88 4.89 22.50
CA SER F 129 -9.38 3.52 22.54
C SER F 129 -9.66 2.87 23.87
N MET F 130 -10.01 3.67 24.86
CA MET F 130 -10.27 3.15 26.19
C MET F 130 -11.66 2.54 26.30
N GLU F 131 -12.56 2.92 25.39
CA GLU F 131 -13.98 2.60 25.47
C GLU F 131 -14.34 1.43 24.56
N ALA F 132 -13.52 1.21 23.54
CA ALA F 132 -13.68 0.10 22.58
C ALA F 132 -13.68 -1.31 23.26
N LYS F 133 -12.49 -1.78 23.64
CA LYS F 133 -12.30 -3.02 24.38
C LYS F 133 -11.96 -2.71 25.83
N LYS F 134 -12.27 -3.66 26.73
CA LYS F 134 -12.06 -3.47 28.16
C LYS F 134 -10.58 -3.15 28.48
N TYR F 135 -9.67 -3.88 27.85
CA TYR F 135 -8.23 -3.75 28.08
C TYR F 135 -7.50 -3.55 26.76
N CYS F 136 -6.41 -2.77 26.79
CA CYS F 136 -5.52 -2.56 25.64
C CYS F 136 -5.15 -3.83 24.93
N THR F 137 -4.88 -4.86 25.74
CA THR F 137 -4.39 -6.16 25.28
C THR F 137 -5.45 -6.95 24.54
N ASP F 138 -6.69 -6.46 24.51
CA ASP F 138 -7.69 -7.12 23.67
C ASP F 138 -7.42 -6.81 22.21
N CYS F 139 -6.51 -5.87 21.95
CA CYS F 139 -5.99 -5.66 20.60
C CYS F 139 -4.53 -6.04 20.56
N HIS F 140 -3.75 -5.52 21.50
CA HIS F 140 -2.33 -5.82 21.54
C HIS F 140 -2.13 -7.18 22.22
N ARG F 141 -2.61 -8.23 21.55
CA ARG F 141 -2.78 -9.57 22.15
C ARG F 141 -1.48 -10.20 22.63
N ASN F 142 -0.42 -10.02 21.86
CA ASN F 142 0.87 -10.65 22.18
C ASN F 142 1.70 -9.97 23.29
N VAL F 143 1.31 -8.76 23.70
CA VAL F 143 1.92 -8.13 24.86
C VAL F 143 1.60 -8.98 26.08
N GLN F 144 0.50 -9.72 26.01
CA GLN F 144 0.19 -10.77 26.96
C GLN F 144 1.03 -12.04 26.70
N HIS F 145 2.33 -11.90 26.90
CA HIS F 145 3.26 -13.02 26.91
C HIS F 145 3.15 -13.97 25.73
N MET F 146 2.95 -13.39 24.55
CA MET F 146 3.00 -14.09 23.28
C MET F 146 2.09 -15.31 23.19
N ARG F 147 0.90 -15.16 23.75
CA ARG F 147 0.00 -16.28 23.91
C ARG F 147 -0.36 -16.99 22.62
N MET F 148 -0.26 -16.29 21.51
CA MET F 148 -0.69 -16.85 20.23
C MET F 148 0.32 -17.78 19.57
N LYS F 149 1.59 -17.64 19.94
CA LYS F 149 2.68 -18.39 19.33
C LYS F 149 2.69 -19.85 19.78
N PRO F 150 3.17 -20.77 18.91
CA PRO F 150 3.14 -22.19 19.24
C PRO F 150 3.76 -22.52 20.59
N ILE F 151 3.22 -23.54 21.27
CA ILE F 151 3.66 -23.95 22.61
C ILE F 151 5.18 -24.08 22.74
N SER F 152 5.81 -24.65 21.73
CA SER F 152 7.27 -24.91 21.75
C SER F 152 8.13 -23.65 21.76
N THR F 153 7.54 -22.48 21.50
CA THR F 153 8.34 -21.25 21.59
C THR F 153 8.31 -20.61 22.99
N ARG F 154 7.63 -21.26 23.93
CA ARG F 154 7.30 -20.68 25.24
C ARG F 154 7.57 -21.60 26.42
N GLU F 155 7.51 -22.90 26.19
CA GLU F 155 7.38 -23.81 27.31
C GLU F 155 8.11 -25.15 27.08
N VAL F 156 8.71 -25.68 28.14
CA VAL F 156 9.21 -27.08 28.14
C VAL F 156 8.74 -27.83 29.39
N ALA F 157 9.13 -29.08 29.55
CA ALA F 157 8.83 -29.83 30.77
C ALA F 157 9.77 -29.44 31.90
N ASP F 158 9.50 -29.94 33.09
CA ASP F 158 10.31 -29.61 34.26
C ASP F 158 11.45 -30.62 34.45
N GLU F 159 12.49 -30.22 35.17
CA GLU F 159 13.63 -31.11 35.42
C GLU F 159 13.49 -31.83 36.74
#